data_4W55
# 
_entry.id   4W55 
# 
_audit_conform.dict_name       mmcif_pdbx.dic 
_audit_conform.dict_version    5.379 
_audit_conform.dict_location   http://mmcif.pdb.org/dictionaries/ascii/mmcif_pdbx.dic 
# 
loop_
_database_2.database_id 
_database_2.database_code 
_database_2.pdbx_database_accession 
_database_2.pdbx_DOI 
PDB   4W55         pdb_00004w55 10.2210/pdb4w55/pdb 
WWPDB D_1000203182 ?            ?                   
# 
_pdbx_database_status.status_code                     REL 
_pdbx_database_status.status_code_sf                  REL 
_pdbx_database_status.status_code_mr                  ? 
_pdbx_database_status.entry_id                        4W55 
_pdbx_database_status.recvd_initial_deposition_date   2014-08-16 
_pdbx_database_status.SG_entry                        N 
_pdbx_database_status.deposit_site                    RCSB 
_pdbx_database_status.process_site                    RCSB 
_pdbx_database_status.status_code_cs                  ? 
_pdbx_database_status.methods_development_category    ? 
_pdbx_database_status.pdb_format_compatible           Y 
_pdbx_database_status.status_code_nmr_data            ? 
# 
loop_
_audit_author.name 
_audit_author.pdbx_ordinal 
'Merski, M.'     1 
'Shoichet, B.K.' 2 
'Eidam, O.'      3 
'Fischer, M.'    4 
# 
_citation.abstract                  ? 
_citation.abstract_id_CAS           ? 
_citation.book_id_ISBN              ? 
_citation.book_publisher            ? 
_citation.book_publisher_city       ? 
_citation.book_title                ? 
_citation.coordinate_linkage        ? 
_citation.country                   US 
_citation.database_id_Medline       ? 
_citation.details                   ? 
_citation.id                        primary 
_citation.journal_abbrev            Proc.Natl.Acad.Sci.USA 
_citation.journal_id_ASTM           PNASA6 
_citation.journal_id_CSD            0040 
_citation.journal_id_ISSN           1091-6490 
_citation.journal_full              ? 
_citation.journal_issue             ? 
_citation.journal_volume            112 
_citation.language                  ? 
_citation.page_first                5039 
_citation.page_last                 5044 
_citation.title                     'Homologous ligands accommodated by discrete conformations of a buried cavity.' 
_citation.year                      2015 
_citation.database_id_CSD           ? 
_citation.pdbx_database_id_DOI      10.1073/pnas.1500806112 
_citation.pdbx_database_id_PubMed   25847998 
_citation.unpublished_flag          ? 
# 
loop_
_citation_author.citation_id 
_citation_author.name 
_citation_author.ordinal 
_citation_author.identifier_ORCID 
primary 'Merski, M.'     1 ? 
primary 'Fischer, M.'    2 ? 
primary 'Balius, T.E.'   3 ? 
primary 'Eidam, O.'      4 ? 
primary 'Shoichet, B.K.' 5 ? 
# 
_cell.length_a           60.320 
_cell.length_b           60.320 
_cell.length_c           96.490 
_cell.angle_alpha        90.000 
_cell.angle_beta         90.000 
_cell.angle_gamma        120.000 
_cell.entry_id           4W55 
_cell.Z_PDB              6 
_cell.pdbx_unique_axis   ? 
# 
_symmetry.entry_id                         4W55 
_symmetry.cell_setting                     ? 
_symmetry.Int_Tables_number                154 
_symmetry.space_group_name_Hall            ? 
_symmetry.space_group_name_H-M             'P 32 2 1' 
_symmetry.pdbx_full_space_group_name_H-M   ? 
# 
loop_
_entity.id 
_entity.type 
_entity.src_method 
_entity.pdbx_description 
_entity.formula_weight 
_entity.pdbx_number_of_molecules 
_entity.pdbx_ec 
_entity.pdbx_mutation 
_entity.pdbx_fragment 
_entity.details 
1 polymer     man Endolysin                                             19691.541 1   3.2.1.17 L99A ? ? 
2 non-polymer syn propylbenzene                                         120.192   1   ?        ?    ? ? 
3 non-polymer syn '4-(2-HYDROXYETHYL)-1-PIPERAZINE ETHANESULFONIC ACID' 238.305   1   ?        ?    ? ? 
4 water       nat water                                                 18.015    157 ?        ?    ? ? 
# 
_entity_name_com.entity_id   1 
_entity_name_com.name        'Lysis protein,Lysozyme,Muramidase' 
# 
_entity_poly.entity_id                      1 
_entity_poly.type                           'polypeptide(L)' 
_entity_poly.nstd_linkage                   no 
_entity_poly.nstd_monomer                   no 
_entity_poly.pdbx_seq_one_letter_code       
;MNIFEMLRIDEGLRLKIYKDTEGYYTIGIGHLLTKSPSLNAAKSELDKAIGRNCNGVITKDEAEKLFNQDVDAAVRGILR
NAKLKPVYDSLDAVRRCAAINMVFQMGETGVAGFTNSLRMLQQKRWDEAAVNLAKSRWYNQTPNRAKRVITTFRTGTWDA
YKNLLEHHHHHH
;
_entity_poly.pdbx_seq_one_letter_code_can   
;MNIFEMLRIDEGLRLKIYKDTEGYYTIGIGHLLTKSPSLNAAKSELDKAIGRNCNGVITKDEAEKLFNQDVDAAVRGILR
NAKLKPVYDSLDAVRRCAAINMVFQMGETGVAGFTNSLRMLQQKRWDEAAVNLAKSRWYNQTPNRAKRVITTFRTGTWDA
YKNLLEHHHHHH
;
_entity_poly.pdbx_strand_id                 A 
_entity_poly.pdbx_target_identifier         ? 
# 
loop_
_entity_poly_seq.entity_id 
_entity_poly_seq.num 
_entity_poly_seq.mon_id 
_entity_poly_seq.hetero 
1 1   MET n 
1 2   ASN n 
1 3   ILE n 
1 4   PHE n 
1 5   GLU n 
1 6   MET n 
1 7   LEU n 
1 8   ARG n 
1 9   ILE n 
1 10  ASP n 
1 11  GLU n 
1 12  GLY n 
1 13  LEU n 
1 14  ARG n 
1 15  LEU n 
1 16  LYS n 
1 17  ILE n 
1 18  TYR n 
1 19  LYS n 
1 20  ASP n 
1 21  THR n 
1 22  GLU n 
1 23  GLY n 
1 24  TYR n 
1 25  TYR n 
1 26  THR n 
1 27  ILE n 
1 28  GLY n 
1 29  ILE n 
1 30  GLY n 
1 31  HIS n 
1 32  LEU n 
1 33  LEU n 
1 34  THR n 
1 35  LYS n 
1 36  SER n 
1 37  PRO n 
1 38  SER n 
1 39  LEU n 
1 40  ASN n 
1 41  ALA n 
1 42  ALA n 
1 43  LYS n 
1 44  SER n 
1 45  GLU n 
1 46  LEU n 
1 47  ASP n 
1 48  LYS n 
1 49  ALA n 
1 50  ILE n 
1 51  GLY n 
1 52  ARG n 
1 53  ASN n 
1 54  CYS n 
1 55  ASN n 
1 56  GLY n 
1 57  VAL n 
1 58  ILE n 
1 59  THR n 
1 60  LYS n 
1 61  ASP n 
1 62  GLU n 
1 63  ALA n 
1 64  GLU n 
1 65  LYS n 
1 66  LEU n 
1 67  PHE n 
1 68  ASN n 
1 69  GLN n 
1 70  ASP n 
1 71  VAL n 
1 72  ASP n 
1 73  ALA n 
1 74  ALA n 
1 75  VAL n 
1 76  ARG n 
1 77  GLY n 
1 78  ILE n 
1 79  LEU n 
1 80  ARG n 
1 81  ASN n 
1 82  ALA n 
1 83  LYS n 
1 84  LEU n 
1 85  LYS n 
1 86  PRO n 
1 87  VAL n 
1 88  TYR n 
1 89  ASP n 
1 90  SER n 
1 91  LEU n 
1 92  ASP n 
1 93  ALA n 
1 94  VAL n 
1 95  ARG n 
1 96  ARG n 
1 97  CYS n 
1 98  ALA n 
1 99  ALA n 
1 100 ILE n 
1 101 ASN n 
1 102 MET n 
1 103 VAL n 
1 104 PHE n 
1 105 GLN n 
1 106 MET n 
1 107 GLY n 
1 108 GLU n 
1 109 THR n 
1 110 GLY n 
1 111 VAL n 
1 112 ALA n 
1 113 GLY n 
1 114 PHE n 
1 115 THR n 
1 116 ASN n 
1 117 SER n 
1 118 LEU n 
1 119 ARG n 
1 120 MET n 
1 121 LEU n 
1 122 GLN n 
1 123 GLN n 
1 124 LYS n 
1 125 ARG n 
1 126 TRP n 
1 127 ASP n 
1 128 GLU n 
1 129 ALA n 
1 130 ALA n 
1 131 VAL n 
1 132 ASN n 
1 133 LEU n 
1 134 ALA n 
1 135 LYS n 
1 136 SER n 
1 137 ARG n 
1 138 TRP n 
1 139 TYR n 
1 140 ASN n 
1 141 GLN n 
1 142 THR n 
1 143 PRO n 
1 144 ASN n 
1 145 ARG n 
1 146 ALA n 
1 147 LYS n 
1 148 ARG n 
1 149 VAL n 
1 150 ILE n 
1 151 THR n 
1 152 THR n 
1 153 PHE n 
1 154 ARG n 
1 155 THR n 
1 156 GLY n 
1 157 THR n 
1 158 TRP n 
1 159 ASP n 
1 160 ALA n 
1 161 TYR n 
1 162 LYS n 
1 163 ASN n 
1 164 LEU n 
1 165 LEU n 
1 166 GLU n 
1 167 HIS n 
1 168 HIS n 
1 169 HIS n 
1 170 HIS n 
1 171 HIS n 
1 172 HIS n 
# 
_entity_src_gen.entity_id                          1 
_entity_src_gen.pdbx_src_id                        1 
_entity_src_gen.pdbx_alt_source_flag               sample 
_entity_src_gen.pdbx_seq_type                      'Biological sequence' 
_entity_src_gen.pdbx_beg_seq_num                   1 
_entity_src_gen.pdbx_end_seq_num                   172 
_entity_src_gen.gene_src_common_name               ? 
_entity_src_gen.gene_src_genus                     ? 
_entity_src_gen.pdbx_gene_src_gene                 ? 
_entity_src_gen.gene_src_species                   ? 
_entity_src_gen.gene_src_strain                    ? 
_entity_src_gen.gene_src_tissue                    ? 
_entity_src_gen.gene_src_tissue_fraction           ? 
_entity_src_gen.gene_src_details                   ? 
_entity_src_gen.pdbx_gene_src_fragment             ? 
_entity_src_gen.pdbx_gene_src_scientific_name      'Enterobacteria phage T4' 
_entity_src_gen.pdbx_gene_src_ncbi_taxonomy_id     10665 
_entity_src_gen.pdbx_gene_src_variant              ? 
_entity_src_gen.pdbx_gene_src_cell_line            ? 
_entity_src_gen.pdbx_gene_src_atcc                 ? 
_entity_src_gen.pdbx_gene_src_organ                ? 
_entity_src_gen.pdbx_gene_src_organelle            ? 
_entity_src_gen.pdbx_gene_src_cell                 ? 
_entity_src_gen.pdbx_gene_src_cellular_location    ? 
_entity_src_gen.host_org_common_name               ? 
_entity_src_gen.pdbx_host_org_scientific_name      'Escherichia coli' 
_entity_src_gen.pdbx_host_org_ncbi_taxonomy_id     469008 
_entity_src_gen.host_org_genus                     ? 
_entity_src_gen.pdbx_host_org_gene                 ? 
_entity_src_gen.pdbx_host_org_organ                ? 
_entity_src_gen.host_org_species                   ? 
_entity_src_gen.pdbx_host_org_tissue               ? 
_entity_src_gen.pdbx_host_org_tissue_fraction      ? 
_entity_src_gen.pdbx_host_org_strain               'BL21(DE3)' 
_entity_src_gen.pdbx_host_org_variant              ? 
_entity_src_gen.pdbx_host_org_cell_line            ? 
_entity_src_gen.pdbx_host_org_atcc                 ? 
_entity_src_gen.pdbx_host_org_culture_collection   ? 
_entity_src_gen.pdbx_host_org_cell                 ? 
_entity_src_gen.pdbx_host_org_organelle            ? 
_entity_src_gen.pdbx_host_org_cellular_location    ? 
_entity_src_gen.pdbx_host_org_vector_type          plasmid 
_entity_src_gen.pdbx_host_org_vector               ? 
_entity_src_gen.host_org_details                   ? 
_entity_src_gen.expression_system_id               ? 
_entity_src_gen.plasmid_name                       pET29 
_entity_src_gen.plasmid_details                    ? 
_entity_src_gen.pdbx_description                   ? 
# 
_struct_ref.id                         1 
_struct_ref.db_name                    UNP 
_struct_ref.db_code                    ENLYS_BPT4 
_struct_ref.pdbx_db_accession          P00720 
_struct_ref.pdbx_db_isoform            ? 
_struct_ref.entity_id                  1 
_struct_ref.pdbx_seq_one_letter_code   
;MNIFEMLRIDERLRLKIYKDTEGYYTIGIGHLLTKSPSLNAAKSELDKAIGRNCNGVITKDEAEKLFNQDVDAAVRGILR
NAKLKPVYDSLDAVRRCALINMVFQMGETGVAGFTNSLRMLQQKRWDEAAVNLAKSIWYNQTPNRAKRVITTFRTGTWDA
YKNL
;
_struct_ref.pdbx_align_begin           1 
# 
_struct_ref_seq.align_id                      1 
_struct_ref_seq.ref_id                        1 
_struct_ref_seq.pdbx_PDB_id_code              4W55 
_struct_ref_seq.pdbx_strand_id                A 
_struct_ref_seq.seq_align_beg                 1 
_struct_ref_seq.pdbx_seq_align_beg_ins_code   ? 
_struct_ref_seq.seq_align_end                 164 
_struct_ref_seq.pdbx_seq_align_end_ins_code   ? 
_struct_ref_seq.pdbx_db_accession             P00720 
_struct_ref_seq.db_align_beg                  1 
_struct_ref_seq.pdbx_db_align_beg_ins_code    ? 
_struct_ref_seq.db_align_end                  164 
_struct_ref_seq.pdbx_db_align_end_ins_code    ? 
_struct_ref_seq.pdbx_auth_seq_align_beg       1 
_struct_ref_seq.pdbx_auth_seq_align_end       164 
# 
loop_
_struct_ref_seq_dif.align_id 
_struct_ref_seq_dif.pdbx_pdb_id_code 
_struct_ref_seq_dif.mon_id 
_struct_ref_seq_dif.pdbx_pdb_strand_id 
_struct_ref_seq_dif.seq_num 
_struct_ref_seq_dif.pdbx_pdb_ins_code 
_struct_ref_seq_dif.pdbx_seq_db_name 
_struct_ref_seq_dif.pdbx_seq_db_accession_code 
_struct_ref_seq_dif.db_mon_id 
_struct_ref_seq_dif.pdbx_seq_db_seq_num 
_struct_ref_seq_dif.details 
_struct_ref_seq_dif.pdbx_auth_seq_num 
_struct_ref_seq_dif.pdbx_ordinal 
1 4W55 GLY A 12  ? UNP P00720 ARG 12  variant               12  1  
1 4W55 ALA A 99  ? UNP P00720 LEU 99  'engineered mutation' 99  2  
1 4W55 ARG A 137 ? UNP P00720 ILE 137 variant               137 3  
1 4W55 LEU A 165 ? UNP P00720 ?   ?   'expression tag'      165 4  
1 4W55 GLU A 166 ? UNP P00720 ?   ?   'expression tag'      166 5  
1 4W55 HIS A 167 ? UNP P00720 ?   ?   'expression tag'      167 6  
1 4W55 HIS A 168 ? UNP P00720 ?   ?   'expression tag'      168 7  
1 4W55 HIS A 169 ? UNP P00720 ?   ?   'expression tag'      169 8  
1 4W55 HIS A 170 ? UNP P00720 ?   ?   'expression tag'      170 9  
1 4W55 HIS A 171 ? UNP P00720 ?   ?   'expression tag'      171 10 
1 4W55 HIS A 172 ? UNP P00720 ?   ?   'expression tag'      172 11 
# 
loop_
_chem_comp.id 
_chem_comp.type 
_chem_comp.mon_nstd_flag 
_chem_comp.name 
_chem_comp.pdbx_synonyms 
_chem_comp.formula 
_chem_comp.formula_weight 
3H0 non-polymer         . propylbenzene                                         ?     'C9 H12'         120.192 
ALA 'L-peptide linking' y ALANINE                                               ?     'C3 H7 N O2'     89.093  
ARG 'L-peptide linking' y ARGININE                                              ?     'C6 H15 N4 O2 1' 175.209 
ASN 'L-peptide linking' y ASPARAGINE                                            ?     'C4 H8 N2 O3'    132.118 
ASP 'L-peptide linking' y 'ASPARTIC ACID'                                       ?     'C4 H7 N O4'     133.103 
CYS 'L-peptide linking' y CYSTEINE                                              ?     'C3 H7 N O2 S'   121.158 
EPE non-polymer         . '4-(2-HYDROXYETHYL)-1-PIPERAZINE ETHANESULFONIC ACID' HEPES 'C8 H18 N2 O4 S' 238.305 
GLN 'L-peptide linking' y GLUTAMINE                                             ?     'C5 H10 N2 O3'   146.144 
GLU 'L-peptide linking' y 'GLUTAMIC ACID'                                       ?     'C5 H9 N O4'     147.129 
GLY 'peptide linking'   y GLYCINE                                               ?     'C2 H5 N O2'     75.067  
HIS 'L-peptide linking' y HISTIDINE                                             ?     'C6 H10 N3 O2 1' 156.162 
HOH non-polymer         . WATER                                                 ?     'H2 O'           18.015  
ILE 'L-peptide linking' y ISOLEUCINE                                            ?     'C6 H13 N O2'    131.173 
LEU 'L-peptide linking' y LEUCINE                                               ?     'C6 H13 N O2'    131.173 
LYS 'L-peptide linking' y LYSINE                                                ?     'C6 H15 N2 O2 1' 147.195 
MET 'L-peptide linking' y METHIONINE                                            ?     'C5 H11 N O2 S'  149.211 
PHE 'L-peptide linking' y PHENYLALANINE                                         ?     'C9 H11 N O2'    165.189 
PRO 'L-peptide linking' y PROLINE                                               ?     'C5 H9 N O2'     115.130 
SER 'L-peptide linking' y SERINE                                                ?     'C3 H7 N O3'     105.093 
THR 'L-peptide linking' y THREONINE                                             ?     'C4 H9 N O3'     119.119 
TRP 'L-peptide linking' y TRYPTOPHAN                                            ?     'C11 H12 N2 O2'  204.225 
TYR 'L-peptide linking' y TYROSINE                                              ?     'C9 H11 N O3'    181.189 
VAL 'L-peptide linking' y VALINE                                                ?     'C5 H11 N O2'    117.146 
# 
_exptl.absorpt_coefficient_mu     ? 
_exptl.absorpt_correction_T_max   ? 
_exptl.absorpt_correction_T_min   ? 
_exptl.absorpt_correction_type    ? 
_exptl.absorpt_process_details    ? 
_exptl.entry_id                   4W55 
_exptl.crystals_number            1 
_exptl.details                    ? 
_exptl.method                     'X-RAY DIFFRACTION' 
_exptl.method_details             ? 
# 
_exptl_crystal.colour                      ? 
_exptl_crystal.density_diffrn              ? 
_exptl_crystal.density_Matthews            2.57 
_exptl_crystal.density_method              ? 
_exptl_crystal.density_percent_sol         52.20 
_exptl_crystal.description                 ? 
_exptl_crystal.F_000                       ? 
_exptl_crystal.id                          1 
_exptl_crystal.preparation                 ? 
_exptl_crystal.size_max                    ? 
_exptl_crystal.size_mid                    ? 
_exptl_crystal.size_min                    ? 
_exptl_crystal.size_rad                    ? 
_exptl_crystal.colour_lustre               ? 
_exptl_crystal.colour_modifier             ? 
_exptl_crystal.colour_primary              ? 
_exptl_crystal.density_meas                ? 
_exptl_crystal.density_meas_esd            ? 
_exptl_crystal.density_meas_gt             ? 
_exptl_crystal.density_meas_lt             ? 
_exptl_crystal.density_meas_temp           ? 
_exptl_crystal.density_meas_temp_esd       ? 
_exptl_crystal.density_meas_temp_gt        ? 
_exptl_crystal.density_meas_temp_lt        ? 
_exptl_crystal.pdbx_crystal_image_url      ? 
_exptl_crystal.pdbx_crystal_image_format   ? 
_exptl_crystal.pdbx_mosaicity              ? 
_exptl_crystal.pdbx_mosaicity_esd          ? 
# 
_exptl_crystal_grow.apparatus       ? 
_exptl_crystal_grow.atmosphere      ? 
_exptl_crystal_grow.crystal_id      1 
_exptl_crystal_grow.details         ? 
_exptl_crystal_grow.method          'VAPOR DIFFUSION, HANGING DROP' 
_exptl_crystal_grow.method_ref      ? 
_exptl_crystal_grow.pH              7.5 
_exptl_crystal_grow.pressure        ? 
_exptl_crystal_grow.pressure_esd    ? 
_exptl_crystal_grow.seeding         ? 
_exptl_crystal_grow.seeding_ref     ? 
_exptl_crystal_grow.temp            277 
_exptl_crystal_grow.temp_details    ? 
_exptl_crystal_grow.temp_esd        ? 
_exptl_crystal_grow.time            ? 
_exptl_crystal_grow.pdbx_details    
'20% (w/v) PEGF-4000, 10% 2-propanol, 0.1 M HEPES, 50 mM 2-mercaptoethanol, 50 mM 2-hydroxyethyl disulfide' 
_exptl_crystal_grow.pdbx_pH_range   ? 
# 
_diffrn.ambient_environment    ? 
_diffrn.ambient_temp           100 
_diffrn.ambient_temp_details   ? 
_diffrn.ambient_temp_esd       ? 
_diffrn.crystal_id             1 
_diffrn.crystal_support        ? 
_diffrn.crystal_treatment      ? 
_diffrn.details                ? 
_diffrn.id                     1 
_diffrn.ambient_pressure       ? 
_diffrn.ambient_pressure_esd   ? 
_diffrn.ambient_pressure_gt    ? 
_diffrn.ambient_pressure_lt    ? 
_diffrn.ambient_temp_gt        ? 
_diffrn.ambient_temp_lt        ? 
# 
_diffrn_detector.details                      ? 
_diffrn_detector.detector                     CCD 
_diffrn_detector.diffrn_id                    1 
_diffrn_detector.type                         'ADSC QUANTUM 315r' 
_diffrn_detector.area_resol_mean              ? 
_diffrn_detector.dtime                        ? 
_diffrn_detector.pdbx_frames_total            ? 
_diffrn_detector.pdbx_collection_time_total   ? 
_diffrn_detector.pdbx_collection_date         2009-07-10 
# 
_diffrn_radiation.collimation                      ? 
_diffrn_radiation.diffrn_id                        1 
_diffrn_radiation.filter_edge                      ? 
_diffrn_radiation.inhomogeneity                    ? 
_diffrn_radiation.monochromator                    'two flat Si(111) crystals, mounted in a model DCM from Khozu' 
_diffrn_radiation.polarisn_norm                    ? 
_diffrn_radiation.polarisn_ratio                   ? 
_diffrn_radiation.probe                            ? 
_diffrn_radiation.type                             ? 
_diffrn_radiation.xray_symbol                      ? 
_diffrn_radiation.wavelength_id                    1 
_diffrn_radiation.pdbx_monochromatic_or_laue_m_l   M 
_diffrn_radiation.pdbx_wavelength_list             ? 
_diffrn_radiation.pdbx_wavelength                  ? 
_diffrn_radiation.pdbx_diffrn_protocol             'SINGLE WAVELENGTH' 
_diffrn_radiation.pdbx_analyzer                    ? 
_diffrn_radiation.pdbx_scattering_type             x-ray 
# 
_diffrn_radiation_wavelength.id           1 
_diffrn_radiation_wavelength.wavelength   1.116 
_diffrn_radiation_wavelength.wt           1.0 
# 
_diffrn_source.current                     ? 
_diffrn_source.details                     ? 
_diffrn_source.diffrn_id                   1 
_diffrn_source.power                       ? 
_diffrn_source.size                        ? 
_diffrn_source.source                      SYNCHROTRON 
_diffrn_source.target                      ? 
_diffrn_source.type                        'ALS BEAMLINE 8.3.1' 
_diffrn_source.voltage                     ? 
_diffrn_source.take-off_angle              ? 
_diffrn_source.pdbx_wavelength_list        1.116 
_diffrn_source.pdbx_wavelength             ? 
_diffrn_source.pdbx_synchrotron_beamline   8.3.1 
_diffrn_source.pdbx_synchrotron_site       ALS 
# 
_reflns.B_iso_Wilson_estimate            15.830 
_reflns.entry_id                         4W55 
_reflns.data_reduction_details           ? 
_reflns.data_reduction_method            ? 
_reflns.d_resolution_high                1.64 
_reflns.d_resolution_low                 50.0 
_reflns.details                          ? 
_reflns.limit_h_max                      ? 
_reflns.limit_h_min                      ? 
_reflns.limit_k_max                      ? 
_reflns.limit_k_min                      ? 
_reflns.limit_l_max                      ? 
_reflns.limit_l_min                      ? 
_reflns.number_all                       ? 
_reflns.number_obs                       27463 
_reflns.observed_criterion               ? 
_reflns.observed_criterion_F_max         ? 
_reflns.observed_criterion_F_min         ? 
_reflns.observed_criterion_I_max         ? 
_reflns.observed_criterion_I_min         ? 
_reflns.observed_criterion_sigma_F       ? 
_reflns.observed_criterion_sigma_I       -3.000 
_reflns.percent_possible_obs             100.000 
_reflns.R_free_details                   ? 
_reflns.Rmerge_F_all                     ? 
_reflns.Rmerge_F_obs                     0.076 
_reflns.Friedel_coverage                 ? 
_reflns.number_gt                        ? 
_reflns.threshold_expression             ? 
_reflns.pdbx_redundancy                  8.8 
_reflns.pdbx_Rmerge_I_obs                0.062 
_reflns.pdbx_Rmerge_I_all                ? 
_reflns.pdbx_Rsym_value                  ? 
_reflns.pdbx_netI_over_av_sigmaI         ? 
_reflns.pdbx_netI_over_sigmaI            23.640 
_reflns.pdbx_res_netI_over_av_sigmaI_2   ? 
_reflns.pdbx_res_netI_over_sigmaI_2      ? 
_reflns.pdbx_chi_squared                 0.973 
_reflns.pdbx_scaling_rejects             ? 
_reflns.pdbx_d_res_high_opt              ? 
_reflns.pdbx_d_res_low_opt               ? 
_reflns.pdbx_d_res_opt_method            ? 
_reflns.phase_calculation_details        ? 
_reflns.pdbx_Rrim_I_all                  0.066 
_reflns.pdbx_Rpim_I_all                  ? 
_reflns.pdbx_d_opt                       ? 
_reflns.pdbx_number_measured_all         226432 
_reflns.pdbx_diffrn_id                   1 
_reflns.pdbx_ordinal                     1 
_reflns.pdbx_CC_half                     ? 
_reflns.pdbx_R_split                     ? 
# 
loop_
_reflns_shell.d_res_high 
_reflns_shell.d_res_low 
_reflns_shell.meanI_over_sigI_all 
_reflns_shell.meanI_over_sigI_obs 
_reflns_shell.number_measured_all 
_reflns_shell.number_measured_obs 
_reflns_shell.number_possible 
_reflns_shell.number_unique_all 
_reflns_shell.number_unique_obs 
_reflns_shell.percent_possible_all 
_reflns_shell.percent_possible_obs 
_reflns_shell.Rmerge_F_all 
_reflns_shell.Rmerge_F_obs 
_reflns_shell.Rmerge_I_all 
_reflns_shell.Rmerge_I_obs 
_reflns_shell.meanI_over_sigI_gt 
_reflns_shell.meanI_over_uI_all 
_reflns_shell.meanI_over_uI_gt 
_reflns_shell.number_measured_gt 
_reflns_shell.number_unique_gt 
_reflns_shell.percent_possible_gt 
_reflns_shell.Rmerge_F_gt 
_reflns_shell.Rmerge_I_gt 
_reflns_shell.pdbx_redundancy 
_reflns_shell.pdbx_Rsym_value 
_reflns_shell.pdbx_chi_squared 
_reflns_shell.pdbx_netI_over_sigmaI_all 
_reflns_shell.pdbx_netI_over_sigmaI_obs 
_reflns_shell.pdbx_Rrim_I_all 
_reflns_shell.pdbx_Rpim_I_all 
_reflns_shell.pdbx_rejects 
_reflns_shell.pdbx_ordinal 
_reflns_shell.pdbx_diffrn_id 
_reflns_shell.pdbx_CC_half 
_reflns_shell.pdbx_R_split 
1.640 1.740 ? 4.560  ? 36530 4081 ? 4081 100.000 ? ? 0.370 ? 0.488 ? ? ? ? ? ? ? ? ? ? ? ? ? 0.519 ? 0 1 1 ? ? 
1.740 1.850 ? 6.620  ? 31573 3512 ? 3512 100.000 ? ? 0.253 ? 0.330 ? ? ? ? ? ? ? ? ? ? ? ? ? 0.351 ? 0 2 1 ? ? 
1.850 1.960 ? 10.060 ? 25326 2815 ? 2815 100.000 ? ? 0.158 ? 0.211 ? ? ? ? ? ? ? ? ? ? ? ? ? 0.224 ? 0 3 1 ? ? 
1.960 2.140 ? 16.740 ? 30887 3424 ? 3424 100.000 ? ? 0.089 ? 0.124 ? ? ? ? ? ? ? ? ? ? ? ? ? 0.132 ? 0 4 1 ? ? 
2.140 2.400 ? 25.230 ? 29895 3327 ? 3327 100.000 ? ? 0.058 ? 0.078 ? ? ? ? ? ? ? ? ? ? ? ? ? 0.082 ? 0 5 1 ? ? 
2.400 2.770 ? 32.820 ? 25467 2859 ? 2859 100.000 ? ? 0.040 ? 0.059 ? ? ? ? ? ? ? ? ? ? ? ? ? 0.063 ? 0 6 1 ? ? 
2.770 3.380 ? 44.780 ? 20899 2406 ? 2406 100.000 ? ? 0.027 ? 0.041 ? ? ? ? ? ? ? ? ? ? ? ? ? 0.043 ? 0 7 1 ? ? 
3.380 4.770 ? 61.540 ? 16492 1951 ? 1951 100.000 ? ? 0.015 ? 0.027 ? ? ? ? ? ? ? ? ? ? ? ? ? 0.029 ? 0 8 1 ? ? 
4.770 ?     ? 61.380 ? 9363  1144 ? 1143 99.900  ? ? 0.014 ? 0.025 ? ? ? ? ? ? ? ? ? ? ? ? ? 0.027 ? 0 9 1 ? ? 
# 
_refine.aniso_B[1][1]                            1.0739 
_refine.aniso_B[1][2]                            -0.0000 
_refine.aniso_B[1][3]                            -0.0000 
_refine.aniso_B[2][2]                            1.0739 
_refine.aniso_B[2][3]                            0.0000 
_refine.aniso_B[3][3]                            -2.1478 
_refine.B_iso_max                                63.000 
_refine.B_iso_mean                               17.5808 
_refine.B_iso_min                                7.820 
_refine.correlation_coeff_Fo_to_Fc               ? 
_refine.correlation_coeff_Fo_to_Fc_free          ? 
_refine.details                                  ? 
_refine.diff_density_max                         ? 
_refine.diff_density_max_esd                     ? 
_refine.diff_density_min                         ? 
_refine.diff_density_min_esd                     ? 
_refine.diff_density_rms                         ? 
_refine.diff_density_rms_esd                     ? 
_refine.entry_id                                 4W55 
_refine.pdbx_refine_id                           'X-RAY DIFFRACTION' 
_refine.ls_abs_structure_details                 ? 
_refine.ls_abs_structure_Flack                   ? 
_refine.ls_abs_structure_Flack_esd               ? 
_refine.ls_abs_structure_Rogers                  ? 
_refine.ls_abs_structure_Rogers_esd              ? 
_refine.ls_d_res_high                            1.6401 
_refine.ls_d_res_low                             45.9380 
_refine.ls_extinction_coef                       ? 
_refine.ls_extinction_coef_esd                   ? 
_refine.ls_extinction_expression                 ? 
_refine.ls_extinction_method                     ? 
_refine.ls_goodness_of_fit_all                   ? 
_refine.ls_goodness_of_fit_all_esd               ? 
_refine.ls_goodness_of_fit_obs                   ? 
_refine.ls_goodness_of_fit_obs_esd               ? 
_refine.ls_hydrogen_treatment                    ? 
_refine.ls_matrix_type                           ? 
_refine.ls_number_constraints                    ? 
_refine.ls_number_parameters                     ? 
_refine.ls_number_reflns_all                     ? 
_refine.ls_number_reflns_obs                     25515 
_refine.ls_number_reflns_R_free                  1276 
_refine.ls_number_reflns_R_work                  24239 
_refine.ls_number_restraints                     ? 
_refine.ls_percent_reflns_obs                    99.9900 
_refine.ls_percent_reflns_R_free                 5.0000 
_refine.ls_R_factor_all                          ? 
_refine.ls_R_factor_obs                          0.1674 
_refine.ls_R_factor_R_free                       0.1874 
_refine.ls_R_factor_R_free_error                 ? 
_refine.ls_R_factor_R_free_error_details         ? 
_refine.ls_R_factor_R_work                       0.1664 
_refine.ls_R_Fsqd_factor_obs                     ? 
_refine.ls_R_I_factor_obs                        ? 
_refine.ls_redundancy_reflns_all                 ? 
_refine.ls_redundancy_reflns_obs                 ? 
_refine.ls_restrained_S_all                      ? 
_refine.ls_restrained_S_obs                      ? 
_refine.ls_shift_over_esd_max                    ? 
_refine.ls_shift_over_esd_mean                   ? 
_refine.ls_structure_factor_coef                 ? 
_refine.ls_weighting_details                     ? 
_refine.ls_weighting_scheme                      ? 
_refine.ls_wR_factor_all                         ? 
_refine.ls_wR_factor_obs                         ? 
_refine.ls_wR_factor_R_free                      ? 
_refine.ls_wR_factor_R_work                      ? 
_refine.occupancy_max                            ? 
_refine.occupancy_min                            ? 
_refine.solvent_model_details                    'FLAT BULK SOLVENT MODEL' 
_refine.solvent_model_param_bsol                 45.4420 
_refine.solvent_model_param_ksol                 0.3930 
_refine.ls_R_factor_gt                           ? 
_refine.ls_goodness_of_fit_gt                    ? 
_refine.ls_goodness_of_fit_ref                   ? 
_refine.ls_shift_over_su_max                     ? 
_refine.ls_shift_over_su_max_lt                  ? 
_refine.ls_shift_over_su_mean                    ? 
_refine.ls_shift_over_su_mean_lt                 ? 
_refine.pdbx_ls_sigma_I                          ? 
_refine.pdbx_ls_sigma_F                          2.000 
_refine.pdbx_ls_sigma_Fsqd                       ? 
_refine.pdbx_data_cutoff_high_absF               ? 
_refine.pdbx_data_cutoff_high_rms_absF           ? 
_refine.pdbx_data_cutoff_low_absF                ? 
_refine.pdbx_isotropic_thermal_model             ? 
_refine.pdbx_ls_cross_valid_method               'FREE R-VALUE' 
_refine.pdbx_method_to_determine_struct          'MOLECULAR REPLACEMENT' 
_refine.pdbx_starting_model                      181L 
_refine.pdbx_stereochemistry_target_values       ML 
_refine.pdbx_R_Free_selection_details            'Random selection' 
_refine.pdbx_stereochem_target_val_spec_case     ? 
_refine.pdbx_overall_ESU_R                       ? 
_refine.pdbx_overall_ESU_R_Free                  ? 
_refine.pdbx_solvent_vdw_probe_radii             1.0000 
_refine.pdbx_solvent_ion_probe_radii             ? 
_refine.pdbx_solvent_shrinkage_radii             0.7200 
_refine.pdbx_real_space_R                        ? 
_refine.pdbx_density_correlation                 ? 
_refine.pdbx_pd_number_of_powder_patterns        ? 
_refine.pdbx_pd_number_of_points                 ? 
_refine.pdbx_pd_meas_number_of_points            ? 
_refine.pdbx_pd_proc_ls_prof_R_factor            ? 
_refine.pdbx_pd_proc_ls_prof_wR_factor           ? 
_refine.pdbx_pd_Marquardt_correlation_coeff      ? 
_refine.pdbx_pd_Fsqrd_R_factor                   ? 
_refine.pdbx_pd_ls_matrix_band_width             ? 
_refine.pdbx_overall_phase_error                 16.4900 
_refine.pdbx_overall_SU_R_free_Cruickshank_DPI   ? 
_refine.pdbx_overall_SU_R_free_Blow_DPI          ? 
_refine.pdbx_overall_SU_R_Blow_DPI               ? 
_refine.pdbx_TLS_residual_ADP_flag               ? 
_refine.pdbx_diffrn_id                           1 
_refine.overall_SU_B                             ? 
_refine.overall_SU_ML                            0.3000 
_refine.overall_SU_R_Cruickshank_DPI             ? 
_refine.overall_SU_R_free                        ? 
_refine.overall_FOM_free_R_set                   ? 
_refine.overall_FOM_work_R_set                   ? 
# 
_refine_hist.cycle_id                         final 
_refine_hist.pdbx_refine_id                   'X-RAY DIFFRACTION' 
_refine_hist.d_res_high                       1.6401 
_refine_hist.d_res_low                        45.9380 
_refine_hist.pdbx_number_atoms_ligand         33 
_refine_hist.number_atoms_solvent             157 
_refine_hist.number_atoms_total               1472 
_refine_hist.pdbx_number_residues_total       164 
_refine_hist.pdbx_B_iso_mean_ligand           26.35 
_refine_hist.pdbx_B_iso_mean_solvent          28.09 
_refine_hist.pdbx_number_atoms_protein        1282 
_refine_hist.pdbx_number_atoms_nucleic_acid   0 
# 
loop_
_refine_ls_restr.pdbx_refine_id 
_refine_ls_restr.criterion 
_refine_ls_restr.dev_ideal 
_refine_ls_restr.dev_ideal_target 
_refine_ls_restr.number 
_refine_ls_restr.rejects 
_refine_ls_restr.type 
_refine_ls_restr.weight 
_refine_ls_restr.pdbx_restraint_function 
'X-RAY DIFFRACTION' ? 0.012  ? 1433 ? f_bond_d           ? ? 
'X-RAY DIFFRACTION' ? 1.289  ? 1943 ? f_angle_d          ? ? 
'X-RAY DIFFRACTION' ? 0.079  ? 214  ? f_chiral_restr     ? ? 
'X-RAY DIFFRACTION' ? 0.006  ? 250  ? f_plane_restr      ? ? 
'X-RAY DIFFRACTION' ? 12.893 ? 546  ? f_dihedral_angle_d ? ? 
# 
loop_
_refine_ls_shell.pdbx_refine_id 
_refine_ls_shell.d_res_high 
_refine_ls_shell.d_res_low 
_refine_ls_shell.number_reflns_all 
_refine_ls_shell.number_reflns_obs 
_refine_ls_shell.number_reflns_R_free 
_refine_ls_shell.number_reflns_R_work 
_refine_ls_shell.percent_reflns_obs 
_refine_ls_shell.percent_reflns_R_free 
_refine_ls_shell.R_factor_all 
_refine_ls_shell.R_factor_obs 
_refine_ls_shell.R_factor_R_free 
_refine_ls_shell.R_factor_R_free_error 
_refine_ls_shell.R_factor_R_work 
_refine_ls_shell.redundancy_reflns_all 
_refine_ls_shell.redundancy_reflns_obs 
_refine_ls_shell.wR_factor_all 
_refine_ls_shell.wR_factor_obs 
_refine_ls_shell.wR_factor_R_free 
_refine_ls_shell.wR_factor_R_work 
_refine_ls_shell.pdbx_total_number_of_bins_used 
_refine_ls_shell.pdbx_phase_error 
'X-RAY DIFFRACTION' 1.6401 1.7057  2772 . 138 2634 100.0000 . . . 0.2474 . 0.1913 . . . . . . 9 . 
'X-RAY DIFFRACTION' 1.7057 1.7834  2809 . 141 2668 100.0000 . . . 0.1990 . 0.1745 . . . . . . 9 . 
'X-RAY DIFFRACTION' 1.7834 1.8774  2791 . 139 2652 100.0000 . . . 0.1983 . 0.1675 . . . . . . 9 . 
'X-RAY DIFFRACTION' 1.8774 1.9950  2795 . 140 2655 100.0000 . . . 0.2027 . 0.1570 . . . . . . 9 . 
'X-RAY DIFFRACTION' 1.9950 2.1490  2817 . 141 2676 100.0000 . . . 0.1813 . 0.1534 . . . . . . 9 . 
'X-RAY DIFFRACTION' 2.1490 2.3653  2813 . 141 2672 100.0000 . . . 0.1826 . 0.1599 . . . . . . 9 . 
'X-RAY DIFFRACTION' 2.3653 2.7075  2848 . 142 2706 100.0000 . . . 0.2022 . 0.1764 . . . . . . 9 . 
'X-RAY DIFFRACTION' 2.7075 3.4110  2860 . 143 2717 100.0000 . . . 0.2047 . 0.1708 . . . . . . 9 . 
'X-RAY DIFFRACTION' 3.4110 45.9564 3010 . 151 2859 100.0000 . . . 0.1597 . 0.1628 . . . . . . 9 . 
# 
_struct.entry_id                     4W55 
_struct.title                        'T4 Lysozyme L99A with n-Propylbenzene Bound' 
_struct.pdbx_model_details           ? 
_struct.pdbx_formula_weight          ? 
_struct.pdbx_formula_weight_method   ? 
_struct.pdbx_model_type_details      ? 
_struct.pdbx_CASP_flag               ? 
# 
_struct_keywords.entry_id        4W55 
_struct_keywords.text            HYDROLASE 
_struct_keywords.pdbx_keywords   HYDROLASE 
# 
loop_
_struct_asym.id 
_struct_asym.pdbx_blank_PDB_chainid_flag 
_struct_asym.pdbx_modified 
_struct_asym.entity_id 
_struct_asym.details 
A N N 1 ? 
B N N 2 ? 
C N N 3 ? 
D N N 4 ? 
# 
loop_
_struct_conf.conf_type_id 
_struct_conf.id 
_struct_conf.pdbx_PDB_helix_id 
_struct_conf.beg_label_comp_id 
_struct_conf.beg_label_asym_id 
_struct_conf.beg_label_seq_id 
_struct_conf.pdbx_beg_PDB_ins_code 
_struct_conf.end_label_comp_id 
_struct_conf.end_label_asym_id 
_struct_conf.end_label_seq_id 
_struct_conf.pdbx_end_PDB_ins_code 
_struct_conf.beg_auth_comp_id 
_struct_conf.beg_auth_asym_id 
_struct_conf.beg_auth_seq_id 
_struct_conf.end_auth_comp_id 
_struct_conf.end_auth_asym_id 
_struct_conf.end_auth_seq_id 
_struct_conf.pdbx_PDB_helix_class 
_struct_conf.details 
_struct_conf.pdbx_PDB_helix_length 
HELX_P HELX_P1  AA1 ASN A 2   ? GLY A 12  ? ASN A 2   GLY A 12  1 ? 11 
HELX_P HELX_P2  AA2 SER A 38  ? GLY A 51  ? SER A 38  GLY A 51  1 ? 14 
HELX_P HELX_P3  AA3 THR A 59  ? ASN A 81  ? THR A 59  ASN A 81  1 ? 23 
HELX_P HELX_P4  AA4 LYS A 83  ? LEU A 91  ? LYS A 83  LEU A 91  1 ? 9  
HELX_P HELX_P5  AA5 ASP A 92  ? GLY A 107 ? ASP A 92  GLY A 107 1 ? 16 
HELX_P HELX_P6  AA6 GLY A 107 ? GLY A 113 ? GLY A 107 GLY A 113 1 ? 7  
HELX_P HELX_P7  AA7 PHE A 114 ? GLN A 123 ? PHE A 114 GLN A 123 1 ? 10 
HELX_P HELX_P8  AA8 ARG A 125 ? LYS A 135 ? ARG A 125 LYS A 135 1 ? 11 
HELX_P HELX_P9  AA9 SER A 136 ? THR A 142 ? SER A 136 THR A 142 1 ? 7  
HELX_P HELX_P10 AB1 THR A 142 ? GLY A 156 ? THR A 142 GLY A 156 1 ? 15 
HELX_P HELX_P11 AB2 TRP A 158 ? ASN A 163 ? TRP A 158 ASN A 163 1 ? 6  
# 
_struct_conf_type.id          HELX_P 
_struct_conf_type.criteria    ? 
_struct_conf_type.reference   ? 
# 
_struct_sheet.id               AA1 
_struct_sheet.type             ? 
_struct_sheet.number_strands   3 
_struct_sheet.details          ? 
# 
loop_
_struct_sheet_order.sheet_id 
_struct_sheet_order.range_id_1 
_struct_sheet_order.range_id_2 
_struct_sheet_order.offset 
_struct_sheet_order.sense 
AA1 1 2 ? anti-parallel 
AA1 2 3 ? anti-parallel 
# 
loop_
_struct_sheet_range.sheet_id 
_struct_sheet_range.id 
_struct_sheet_range.beg_label_comp_id 
_struct_sheet_range.beg_label_asym_id 
_struct_sheet_range.beg_label_seq_id 
_struct_sheet_range.pdbx_beg_PDB_ins_code 
_struct_sheet_range.end_label_comp_id 
_struct_sheet_range.end_label_asym_id 
_struct_sheet_range.end_label_seq_id 
_struct_sheet_range.pdbx_end_PDB_ins_code 
_struct_sheet_range.beg_auth_comp_id 
_struct_sheet_range.beg_auth_asym_id 
_struct_sheet_range.beg_auth_seq_id 
_struct_sheet_range.end_auth_comp_id 
_struct_sheet_range.end_auth_asym_id 
_struct_sheet_range.end_auth_seq_id 
AA1 1 ARG A 14 ? LYS A 19 ? ARG A 14 LYS A 19 
AA1 2 TYR A 25 ? GLY A 28 ? TYR A 25 GLY A 28 
AA1 3 HIS A 31 ? THR A 34 ? HIS A 31 THR A 34 
# 
loop_
_pdbx_struct_sheet_hbond.sheet_id 
_pdbx_struct_sheet_hbond.range_id_1 
_pdbx_struct_sheet_hbond.range_id_2 
_pdbx_struct_sheet_hbond.range_1_label_atom_id 
_pdbx_struct_sheet_hbond.range_1_label_comp_id 
_pdbx_struct_sheet_hbond.range_1_label_asym_id 
_pdbx_struct_sheet_hbond.range_1_label_seq_id 
_pdbx_struct_sheet_hbond.range_1_PDB_ins_code 
_pdbx_struct_sheet_hbond.range_1_auth_atom_id 
_pdbx_struct_sheet_hbond.range_1_auth_comp_id 
_pdbx_struct_sheet_hbond.range_1_auth_asym_id 
_pdbx_struct_sheet_hbond.range_1_auth_seq_id 
_pdbx_struct_sheet_hbond.range_2_label_atom_id 
_pdbx_struct_sheet_hbond.range_2_label_comp_id 
_pdbx_struct_sheet_hbond.range_2_label_asym_id 
_pdbx_struct_sheet_hbond.range_2_label_seq_id 
_pdbx_struct_sheet_hbond.range_2_PDB_ins_code 
_pdbx_struct_sheet_hbond.range_2_auth_atom_id 
_pdbx_struct_sheet_hbond.range_2_auth_comp_id 
_pdbx_struct_sheet_hbond.range_2_auth_asym_id 
_pdbx_struct_sheet_hbond.range_2_auth_seq_id 
AA1 1 2 N TYR A 18 ? N TYR A 18 O THR A 26 ? O THR A 26 
AA1 2 3 N TYR A 25 ? N TYR A 25 O LEU A 33 ? O LEU A 33 
# 
loop_
_struct_site.id 
_struct_site.pdbx_evidence_code 
_struct_site.pdbx_auth_asym_id 
_struct_site.pdbx_auth_comp_id 
_struct_site.pdbx_auth_seq_id 
_struct_site.pdbx_auth_ins_code 
_struct_site.pdbx_num_residues 
_struct_site.details 
AC1 Software A 3H0 200 ? 7 'binding site for residue 3H0 A 200' 
AC2 Software A EPE 201 ? 7 'binding site for residue EPE A 201' 
# 
loop_
_struct_site_gen.id 
_struct_site_gen.site_id 
_struct_site_gen.pdbx_num_res 
_struct_site_gen.label_comp_id 
_struct_site_gen.label_asym_id 
_struct_site_gen.label_seq_id 
_struct_site_gen.pdbx_auth_ins_code 
_struct_site_gen.auth_comp_id 
_struct_site_gen.auth_asym_id 
_struct_site_gen.auth_seq_id 
_struct_site_gen.label_atom_id 
_struct_site_gen.label_alt_id 
_struct_site_gen.symmetry 
_struct_site_gen.details 
1  AC1 7 TYR A 88  ? TYR A 88  . ? 1_555 ? 
2  AC1 7 ALA A 99  ? ALA A 99  . ? 1_555 ? 
3  AC1 7 VAL A 111 ? VAL A 111 . ? 1_555 ? 
4  AC1 7 LEU A 118 ? LEU A 118 . ? 1_555 ? 
5  AC1 7 LEU A 121 ? LEU A 121 . ? 1_555 ? 
6  AC1 7 LEU A 133 ? LEU A 133 . ? 1_555 ? 
7  AC1 7 PHE A 153 ? PHE A 153 . ? 1_555 ? 
8  AC2 7 GLY A 30  ? GLY A 30  . ? 1_555 ? 
9  AC2 7 HIS A 31  ? HIS A 31  . ? 1_555 ? 
10 AC2 7 LEU A 32  ? LEU A 32  . ? 1_555 ? 
11 AC2 7 LYS A 35  ? LYS A 35  . ? 1_555 ? 
12 AC2 7 ASP A 70  ? ASP A 70  . ? 1_555 ? 
13 AC2 7 PHE A 104 ? PHE A 104 . ? 1_555 ? 
14 AC2 7 HOH D .   ? HOH A 451 . ? 1_555 ? 
# 
_atom_sites.entry_id                    4W55 
_atom_sites.fract_transf_matrix[1][1]   0.01088338 
_atom_sites.fract_transf_matrix[1][2]   -0.01574245 
_atom_sites.fract_transf_matrix[1][3]   -0.00040173 
_atom_sites.fract_transf_matrix[2][1]   0.01879206 
_atom_sites.fract_transf_matrix[2][2]   0.00143881 
_atom_sites.fract_transf_matrix[2][3]   -0.00335304 
_atom_sites.fract_transf_matrix[3][1]   0.00174271 
_atom_sites.fract_transf_matrix[3][2]   0.00094522 
_atom_sites.fract_transf_matrix[3][3]   0.01017261 
_atom_sites.fract_transf_vector[1]      -0.318227 
_atom_sites.fract_transf_vector[2]      0.459324 
_atom_sites.fract_transf_vector[3]      0.064598 
# 
loop_
_atom_type.symbol 
C 
N 
O 
S 
# 
loop_
_atom_site.group_PDB 
_atom_site.id 
_atom_site.type_symbol 
_atom_site.label_atom_id 
_atom_site.label_alt_id 
_atom_site.label_comp_id 
_atom_site.label_asym_id 
_atom_site.label_entity_id 
_atom_site.label_seq_id 
_atom_site.pdbx_PDB_ins_code 
_atom_site.Cartn_x 
_atom_site.Cartn_y 
_atom_site.Cartn_z 
_atom_site.occupancy 
_atom_site.B_iso_or_equiv 
_atom_site.pdbx_formal_charge 
_atom_site.auth_seq_id 
_atom_site.auth_comp_id 
_atom_site.auth_asym_id 
_atom_site.auth_atom_id 
_atom_site.pdbx_PDB_model_num 
ATOM   1    N N   . MET A 1 1   ? 14.229  9.691   -2.200  1.00 28.83 ? 1   MET A N   1 
ATOM   2    C CA  A MET A 1 1   ? 13.134  8.735   -2.123  0.40 17.44 ? 1   MET A CA  1 
ATOM   3    C CA  B MET A 1 1   ? 13.127  8.737   -2.083  0.60 17.46 ? 1   MET A CA  1 
ATOM   4    C C   . MET A 1 1   ? 11.805  9.363   -2.526  1.00 14.70 ? 1   MET A C   1 
ATOM   5    O O   . MET A 1 1   ? 11.561  10.557  -2.324  1.00 17.16 ? 1   MET A O   1 
ATOM   6    C CB  A MET A 1 1   ? 13.039  8.157   -0.710  0.40 19.23 ? 1   MET A CB  1 
ATOM   7    C CB  B MET A 1 1   ? 13.011  8.226   -0.636  0.60 19.27 ? 1   MET A CB  1 
ATOM   8    C CG  A MET A 1 1   ? 11.892  7.194   -0.510  0.40 16.66 ? 1   MET A CG  1 
ATOM   9    C CG  B MET A 1 1   ? 14.118  7.277   -0.171  0.60 21.86 ? 1   MET A CG  1 
ATOM   10   S SD  A MET A 1 1   ? 12.330  5.498   -0.880  0.40 19.55 ? 1   MET A SD  1 
ATOM   11   S SD  B MET A 1 1   ? 13.827  5.597   -0.745  0.60 29.12 ? 1   MET A SD  1 
ATOM   12   C CE  A MET A 1 1   ? 13.833  5.390   0.096   0.40 27.64 ? 1   MET A CE  1 
ATOM   13   C CE  B MET A 1 1   ? 12.247  5.288   0.051   0.60 18.51 ? 1   MET A CE  1 
ATOM   14   N N   . ASN A 1 2   ? 10.951  8.553   -3.122  1.00 12.50 ? 2   ASN A N   1 
ATOM   15   C CA  . ASN A 1 2   ? 9.612   8.976   -3.487  1.00 11.91 ? 2   ASN A CA  1 
ATOM   16   C C   . ASN A 1 2   ? 8.691   7.785   -3.257  1.00 13.00 ? 2   ASN A C   1 
ATOM   17   O O   . ASN A 1 2   ? 9.152   6.692   -2.881  1.00 12.66 ? 2   ASN A O   1 
ATOM   18   C CB  . ASN A 1 2   ? 9.590   9.455   -4.953  1.00 12.24 ? 2   ASN A CB  1 
ATOM   19   C CG  . ASN A 1 2   ? 10.052  8.385   -5.924  1.00 13.30 ? 2   ASN A CG  1 
ATOM   20   O OD1 . ASN A 1 2   ? 9.478   7.295   -5.996  1.00 12.24 ? 2   ASN A OD1 1 
ATOM   21   N ND2 . ASN A 1 2   ? 11.103  8.683   -6.668  1.00 13.97 ? 2   ASN A ND2 1 
ATOM   22   N N   . ILE A 1 3   ? 7.396   7.981   -3.501  1.00 10.26 ? 3   ILE A N   1 
ATOM   23   C CA  . ILE A 1 3   ? 6.411   6.939   -3.184  1.00 9.40  ? 3   ILE A CA  1 
ATOM   24   C C   . ILE A 1 3   ? 6.633   5.651   -3.973  1.00 12.50 ? 3   ILE A C   1 
ATOM   25   O O   . ILE A 1 3   ? 6.390   4.531   -3.461  1.00 11.38 ? 3   ILE A O   1 
ATOM   26   C CB  . ILE A 1 3   ? 4.952   7.466   -3.354  1.00 10.24 ? 3   ILE A CB  1 
ATOM   27   C CG1 . ILE A 1 3   ? 3.928   6.394   -2.982  1.00 9.30  ? 3   ILE A CG1 1 
ATOM   28   C CG2 . ILE A 1 3   ? 4.732   7.953   -4.791  1.00 11.04 ? 3   ILE A CG2 1 
ATOM   29   C CD1 . ILE A 1 3   ? 3.996   5.892   -1.499  1.00 10.62 ? 3   ILE A CD1 1 
ATOM   30   N N   . PHE A 1 4   ? 7.107   5.782   -5.210  1.00 9.53  ? 4   PHE A N   1 
ATOM   31   C CA  . PHE A 1 4   ? 7.370   4.580   -6.003  1.00 10.74 ? 4   PHE A CA  1 
ATOM   32   C C   . PHE A 1 4   ? 8.536   3.796   -5.441  1.00 12.54 ? 4   PHE A C   1 
ATOM   33   O O   . PHE A 1 4   ? 8.469   2.559   -5.345  1.00 13.48 ? 4   PHE A O   1 
ATOM   34   C CB  . PHE A 1 4   ? 7.584   4.925   -7.483  1.00 11.35 ? 4   PHE A CB  1 
ATOM   35   C CG  . PHE A 1 4   ? 6.341   5.412   -8.134  1.00 10.20 ? 4   PHE A CG  1 
ATOM   36   C CD1 . PHE A 1 4   ? 5.449   4.509   -8.707  1.00 14.77 ? 4   PHE A CD1 1 
ATOM   37   C CD2 . PHE A 1 4   ? 6.056   6.770   -8.156  1.00 12.75 ? 4   PHE A CD2 1 
ATOM   38   C CE1 . PHE A 1 4   ? 4.264   4.960   -9.282  1.00 14.82 ? 4   PHE A CE1 1 
ATOM   39   C CE2 . PHE A 1 4   ? 4.877   7.224   -8.708  1.00 15.23 ? 4   PHE A CE2 1 
ATOM   40   C CZ  . PHE A 1 4   ? 4.002   6.339   -9.291  1.00 13.94 ? 4   PHE A CZ  1 
ATOM   41   N N   . GLU A 1 5   ? 9.598   4.488   -5.059  1.00 11.79 ? 5   GLU A N   1 
ATOM   42   C CA  . GLU A 1 5   ? 10.745  3.773   -4.488  1.00 12.54 ? 5   GLU A CA  1 
ATOM   43   C C   . GLU A 1 5   ? 10.379  3.122   -3.161  1.00 14.28 ? 5   GLU A C   1 
ATOM   44   O O   . GLU A 1 5   ? 10.799  2.003   -2.864  1.00 11.22 ? 5   GLU A O   1 
ATOM   45   C CB  . GLU A 1 5   ? 11.933  4.707   -4.328  1.00 9.63  ? 5   GLU A CB  1 
ATOM   46   C CG  . GLU A 1 5   ? 12.460  5.200   -5.668  1.00 13.38 ? 5   GLU A CG  1 
ATOM   47   C CD  . GLU A 1 5   ? 13.599  6.203   -5.540  1.00 21.22 ? 5   GLU A CD  1 
ATOM   48   O OE1 . GLU A 1 5   ? 13.749  6.805   -4.471  1.00 27.82 ? 5   GLU A OE1 1 
ATOM   49   O OE2 . GLU A 1 5   ? 14.344  6.409   -6.528  1.00 19.75 ? 5   GLU A OE2 1 
ATOM   50   N N   . MET A 1 6   ? 9.586   3.839   -2.376  1.00 10.55 ? 6   MET A N   1 
ATOM   51   C CA  . MET A 1 6   ? 9.199   3.366   -1.049  1.00 9.89  ? 6   MET A CA  1 
ATOM   52   C C   . MET A 1 6   ? 8.364   2.086   -1.187  1.00 9.92  ? 6   MET A C   1 
ATOM   53   O O   . MET A 1 6   ? 8.639   1.062   -0.532  1.00 9.35  ? 6   MET A O   1 
ATOM   54   C CB  . MET A 1 6   ? 8.372   4.447   -0.373  1.00 12.37 ? 6   MET A CB  1 
ATOM   55   C CG  . MET A 1 6   ? 7.970   4.116   1.066   1.00 10.83 ? 6   MET A CG  1 
ATOM   56   S SD  . MET A 1 6   ? 6.596   5.202   1.507   1.00 10.77 ? 6   MET A SD  1 
ATOM   57   C CE  . MET A 1 6   ? 6.759   5.254   3.275   1.00 13.86 ? 6   MET A CE  1 
ATOM   58   N N   . LEU A 1 7   ? 7.338   2.126   -2.037  1.00 11.06 ? 7   LEU A N   1 
ATOM   59   C CA  . LEU A 1 7   ? 6.487   0.938   -2.195  1.00 10.13 ? 7   LEU A CA  1 
ATOM   60   C C   . LEU A 1 7   ? 7.223   -0.177  -2.926  1.00 11.27 ? 7   LEU A C   1 
ATOM   61   O O   . LEU A 1 7   ? 6.972   -1.340  -2.643  1.00 12.04 ? 7   LEU A O   1 
ATOM   62   C CB  . LEU A 1 7   ? 5.168   1.301   -2.901  1.00 9.22  ? 7   LEU A CB  1 
ATOM   63   C CG  . LEU A 1 7   ? 4.119   1.862   -1.939  1.00 8.93  ? 7   LEU A CG  1 
ATOM   64   C CD1 . LEU A 1 7   ? 2.969   2.538   -2.755  1.00 11.03 ? 7   LEU A CD1 1 
ATOM   65   C CD2 . LEU A 1 7   ? 3.573   0.719   -1.071  1.00 10.93 ? 7   LEU A CD2 1 
ATOM   66   N N   . ARG A 1 8   ? 8.146   0.155   -3.834  1.00 11.27 ? 8   ARG A N   1 
ATOM   67   C CA  . ARG A 1 8   ? 8.951   -0.914  -4.475  1.00 12.83 ? 8   ARG A CA  1 
ATOM   68   C C   . ARG A 1 8   ? 9.772   -1.668  -3.416  1.00 12.53 ? 8   ARG A C   1 
ATOM   69   O O   . ARG A 1 8   ? 9.909   -2.901  -3.475  1.00 13.90 ? 8   ARG A O   1 
ATOM   70   C CB  . ARG A 1 8   ? 9.863   -0.326  -5.554  1.00 14.51 ? 8   ARG A CB  1 
ATOM   71   C CG  . ARG A 1 8   ? 10.866  -1.295  -6.143  1.00 14.59 ? 8   ARG A CG  1 
ATOM   72   C CD  . ARG A 1 8   ? 10.208  -2.463  -6.852  1.00 16.75 ? 8   ARG A CD  1 
ATOM   73   N NE  . ARG A 1 8   ? 11.259  -3.278  -7.464  1.00 21.60 ? 8   ARG A NE  1 
ATOM   74   C CZ  . ARG A 1 8   ? 12.001  -4.165  -6.798  1.00 30.02 ? 8   ARG A CZ  1 
ATOM   75   N NH1 . ARG A 1 8   ? 11.796  -4.383  -5.506  1.00 24.26 ? 8   ARG A NH1 1 
ATOM   76   N NH2 . ARG A 1 8   ? 12.960  -4.846  -7.434  1.00 27.88 ? 8   ARG A NH2 1 
ATOM   77   N N   . ILE A 1 9   ? 10.326  -0.948  -2.441  1.00 10.22 ? 9   ILE A N   1 
ATOM   78   C CA  . ILE A 1 9   ? 11.025  -1.615  -1.335  1.00 12.51 ? 9   ILE A CA  1 
ATOM   79   C C   . ILE A 1 9   ? 10.067  -2.481  -0.514  1.00 13.40 ? 9   ILE A C   1 
ATOM   80   O O   . ILE A 1 9   ? 10.361  -3.655  -0.183  1.00 14.53 ? 9   ILE A O   1 
ATOM   81   C CB  . ILE A 1 9   ? 11.709  -0.572  -0.439  1.00 12.26 ? 9   ILE A CB  1 
ATOM   82   C CG1 . ILE A 1 9   ? 12.926  -0.006  -1.164  1.00 15.67 ? 9   ILE A CG1 1 
ATOM   83   C CG2 . ILE A 1 9   ? 12.123  -1.175  0.932   1.00 17.30 ? 9   ILE A CG2 1 
ATOM   84   C CD1 . ILE A 1 9   ? 13.437  1.257   -0.566  1.00 16.81 ? 9   ILE A CD1 1 
ATOM   85   N N   . ASP A 1 10  ? 8.906   -1.926  -0.164  1.00 10.96 ? 10  ASP A N   1 
ATOM   86   C CA  . ASP A 1 10  ? 7.982   -2.653  0.693   1.00 11.86 ? 10  ASP A CA  1 
ATOM   87   C C   . ASP A 1 10  ? 7.284   -3.852  0.013   1.00 10.06 ? 10  ASP A C   1 
ATOM   88   O O   . ASP A 1 10  ? 6.959   -4.845  0.679   1.00 14.94 ? 10  ASP A O   1 
ATOM   89   C CB  . ASP A 1 10  ? 6.922   -1.712  1.281   1.00 11.86 ? 10  ASP A CB  1 
ATOM   90   C CG  . ASP A 1 10  ? 7.486   -0.803  2.365   1.00 13.05 ? 10  ASP A CG  1 
ATOM   91   O OD1 . ASP A 1 10  ? 8.480   -1.196  3.007   1.00 12.95 ? 10  ASP A OD1 1 
ATOM   92   O OD2 . ASP A 1 10  ? 6.915   0.285   2.598   1.00 12.06 ? 10  ASP A OD2 1 
ATOM   93   N N   . GLU A 1 11  ? 7.050   -3.758  -1.289  1.00 10.95 ? 11  GLU A N   1 
ATOM   94   C CA  . GLU A 1 11  ? 6.287   -4.804  -1.986  1.00 11.23 ? 11  GLU A CA  1 
ATOM   95   C C   . GLU A 1 11  ? 7.155   -5.773  -2.773  1.00 13.70 ? 11  GLU A C   1 
ATOM   96   O O   . GLU A 1 11  ? 6.712   -6.872  -3.083  1.00 16.46 ? 11  GLU A O   1 
ATOM   97   C CB  . GLU A 1 11  ? 5.261   -4.165  -2.930  1.00 11.34 ? 11  GLU A CB  1 
ATOM   98   C CG  . GLU A 1 11  ? 4.228   -3.289  -2.215  1.00 13.30 ? 11  GLU A CG  1 
ATOM   99   C CD  . GLU A 1 11  ? 3.188   -4.062  -1.383  1.00 17.80 ? 11  GLU A CD  1 
ATOM   100  O OE1 . GLU A 1 11  ? 3.152   -5.336  -1.403  1.00 18.39 ? 11  GLU A OE1 1 
ATOM   101  O OE2 . GLU A 1 11  ? 2.372   -3.390  -0.719  1.00 18.55 ? 11  GLU A OE2 1 
ATOM   102  N N   . GLY A 1 12  ? 8.369   -5.367  -3.118  1.00 14.41 ? 12  GLY A N   1 
ATOM   103  C CA  . GLY A 1 12  ? 9.204   -6.197  -3.975  1.00 14.66 ? 12  GLY A CA  1 
ATOM   104  C C   . GLY A 1 12  ? 8.726   -6.203  -5.424  1.00 16.71 ? 12  GLY A C   1 
ATOM   105  O O   . GLY A 1 12  ? 7.843   -5.438  -5.816  1.00 15.29 ? 12  GLY A O   1 
ATOM   106  N N   . LEU A 1 13  ? 9.328   -7.061  -6.235  1.00 13.91 ? 13  LEU A N   1 
ATOM   107  C CA  . LEU A 1 13  ? 8.900   -7.193  -7.630  1.00 14.31 ? 13  LEU A CA  1 
ATOM   108  C C   . LEU A 1 13  ? 8.982   -8.661  -7.991  1.00 15.79 ? 13  LEU A C   1 
ATOM   109  O O   . LEU A 1 13  ? 10.063  -9.268  -7.919  1.00 17.38 ? 13  LEU A O   1 
ATOM   110  C CB  . LEU A 1 13  ? 9.777   -6.376  -8.573  1.00 16.54 ? 13  LEU A CB  1 
ATOM   111  C CG  . LEU A 1 13  ? 9.595   -6.672  -10.074 1.00 20.61 ? 13  LEU A CG  1 
ATOM   112  C CD1 . LEU A 1 13  ? 8.222   -6.243  -10.568 1.00 19.76 ? 13  LEU A CD1 1 
ATOM   113  C CD2 . LEU A 1 13  ? 10.695  -5.955  -10.868 1.00 22.71 ? 13  LEU A CD2 1 
ATOM   114  N N   . ARG A 1 14  ? 7.841   -9.246  -8.338  1.00 13.24 ? 14  ARG A N   1 
ATOM   115  C CA  A ARG A 1 14  ? 7.816   -10.631 -8.798  0.60 13.45 ? 14  ARG A CA  1 
ATOM   116  C CA  B ARG A 1 14  ? 7.803   -10.634 -8.789  0.40 13.50 ? 14  ARG A CA  1 
ATOM   117  C C   . ARG A 1 14  ? 6.988   -10.699 -10.069 1.00 16.99 ? 14  ARG A C   1 
ATOM   118  O O   . ARG A 1 14  ? 5.906   -10.134 -10.144 1.00 16.19 ? 14  ARG A O   1 
ATOM   119  C CB  A ARG A 1 14  ? 7.290   -11.577 -7.698  0.60 15.89 ? 14  ARG A CB  1 
ATOM   120  C CB  B ARG A 1 14  ? 7.235   -11.562 -7.699  0.40 15.85 ? 14  ARG A CB  1 
ATOM   121  C CG  A ARG A 1 14  ? 8.142   -11.516 -6.402  0.60 16.82 ? 14  ARG A CG  1 
ATOM   122  C CG  B ARG A 1 14  ? 8.275   -11.976 -6.637  0.40 17.77 ? 14  ARG A CG  1 
ATOM   123  C CD  A ARG A 1 14  ? 7.628   -12.448 -5.278  0.60 22.67 ? 14  ARG A CD  1 
ATOM   124  C CD  B ARG A 1 14  ? 7.654   -12.316 -5.261  0.40 22.55 ? 14  ARG A CD  1 
ATOM   125  N NE  A ARG A 1 14  ? 7.795   -13.858 -5.618  0.60 23.75 ? 14  ARG A NE  1 
ATOM   126  N NE  B ARG A 1 14  ? 7.268   -11.118 -4.513  0.40 25.24 ? 14  ARG A NE  1 
ATOM   127  C CZ  A ARG A 1 14  ? 7.449   -14.876 -4.835  0.60 28.89 ? 14  ARG A CZ  1 
ATOM   128  C CZ  B ARG A 1 14  ? 6.891   -11.104 -3.238  0.40 23.28 ? 14  ARG A CZ  1 
ATOM   129  N NH1 A ARG A 1 14  ? 6.907   -14.660 -3.643  0.60 19.57 ? 14  ARG A NH1 1 
ATOM   130  N NH1 B ARG A 1 14  ? 6.848   -12.230 -2.525  0.40 20.76 ? 14  ARG A NH1 1 
ATOM   131  N NH2 A ARG A 1 14  ? 7.645   -16.120 -5.257  0.60 28.56 ? 14  ARG A NH2 1 
ATOM   132  N NH2 B ARG A 1 14  ? 6.564   -9.954  -2.667  0.40 24.39 ? 14  ARG A NH2 1 
ATOM   133  N N   . LEU A 1 15  ? 7.525   -11.374 -11.091 1.00 14.12 ? 15  LEU A N   1 
ATOM   134  C CA  . LEU A 1 15  ? 6.890   -11.394 -12.413 1.00 12.87 ? 15  LEU A CA  1 
ATOM   135  C C   . LEU A 1 15  ? 5.941   -12.576 -12.637 1.00 16.50 ? 15  LEU A C   1 
ATOM   136  O O   . LEU A 1 15  ? 5.244   -12.628 -13.654 1.00 18.35 ? 15  LEU A O   1 
ATOM   137  C CB  . LEU A 1 15  ? 7.950   -11.334 -13.524 1.00 16.57 ? 15  LEU A CB  1 
ATOM   138  C CG  . LEU A 1 15  ? 8.865   -10.094 -13.538 1.00 17.52 ? 15  LEU A CG  1 
ATOM   139  C CD1 . LEU A 1 15  ? 9.782   -10.127 -14.745 1.00 25.08 ? 15  LEU A CD1 1 
ATOM   140  C CD2 . LEU A 1 15  ? 8.021   -8.815  -13.535 1.00 19.50 ? 15  LEU A CD2 1 
ATOM   141  N N   . LYS A 1 16  ? 5.888   -13.502 -11.687 1.00 14.19 ? 16  LYS A N   1 
ATOM   142  C CA  . LYS A 1 16  ? 4.959   -14.622 -11.753 1.00 14.22 ? 16  LYS A CA  1 
ATOM   143  C C   . LYS A 1 16  ? 3.975   -14.518 -10.607 1.00 13.28 ? 16  LYS A C   1 
ATOM   144  O O   . LYS A 1 16  ? 4.325   -13.986 -9.535  1.00 15.44 ? 16  LYS A O   1 
ATOM   145  C CB  . LYS A 1 16  ? 5.738   -15.946 -11.669 1.00 19.18 ? 16  LYS A CB  1 
ATOM   146  C CG  . LYS A 1 16  ? 6.859   -16.059 -12.692 0.70 25.97 ? 16  LYS A CG  1 
ATOM   147  C CD  . LYS A 1 16  ? 7.568   -17.415 -12.583 0.70 31.05 ? 16  LYS A CD  1 
ATOM   148  N N   . ILE A 1 17  ? 2.748   -14.990 -10.805 1.00 12.58 ? 17  ILE A N   1 
ATOM   149  C CA  . ILE A 1 17  ? 1.766   -14.968 -9.727  1.00 12.53 ? 17  ILE A CA  1 
ATOM   150  C C   . ILE A 1 17  ? 2.337   -15.567 -8.452  1.00 17.89 ? 17  ILE A C   1 
ATOM   151  O O   . ILE A 1 17  ? 2.940   -16.655 -8.480  1.00 17.35 ? 17  ILE A O   1 
ATOM   152  C CB  . ILE A 1 17  ? 0.482   -15.711 -10.098 1.00 13.21 ? 17  ILE A CB  1 
ATOM   153  C CG1 . ILE A 1 17  ? -0.245  -14.958 -11.233 1.00 10.95 ? 17  ILE A CG1 1 
ATOM   154  C CG2 . ILE A 1 17  ? -0.431  -15.868 -8.893  1.00 13.79 ? 17  ILE A CG2 1 
ATOM   155  C CD1 . ILE A 1 17  ? -1.470  -15.686 -11.791 1.00 13.64 ? 17  ILE A CD1 1 
ATOM   156  N N   . TYR A 1 18  ? 2.153   -14.843 -7.345  1.00 14.01 ? 18  TYR A N   1 
ATOM   157  C CA  . TYR A 1 18  ? 2.616   -15.308 -6.031  1.00 14.34 ? 18  TYR A CA  1 
ATOM   158  C C   . TYR A 1 18  ? 1.535   -15.043 -4.987  1.00 16.37 ? 18  TYR A C   1 
ATOM   159  O O   . TYR A 1 18  ? 0.542   -14.386 -5.264  1.00 14.55 ? 18  TYR A O   1 
ATOM   160  C CB  . TYR A 1 18  ? 3.924   -14.593 -5.624  1.00 15.42 ? 18  TYR A CB  1 
ATOM   161  C CG  . TYR A 1 18  ? 3.830   -13.086 -5.413  1.00 13.80 ? 18  TYR A CG  1 
ATOM   162  C CD1 . TYR A 1 18  ? 3.959   -12.198 -6.485  1.00 13.68 ? 18  TYR A CD1 1 
ATOM   163  C CD2 . TYR A 1 18  ? 3.675   -12.540 -4.119  1.00 16.62 ? 18  TYR A CD2 1 
ATOM   164  C CE1 . TYR A 1 18  ? 3.920   -10.817 -6.306  1.00 16.04 ? 18  TYR A CE1 1 
ATOM   165  C CE2 . TYR A 1 18  ? 3.621   -11.139 -3.936  1.00 17.09 ? 18  TYR A CE2 1 
ATOM   166  C CZ  . TYR A 1 18  ? 3.739   -10.298 -5.025  1.00 19.84 ? 18  TYR A CZ  1 
ATOM   167  O OH  . TYR A 1 18  ? 3.704   -8.908  -4.872  1.00 17.77 ? 18  TYR A OH  1 
ATOM   168  N N   . LYS A 1 19  ? 1.710   -15.574 -3.782  1.00 16.02 ? 19  LYS A N   1 
ATOM   169  C CA  . LYS A 1 19  ? 0.793   -15.235 -2.703  1.00 15.76 ? 19  LYS A CA  1 
ATOM   170  C C   . LYS A 1 19  ? 1.396   -14.195 -1.809  1.00 15.95 ? 19  LYS A C   1 
ATOM   171  O O   . LYS A 1 19  ? 2.575   -14.283 -1.446  1.00 18.35 ? 19  LYS A O   1 
ATOM   172  C CB  . LYS A 1 19  ? 0.423   -16.460 -1.870  1.00 15.44 ? 19  LYS A CB  1 
ATOM   173  C CG  . LYS A 1 19  ? -0.481  -17.429 -2.597  1.00 17.88 ? 19  LYS A CG  1 
ATOM   174  C CD  . LYS A 1 19  ? -0.778  -18.624 -1.726  1.00 18.88 ? 19  LYS A CD  1 
ATOM   175  C CE  . LYS A 1 19  ? -1.790  -19.556 -2.390  1.00 22.83 ? 19  LYS A CE  1 
ATOM   176  N NZ  . LYS A 1 19  ? -2.089  -20.720 -1.512  1.00 23.77 ? 19  LYS A NZ  1 
ATOM   177  N N   . ASP A 1 20  ? 0.581   -13.203 -1.453  1.00 13.02 ? 20  ASP A N   1 
ATOM   178  C CA  . ASP A 1 20  ? 1.048   -12.114 -0.628  1.00 13.84 ? 20  ASP A CA  1 
ATOM   179  C C   . ASP A 1 20  ? 1.105   -12.559 0.829   1.00 14.62 ? 20  ASP A C   1 
ATOM   180  O O   . ASP A 1 20  ? 0.902   -13.744 1.142   1.00 15.16 ? 20  ASP A O   1 
ATOM   181  C CB  . ASP A 1 20  ? 0.205   -10.847 -0.825  1.00 18.29 ? 20  ASP A CB  1 
ATOM   182  C CG  . ASP A 1 20  ? -1.180  -10.946 -0.228  1.00 22.60 ? 20  ASP A CG  1 
ATOM   183  O OD1 . ASP A 1 20  ? -1.532  -11.974 0.381   1.00 16.84 ? 20  ASP A OD1 1 
ATOM   184  O OD2 . ASP A 1 20  ? -1.956  -9.968  -0.370  1.00 24.06 ? 20  ASP A OD2 1 
ATOM   185  N N   . THR A 1 21  ? 1.368   -11.633 1.731   1.00 14.94 ? 21  THR A N   1 
ATOM   186  C CA  A THR A 1 21  ? 1.539   -11.979 3.146   0.70 14.97 ? 21  THR A CA  1 
ATOM   187  C CA  B THR A 1 21  ? 1.561   -12.074 3.106   0.30 14.84 ? 21  THR A CA  1 
ATOM   188  C C   . THR A 1 21  ? 0.267   -12.574 3.739   1.00 15.84 ? 21  THR A C   1 
ATOM   189  O O   . THR A 1 21  ? 0.311   -13.271 4.760   1.00 15.18 ? 21  THR A O   1 
ATOM   190  C CB  A THR A 1 21  ? 1.918   -10.732 3.994   0.70 16.74 ? 21  THR A CB  1 
ATOM   191  C CB  B THR A 1 21  ? 2.201   -11.008 3.997   0.30 17.51 ? 21  THR A CB  1 
ATOM   192  O OG1 A THR A 1 21  ? 0.830   -9.798  3.997   0.70 18.86 ? 21  THR A OG1 1 
ATOM   193  O OG1 B THR A 1 21  ? 2.541   -11.605 5.256   0.30 16.77 ? 21  THR A OG1 1 
ATOM   194  C CG2 A THR A 1 21  ? 3.199   -10.063 3.470   0.70 15.50 ? 21  THR A CG2 1 
ATOM   195  C CG2 B THR A 1 21  ? 1.243   -9.848  4.212   0.30 19.25 ? 21  THR A CG2 1 
ATOM   196  N N   . GLU A 1 22  ? -0.890  -12.255 3.129   1.00 14.12 ? 22  GLU A N   1 
ATOM   197  C CA  . GLU A 1 22  ? -2.177  -12.772 3.608   1.00 14.55 ? 22  GLU A CA  1 
ATOM   198  C C   . GLU A 1 22  ? -2.622  -14.049 2.892   1.00 14.87 ? 22  GLU A C   1 
ATOM   199  O O   . GLU A 1 22  ? -3.715  -14.570 3.154   1.00 17.19 ? 22  GLU A O   1 
ATOM   200  C CB  . GLU A 1 22  ? -3.276  -11.721 3.456   1.00 15.88 ? 22  GLU A CB  1 
ATOM   201  C CG  . GLU A 1 22  ? -2.977  -10.418 4.175   1.00 17.27 ? 22  GLU A CG  1 
ATOM   202  C CD  . GLU A 1 22  ? -3.166  -10.477 5.679   1.00 31.56 ? 22  GLU A CD  1 
ATOM   203  O OE1 . GLU A 1 22  ? -3.671  -11.496 6.191   1.00 26.61 ? 22  GLU A OE1 1 
ATOM   204  O OE2 . GLU A 1 22  ? -2.811  -9.476  6.345   1.00 29.02 ? 22  GLU A OE2 1 
ATOM   205  N N   . GLY A 1 23  ? -1.782  -14.549 1.991   1.00 13.41 ? 23  GLY A N   1 
ATOM   206  C CA  . GLY A 1 23  ? -2.113  -15.738 1.223   1.00 13.72 ? 23  GLY A CA  1 
ATOM   207  C C   . GLY A 1 23  ? -2.918  -15.502 -0.046  1.00 17.88 ? 23  GLY A C   1 
ATOM   208  O O   . GLY A 1 23  ? -3.440  -16.452 -0.618  1.00 18.70 ? 23  GLY A O   1 
ATOM   209  N N   . TYR A 1 24  ? -2.995  -14.251 -0.508  1.00 14.41 ? 24  TYR A N   1 
ATOM   210  C CA  . TYR A 1 24  ? -3.798  -13.922 -1.692  1.00 12.87 ? 24  TYR A CA  1 
ATOM   211  C C   . TYR A 1 24  ? -2.972  -13.787 -2.950  1.00 11.87 ? 24  TYR A C   1 
ATOM   212  O O   . TYR A 1 24  ? -1.886  -13.221 -2.945  1.00 12.72 ? 24  TYR A O   1 
ATOM   213  C CB  . TYR A 1 24  ? -4.504  -12.589 -1.498  1.00 11.23 ? 24  TYR A CB  1 
ATOM   214  C CG  . TYR A 1 24  ? -5.477  -12.548 -0.354  1.00 17.13 ? 24  TYR A CG  1 
ATOM   215  C CD1 . TYR A 1 24  ? -6.386  -13.574 -0.153  1.00 21.92 ? 24  TYR A CD1 1 
ATOM   216  C CD2 . TYR A 1 24  ? -5.476  -11.482 0.521   1.00 18.63 ? 24  TYR A CD2 1 
ATOM   217  C CE1 . TYR A 1 24  ? -7.294  -13.525 0.899   1.00 30.12 ? 24  TYR A CE1 1 
ATOM   218  C CE2 . TYR A 1 24  ? -6.371  -11.437 1.586   1.00 21.10 ? 24  TYR A CE2 1 
ATOM   219  C CZ  . TYR A 1 24  ? -7.267  -12.454 1.767   1.00 31.04 ? 24  TYR A CZ  1 
ATOM   220  O OH  . TYR A 1 24  ? -8.159  -12.381 2.829   1.00 32.25 ? 24  TYR A OH  1 
ATOM   221  N N   . TYR A 1 25  ? -3.529  -14.262 -4.060  1.00 12.13 ? 25  TYR A N   1 
ATOM   222  C CA  . TYR A 1 25  ? -2.812  -14.216 -5.325  1.00 13.00 ? 25  TYR A CA  1 
ATOM   223  C C   . TYR A 1 25  ? -2.563  -12.772 -5.753  1.00 11.32 ? 25  TYR A C   1 
ATOM   224  O O   . TYR A 1 25  ? -3.482  -11.954 -5.797  1.00 12.82 ? 25  TYR A O   1 
ATOM   225  C CB  . TYR A 1 25  ? -3.581  -14.976 -6.410  1.00 12.72 ? 25  TYR A CB  1 
ATOM   226  C CG  . TYR A 1 25  ? -3.591  -16.467 -6.176  1.00 13.64 ? 25  TYR A CG  1 
ATOM   227  C CD1 . TYR A 1 25  ? -2.402  -17.184 -6.174  1.00 15.73 ? 25  TYR A CD1 1 
ATOM   228  C CD2 . TYR A 1 25  ? -4.788  -17.141 -5.973  1.00 16.73 ? 25  TYR A CD2 1 
ATOM   229  C CE1 . TYR A 1 25  ? -2.401  -18.566 -5.961  1.00 19.41 ? 25  TYR A CE1 1 
ATOM   230  C CE2 . TYR A 1 25  ? -4.801  -18.529 -5.759  1.00 19.97 ? 25  TYR A CE2 1 
ATOM   231  C CZ  . TYR A 1 25  ? -3.608  -19.217 -5.767  1.00 22.27 ? 25  TYR A CZ  1 
ATOM   232  O OH  . TYR A 1 25  ? -3.601  -20.588 -5.553  1.00 29.07 ? 25  TYR A OH  1 
ATOM   233  N N   . THR A 1 26  ? -1.303  -12.524 -6.100  1.00 10.74 ? 26  THR A N   1 
ATOM   234  C CA  . THR A 1 26  ? -0.750  -11.194 -6.338  1.00 12.41 ? 26  THR A CA  1 
ATOM   235  C C   . THR A 1 26  ? 0.267   -11.308 -7.451  1.00 13.36 ? 26  THR A C   1 
ATOM   236  O O   . THR A 1 26  ? 0.752   -12.404 -7.748  1.00 13.03 ? 26  THR A O   1 
ATOM   237  C CB  . THR A 1 26  ? -0.081  -10.712 -5.018  1.00 10.03 ? 26  THR A CB  1 
ATOM   238  O OG1 . THR A 1 26  ? -1.094  -10.660 -4.010  1.00 14.98 ? 26  THR A OG1 1 
ATOM   239  C CG2 . THR A 1 26  ? 0.494   -9.313  -5.135  1.00 10.88 ? 26  THR A CG2 1 
ATOM   240  N N   . ILE A 1 27  ? 0.620   -10.198 -8.085  1.00 10.79 ? 27  ILE A N   1 
ATOM   241  C CA  . ILE A 1 27  ? 1.715   -10.215 -9.059  1.00 9.82  ? 27  ILE A CA  1 
ATOM   242  C C   . ILE A 1 27  ? 2.384   -8.862  -9.099  1.00 12.28 ? 27  ILE A C   1 
ATOM   243  O O   . ILE A 1 27  ? 1.819   -7.885  -8.607  1.00 12.14 ? 27  ILE A O   1 
ATOM   244  C CB  . ILE A 1 27  ? 1.203   -10.580 -10.468 1.00 11.10 ? 27  ILE A CB  1 
ATOM   245  C CG1 . ILE A 1 27  ? 2.367   -11.032 -11.371 1.00 13.86 ? 27  ILE A CG1 1 
ATOM   246  C CG2 . ILE A 1 27  ? 0.382   -9.408  -11.092 1.00 14.20 ? 27  ILE A CG2 1 
ATOM   247  C CD1 . ILE A 1 27  ? 1.949   -11.900 -12.595 1.00 14.96 ? 27  ILE A CD1 1 
ATOM   248  N N   . GLY A 1 28  ? 3.587   -8.815  -9.617  1.00 11.07 ? 28  GLY A N   1 
ATOM   249  C CA  . GLY A 1 28  ? 4.209   -7.549  -9.851  1.00 11.92 ? 28  GLY A CA  1 
ATOM   250  C C   . GLY A 1 28  ? 4.689   -6.904  -8.578  1.00 14.25 ? 28  GLY A C   1 
ATOM   251  O O   . GLY A 1 28  ? 5.299   -7.512  -7.786  1.00 14.30 ? 28  GLY A O   1 
ATOM   252  N N   . ILE A 1 29  ? 4.399   -5.620  -8.451  1.00 11.29 ? 29  ILE A N   1 
ATOM   253  C CA  . ILE A 1 29  ? 4.732   -4.853  -7.284  1.00 11.38 ? 29  ILE A CA  1 
ATOM   254  C C   . ILE A 1 29  ? 3.510   -4.755  -6.379  1.00 12.16 ? 29  ILE A C   1 
ATOM   255  O O   . ILE A 1 29  ? 2.910   -3.786  -6.291  1.00 13.09 ? 29  ILE A O   1 
ATOM   256  C CB  . ILE A 1 29  ? 5.312   -3.476  -7.659  1.00 11.00 ? 29  ILE A CB  1 
ATOM   257  C CG1 . ILE A 1 29  ? 6.434   -3.657  -8.689  1.00 12.71 ? 29  ILE A CG1 1 
ATOM   258  C CG2 . ILE A 1 29  ? 5.874   -2.793  -6.465  1.00 13.49 ? 29  ILE A CG2 1 
ATOM   259  C CD1 . ILE A 1 29  ? 6.837   -2.459  -9.396  1.00 18.37 ? 29  ILE A CD1 1 
ATOM   260  N N   . GLY A 1 30  ? 3.163   -5.869  -5.783  1.00 10.91 ? 30  GLY A N   1 
ATOM   261  C CA  . GLY A 1 30  ? 2.041   -5.888  -4.905  1.00 11.15 ? 30  GLY A CA  1 
ATOM   262  C C   . GLY A 1 30  ? 0.684   -5.650  -5.500  1.00 11.86 ? 30  GLY A C   1 
ATOM   263  O O   . GLY A 1 30  ? -0.183  -5.198  -4.838  1.00 13.03 ? 30  GLY A O   1 
ATOM   264  N N   . HIS A 1 31  ? 0.537   -6.032  -6.743  1.00 12.09 ? 31  HIS A N   1 
ATOM   265  C CA  . HIS A 1 31  ? -0.778  -5.906  -7.351  1.00 11.23 ? 31  HIS A CA  1 
ATOM   266  C C   . HIS A 1 31  ? -1.657  -7.110  -6.971  1.00 11.20 ? 31  HIS A C   1 
ATOM   267  O O   . HIS A 1 31  ? -1.462  -8.231  -7.475  1.00 12.63 ? 31  HIS A O   1 
ATOM   268  C CB  . HIS A 1 31  ? -0.681  -5.831  -8.866  1.00 11.11 ? 31  HIS A CB  1 
ATOM   269  C CG  . HIS A 1 31  ? -2.019  -5.692  -9.509  1.00 11.52 ? 31  HIS A CG  1 
ATOM   270  N ND1 . HIS A 1 31  ? -2.694  -4.489  -9.564  1.00 15.04 ? 31  HIS A ND1 1 
ATOM   271  C CD2 . HIS A 1 31  ? -2.846  -6.619  -10.046 1.00 13.93 ? 31  HIS A CD2 1 
ATOM   272  C CE1 . HIS A 1 31  ? -3.870  -4.680  -10.137 1.00 17.48 ? 31  HIS A CE1 1 
ATOM   273  N NE2 . HIS A 1 31  ? -3.981  -5.960  -10.450 1.00 14.29 ? 31  HIS A NE2 1 
ATOM   274  N N   . LEU A 1 32  ? -2.644  -6.875  -6.116  1.00 10.42 ? 32  LEU A N   1 
ATOM   275  C CA  . LEU A 1 32  ? -3.543  -7.963  -5.694  1.00 11.00 ? 32  LEU A CA  1 
ATOM   276  C C   . LEU A 1 32  ? -4.418  -8.388  -6.859  1.00 11.13 ? 32  LEU A C   1 
ATOM   277  O O   . LEU A 1 32  ? -5.020  -7.538  -7.523  1.00 14.26 ? 32  LEU A O   1 
ATOM   278  C CB  . LEU A 1 32  ? -4.421  -7.483  -4.538  1.00 13.29 ? 32  LEU A CB  1 
ATOM   279  C CG  . LEU A 1 32  ? -5.599  -8.379  -4.156  1.00 17.87 ? 32  LEU A CG  1 
ATOM   280  C CD1 . LEU A 1 32  ? -5.030  -9.643  -3.535  1.00 15.51 ? 32  LEU A CD1 1 
ATOM   281  C CD2 . LEU A 1 32  ? -6.545  -7.657  -3.186  1.00 21.12 ? 32  LEU A CD2 1 
ATOM   282  N N   . LEU A 1 33  ? -4.490  -9.696  -7.130  1.00 11.82 ? 33  LEU A N   1 
ATOM   283  C CA  . LEU A 1 33  ? -5.307  -10.151 -8.272  1.00 13.28 ? 33  LEU A CA  1 
ATOM   284  C C   . LEU A 1 33  ? -6.699  -10.554 -7.801  1.00 14.45 ? 33  LEU A C   1 
ATOM   285  O O   . LEU A 1 33  ? -7.713  -10.208 -8.434  1.00 17.49 ? 33  LEU A O   1 
ATOM   286  C CB  . LEU A 1 33  ? -4.624  -11.321 -8.977  1.00 12.22 ? 33  LEU A CB  1 
ATOM   287  C CG  . LEU A 1 33  ? -3.409  -10.886 -9.796  1.00 12.12 ? 33  LEU A CG  1 
ATOM   288  C CD1 . LEU A 1 33  ? -2.555  -12.139 -10.192 1.00 11.68 ? 33  LEU A CD1 1 
ATOM   289  C CD2 . LEU A 1 33  ? -3.791  -10.102 -11.047 1.00 12.35 ? 33  LEU A CD2 1 
ATOM   290  N N   . THR A 1 34  ? -6.761  -11.276 -6.685  1.00 14.99 ? 34  THR A N   1 
ATOM   291  C CA  . THR A 1 34  ? -8.037  -11.756 -6.171  1.00 16.31 ? 34  THR A CA  1 
ATOM   292  C C   . THR A 1 34  ? -7.851  -12.303 -4.776  1.00 16.22 ? 34  THR A C   1 
ATOM   293  O O   . THR A 1 34  ? -6.747  -12.722 -4.398  1.00 18.17 ? 34  THR A O   1 
ATOM   294  C CB  . THR A 1 34  ? -8.643  -12.888 -7.082  1.00 21.89 ? 34  THR A CB  1 
ATOM   295  O OG1 . THR A 1 34  ? -9.924  -13.271 -6.569  1.00 21.55 ? 34  THR A OG1 1 
ATOM   296  C CG2 . THR A 1 34  ? -7.735  -14.122 -7.144  1.00 19.89 ? 34  THR A CG2 1 
ATOM   297  N N   . LYS A 1 35  ? -8.926  -12.320 -4.006  1.00 16.82 ? 35  LYS A N   1 
ATOM   298  C CA  . LYS A 1 35  ? -8.876  -12.956 -2.700  1.00 21.02 ? 35  LYS A CA  1 
ATOM   299  C C   . LYS A 1 35  ? -9.401  -14.389 -2.789  1.00 23.67 ? 35  LYS A C   1 
ATOM   300  O O   . LYS A 1 35  ? -9.378  -15.135 -1.811  1.00 25.93 ? 35  LYS A O   1 
ATOM   301  C CB  . LYS A 1 35  ? -9.650  -12.132 -1.664  1.00 22.77 ? 35  LYS A CB  1 
ATOM   302  C CG  . LYS A 1 35  ? -8.991  -10.811 -1.362  1.00 19.54 ? 35  LYS A CG  1 
ATOM   303  C CD  . LYS A 1 35  ? -9.659  -10.100 -0.205  1.00 25.14 ? 35  LYS A CD  1 
ATOM   304  C CE  . LYS A 1 35  ? -8.960  -8.782  0.073   1.00 30.12 ? 35  LYS A CE  1 
ATOM   305  N NZ  . LYS A 1 35  ? -9.631  -8.014  1.167   1.00 41.08 ? 35  LYS A NZ  1 
ATOM   306  N N   . SER A 1 36  ? -9.832  -14.777 -3.983  1.00 22.94 ? 36  SER A N   1 
ATOM   307  C CA  . SER A 1 36  ? -10.299 -16.149 -4.218  1.00 24.84 ? 36  SER A CA  1 
ATOM   308  C C   . SER A 1 36  ? -9.172  -17.161 -4.108  1.00 24.30 ? 36  SER A C   1 
ATOM   309  O O   . SER A 1 36  ? -8.065  -16.907 -4.561  1.00 18.89 ? 36  SER A O   1 
ATOM   310  C CB  . SER A 1 36  ? -10.893 -16.251 -5.612  1.00 25.17 ? 36  SER A CB  1 
ATOM   311  O OG  . SER A 1 36  ? -11.117 -17.614 -5.912  1.00 27.98 ? 36  SER A OG  1 
ATOM   312  N N   . PRO A 1 37  ? -9.452  -18.335 -3.519  1.00 23.37 ? 37  PRO A N   1 
ATOM   313  C CA  . PRO A 1 37  ? -8.426  -19.386 -3.432  1.00 23.17 ? 37  PRO A CA  1 
ATOM   314  C C   . PRO A 1 37  ? -8.105  -20.059 -4.777  1.00 22.99 ? 37  PRO A C   1 
ATOM   315  O O   . PRO A 1 37  ? -7.189  -20.863 -4.877  1.00 27.63 ? 37  PRO A O   1 
ATOM   316  C CB  . PRO A 1 37  ? -9.040  -20.398 -2.457  1.00 28.37 ? 37  PRO A CB  1 
ATOM   317  C CG  . PRO A 1 37  ? -10.504 -20.152 -2.529  1.00 30.64 ? 37  PRO A CG  1 
ATOM   318  C CD  . PRO A 1 37  ? -10.689 -18.693 -2.807  1.00 24.06 ? 37  PRO A CD  1 
ATOM   319  N N   . SER A 1 38  ? -8.817  -19.673 -5.823  1.00 22.28 ? 38  SER A N   1 
ATOM   320  C CA  . SER A 1 38  ? -8.618  -20.292 -7.128  1.00 22.92 ? 38  SER A CA  1 
ATOM   321  C C   . SER A 1 38  ? -7.511  -19.614 -7.952  1.00 23.91 ? 38  SER A C   1 
ATOM   322  O O   . SER A 1 38  ? -7.624  -18.432 -8.316  1.00 21.12 ? 38  SER A O   1 
ATOM   323  C CB  . SER A 1 38  ? -9.934  -20.260 -7.921  1.00 22.04 ? 38  SER A CB  1 
ATOM   324  O OG  . SER A 1 38  ? -9.667  -20.536 -9.290  1.00 25.77 ? 38  SER A OG  1 
ATOM   325  N N   . LEU A 1 39  ? -6.452  -20.356 -8.260  1.00 21.22 ? 39  LEU A N   1 
ATOM   326  C CA  . LEU A 1 39  ? -5.418  -19.837 -9.139  1.00 18.75 ? 39  LEU A CA  1 
ATOM   327  C C   . LEU A 1 39  ? -5.998  -19.522 -10.527 1.00 19.76 ? 39  LEU A C   1 
ATOM   328  O O   . LEU A 1 39  ? -5.537  -18.597 -11.224 1.00 18.26 ? 39  LEU A O   1 
ATOM   329  C CB  . LEU A 1 39  ? -4.276  -20.847 -9.264  1.00 19.88 ? 39  LEU A CB  1 
ATOM   330  C CG  . LEU A 1 39  ? -3.180  -20.481 -10.255 1.00 18.31 ? 39  LEU A CG  1 
ATOM   331  C CD1 . LEU A 1 39  ? -2.452  -19.224 -9.824  1.00 17.69 ? 39  LEU A CD1 1 
ATOM   332  C CD2 . LEU A 1 39  ? -2.187  -21.629 -10.440 1.00 29.23 ? 39  LEU A CD2 1 
ATOM   333  N N   . ASN A 1 40  ? -6.996  -20.293 -10.949 1.00 19.06 ? 40  ASN A N   1 
ATOM   334  C CA  . ASN A 1 40  ? -7.591  -19.999 -12.265 1.00 15.74 ? 40  ASN A CA  1 
ATOM   335  C C   . ASN A 1 40  ? -8.278  -18.622 -12.250 1.00 17.64 ? 40  ASN A C   1 
ATOM   336  O O   . ASN A 1 40  ? -8.198  -17.877 -13.229 1.00 18.81 ? 40  ASN A O   1 
ATOM   337  C CB  . ASN A 1 40  ? -8.603  -21.071 -12.672 1.00 25.22 ? 40  ASN A CB  1 
ATOM   338  C CG  . ASN A 1 40  ? -7.952  -22.277 -13.309 1.00 35.80 ? 40  ASN A CG  1 
ATOM   339  O OD1 . ASN A 1 40  ? -6.811  -22.216 -13.773 1.00 35.51 ? 40  ASN A OD1 1 
ATOM   340  N ND2 . ASN A 1 40  ? -8.686  -23.384 -13.351 1.00 39.67 ? 40  ASN A ND2 1 
ATOM   341  N N   . ALA A 1 41  ? -8.942  -18.296 -11.146 1.00 19.21 ? 41  ALA A N   1 
ATOM   342  C CA  . ALA A 1 41  ? -9.589  -16.986 -10.992 1.00 20.11 ? 41  ALA A CA  1 
ATOM   343  C C   . ALA A 1 41  ? -8.539  -15.895 -11.026 1.00 22.18 ? 41  ALA A C   1 
ATOM   344  O O   . ALA A 1 41  ? -8.732  -14.852 -11.651 1.00 16.82 ? 41  ALA A O   1 
ATOM   345  C CB  . ALA A 1 41  ? -10.378 -16.900 -9.709  1.00 20.81 ? 41  ALA A CB  1 
ATOM   346  N N   . ALA A 1 42  ? -7.429  -16.126 -10.342 1.00 15.14 ? 42  ALA A N   1 
ATOM   347  C CA  . ALA A 1 42  ? -6.323  -15.155 -10.395 1.00 15.45 ? 42  ALA A CA  1 
ATOM   348  C C   . ALA A 1 42  ? -5.763  -14.968 -11.804 1.00 16.59 ? 42  ALA A C   1 
ATOM   349  O O   . ALA A 1 42  ? -5.465  -13.855 -12.204 1.00 14.91 ? 42  ALA A O   1 
ATOM   350  C CB  . ALA A 1 42  ? -5.211  -15.555 -9.444  1.00 17.00 ? 42  ALA A CB  1 
ATOM   351  N N   . LYS A 1 43  ? -5.591  -16.056 -12.551 1.00 14.41 ? 43  LYS A N   1 
ATOM   352  C CA  . LYS A 1 43  ? -5.101  -15.941 -13.917 1.00 14.01 ? 43  LYS A CA  1 
ATOM   353  C C   . LYS A 1 43  ? -6.073  -15.173 -14.821 1.00 12.25 ? 43  LYS A C   1 
ATOM   354  O O   . LYS A 1 43  ? -5.643  -14.423 -15.692 1.00 13.19 ? 43  LYS A O   1 
ATOM   355  C CB  . LYS A 1 43  ? -4.833  -17.327 -14.502 1.00 15.99 ? 43  LYS A CB  1 
ATOM   356  C CG  . LYS A 1 43  ? -3.604  -17.954 -13.901 1.00 16.29 ? 43  LYS A CG  1 
ATOM   357  C CD  . LYS A 1 43  ? -3.497  -19.433 -14.243 1.00 19.99 ? 43  LYS A CD  1 
ATOM   358  C CE  . LYS A 1 43  ? -2.125  -19.964 -13.866 1.00 28.75 ? 43  LYS A CE  1 
ATOM   359  N NZ  . LYS A 1 43  ? -1.874  -21.330 -14.420 1.00 39.87 ? 43  LYS A NZ  1 
ATOM   360  N N   . SER A 1 44  ? -7.361  -15.349 -14.579 1.00 13.09 ? 44  SER A N   1 
ATOM   361  C CA  . SER A 1 44  ? -8.373  -14.628 -15.339 1.00 15.79 ? 44  SER A CA  1 
ATOM   362  C C   . SER A 1 44  ? -8.256  -13.131 -15.039 1.00 13.68 ? 44  SER A C   1 
ATOM   363  O O   . SER A 1 44  ? -8.247  -12.295 -15.956 1.00 13.95 ? 44  SER A O   1 
ATOM   364  C CB  . SER A 1 44  ? -9.766  -15.126 -14.961 1.00 22.39 ? 44  SER A CB  1 
ATOM   365  O OG  . SER A 1 44  ? -10.715 -14.525 -15.807 1.00 27.49 ? 44  SER A OG  1 
ATOM   366  N N   . GLU A 1 45  ? -8.120  -12.803 -13.756 1.00 16.16 ? 45  GLU A N   1 
ATOM   367  C CA  . GLU A 1 45  ? -7.977  -11.406 -13.362 1.00 15.43 ? 45  GLU A CA  1 
ATOM   368  C C   . GLU A 1 45  ? -6.720  -10.819 -13.949 1.00 14.11 ? 45  GLU A C   1 
ATOM   369  O O   . GLU A 1 45  ? -6.710  -9.657  -14.404 1.00 13.04 ? 45  GLU A O   1 
ATOM   370  C CB  . GLU A 1 45  ? -7.967  -11.257 -11.828 1.00 11.73 ? 45  GLU A CB  1 
ATOM   371  C CG  . GLU A 1 45  ? -9.324  -11.547 -11.217 1.00 13.33 ? 45  GLU A CG  1 
ATOM   372  C CD  . GLU A 1 45  ? -10.396 -10.549 -11.673 1.00 20.85 ? 45  GLU A CD  1 
ATOM   373  O OE1 . GLU A 1 45  ? -10.174 -9.317  -11.559 1.00 17.90 ? 45  GLU A OE1 1 
ATOM   374  O OE2 . GLU A 1 45  ? -11.457 -11.005 -12.157 1.00 24.92 ? 45  GLU A OE2 1 
ATOM   375  N N   . LEU A 1 46  ? -5.645  -11.605 -13.964 1.00 11.35 ? 46  LEU A N   1 
ATOM   376  C CA  . LEU A 1 46  ? -4.411  -11.116 -14.546 1.00 13.01 ? 46  LEU A CA  1 
ATOM   377  C C   . LEU A 1 46  ? -4.566  -10.802 -16.038 1.00 13.92 ? 46  LEU A C   1 
ATOM   378  O O   . LEU A 1 46  ? -4.142  -9.767  -16.529 1.00 13.40 ? 46  LEU A O   1 
ATOM   379  C CB  . LEU A 1 46  ? -3.284  -12.133 -14.340 1.00 11.42 ? 46  LEU A CB  1 
ATOM   380  C CG  . LEU A 1 46  ? -1.979  -11.726 -15.005 1.00 11.67 ? 46  LEU A CG  1 
ATOM   381  C CD1 . LEU A 1 46  ? -1.443  -10.411 -14.396 1.00 13.08 ? 46  LEU A CD1 1 
ATOM   382  C CD2 . LEU A 1 46  ? -0.940  -12.835 -14.836 1.00 13.05 ? 46  LEU A CD2 1 
ATOM   383  N N   . ASP A 1 47  ? -5.181  -11.717 -16.782 1.00 12.48 ? 47  ASP A N   1 
ATOM   384  C CA  . ASP A 1 47  ? -5.335  -11.503 -18.201 1.00 11.15 ? 47  ASP A CA  1 
ATOM   385  C C   . ASP A 1 47  ? -6.182  -10.258 -18.481 1.00 12.04 ? 47  ASP A C   1 
ATOM   386  O O   . ASP A 1 47  ? -5.868  -9.496  -19.422 1.00 14.43 ? 47  ASP A O   1 
ATOM   387  C CB  . ASP A 1 47  ? -5.971  -12.745 -18.811 1.00 15.61 ? 47  ASP A CB  1 
ATOM   388  C CG  . ASP A 1 47  ? -5.006  -13.938 -18.842 1.00 20.50 ? 47  ASP A CG  1 
ATOM   389  O OD1 . ASP A 1 47  ? -3.822  -13.790 -18.478 1.00 19.54 ? 47  ASP A OD1 1 
ATOM   390  O OD2 . ASP A 1 47  ? -5.433  -15.027 -19.285 1.00 22.80 ? 47  ASP A OD2 1 
ATOM   391  N N   . LYS A 1 48  ? -7.212  -10.062 -17.670 1.00 13.38 ? 48  LYS A N   1 
ATOM   392  C CA  . LYS A 1 48  ? -8.103  -8.891  -17.786 1.00 12.52 ? 48  LYS A CA  1 
ATOM   393  C C   . LYS A 1 48  ? -7.310  -7.613  -17.481 1.00 12.51 ? 48  LYS A C   1 
ATOM   394  O O   . LYS A 1 48  ? -7.426  -6.617  -18.187 1.00 12.63 ? 48  LYS A O   1 
ATOM   395  C CB  . LYS A 1 48  ? -9.284  -9.049  -16.823 1.00 15.08 ? 48  LYS A CB  1 
ATOM   396  C CG  . LYS A 1 48  ? -10.179 -7.840  -16.689 1.00 15.58 ? 48  LYS A CG  1 
ATOM   397  C CD  . LYS A 1 48  ? -11.529 -8.208  -16.043 1.00 16.31 ? 48  LYS A CD  1 
ATOM   398  C CE  . LYS A 1 48  ? -11.401 -8.815  -14.663 1.00 21.73 ? 48  LYS A CE  1 
ATOM   399  N NZ  . LYS A 1 48  ? -11.232 -7.774  -13.640 1.00 16.33 ? 48  LYS A NZ  1 
ATOM   400  N N   . ALA A 1 49  ? -6.470  -7.670  -16.453 1.00 12.80 ? 49  ALA A N   1 
ATOM   401  C CA  . ALA A 1 49  ? -5.668  -6.497  -16.074 1.00 13.63 ? 49  ALA A CA  1 
ATOM   402  C C   . ALA A 1 49  ? -4.611  -6.085  -17.107 1.00 13.13 ? 49  ALA A C   1 
ATOM   403  O O   . ALA A 1 49  ? -4.349  -4.891  -17.312 1.00 13.01 ? 49  ALA A O   1 
ATOM   404  C CB  . ALA A 1 49  ? -4.997  -6.730  -14.701 1.00 12.92 ? 49  ALA A CB  1 
ATOM   405  N N   . ILE A 1 50  ? -3.993  -7.068  -17.745 1.00 12.69 ? 50  ILE A N   1 
ATOM   406  C CA  . ILE A 1 50  ? -2.925  -6.802  -18.698 1.00 11.71 ? 50  ILE A CA  1 
ATOM   407  C C   . ILE A 1 50  ? -3.406  -6.673  -20.143 1.00 12.04 ? 50  ILE A C   1 
ATOM   408  O O   . ILE A 1 50  ? -2.777  -5.987  -20.958 1.00 16.27 ? 50  ILE A O   1 
ATOM   409  C CB  . ILE A 1 50  ? -1.885  -7.967  -18.642 1.00 12.92 ? 50  ILE A CB  1 
ATOM   410  C CG1 . ILE A 1 50  ? -1.382  -8.139  -17.202 1.00 15.22 ? 50  ILE A CG1 1 
ATOM   411  C CG2 . ILE A 1 50  ? -0.746  -7.731  -19.617 1.00 13.59 ? 50  ILE A CG2 1 
ATOM   412  C CD1 . ILE A 1 50  ? -0.672  -6.908  -16.688 1.00 18.47 ? 50  ILE A CD1 1 
ATOM   413  N N   . GLY A 1 51  ? -4.515  -7.331  -20.445 1.00 13.83 ? 51  GLY A N   1 
ATOM   414  C CA  . GLY A 1 51  ? -5.143  -7.267  -21.761 1.00 15.11 ? 51  GLY A CA  1 
ATOM   415  C C   . GLY A 1 51  ? -4.578  -8.269  -22.745 1.00 18.95 ? 51  GLY A C   1 
ATOM   416  O O   . GLY A 1 51  ? -4.624  -8.047  -23.947 1.00 21.18 ? 51  GLY A O   1 
ATOM   417  N N   . ARG A 1 52  ? -4.019  -9.365  -22.239 1.00 16.13 ? 52  ARG A N   1 
ATOM   418  C CA  . ARG A 1 52  ? -3.561  -10.462 -23.102 1.00 18.78 ? 52  ARG A CA  1 
ATOM   419  C C   . ARG A 1 52  ? -3.571  -11.725 -22.275 1.00 20.71 ? 52  ARG A C   1 
ATOM   420  O O   . ARG A 1 52  ? -3.750  -11.663 -21.051 1.00 16.67 ? 52  ARG A O   1 
ATOM   421  C CB  . ARG A 1 52  ? -2.157  -10.214 -23.639 1.00 20.58 ? 52  ARG A CB  1 
ATOM   422  C CG  . ARG A 1 52  ? -1.083  -10.190 -22.568 1.00 16.13 ? 52  ARG A CG  1 
ATOM   423  C CD  . ARG A 1 52  ? 0.313   -9.923  -23.143 1.00 18.88 ? 52  ARG A CD  1 
ATOM   424  N NE  . ARG A 1 52  ? 1.305   -9.883  -22.075 1.00 18.09 ? 52  ARG A NE  1 
ATOM   425  C CZ  . ARG A 1 52  ? 1.918   -10.957 -21.599 1.00 23.78 ? 52  ARG A CZ  1 
ATOM   426  N NH1 . ARG A 1 52  ? 1.653   -12.157 -22.128 1.00 20.66 ? 52  ARG A NH1 1 
ATOM   427  N NH2 . ARG A 1 52  ? 2.789   -10.831 -20.607 1.00 20.36 ? 52  ARG A NH2 1 
ATOM   428  N N   . ASN A 1 53  ? -3.395  -12.878 -22.925 1.00 17.14 ? 53  ASN A N   1 
ATOM   429  C CA  A ASN A 1 53  ? -3.305  -14.137 -22.199 0.50 16.49 ? 53  ASN A CA  1 
ATOM   430  C CA  B ASN A 1 53  ? -3.313  -14.134 -22.189 0.50 16.45 ? 53  ASN A CA  1 
ATOM   431  C C   . ASN A 1 53  ? -1.898  -14.335 -21.637 1.00 15.02 ? 53  ASN A C   1 
ATOM   432  O O   . ASN A 1 53  ? -0.942  -14.607 -22.376 1.00 19.91 ? 53  ASN A O   1 
ATOM   433  C CB  A ASN A 1 53  ? -3.686  -15.302 -23.112 0.50 26.96 ? 53  ASN A CB  1 
ATOM   434  C CB  B ASN A 1 53  ? -3.741  -15.320 -23.067 0.50 26.94 ? 53  ASN A CB  1 
ATOM   435  C CG  A ASN A 1 53  ? -5.128  -15.239 -23.549 0.50 23.76 ? 53  ASN A CG  1 
ATOM   436  C CG  B ASN A 1 53  ? -4.006  -16.579 -22.255 0.50 23.54 ? 53  ASN A CG  1 
ATOM   437  O OD1 A ASN A 1 53  ? -5.988  -14.746 -22.819 0.50 29.28 ? 53  ASN A OD1 1 
ATOM   438  O OD1 B ASN A 1 53  ? -3.260  -16.907 -21.330 0.50 31.20 ? 53  ASN A OD1 1 
ATOM   439  N ND2 A ASN A 1 53  ? -5.406  -15.747 -24.742 0.50 30.96 ? 53  ASN A ND2 1 
ATOM   440  N ND2 B ASN A 1 53  ? -5.077  -17.283 -22.590 0.50 31.16 ? 53  ASN A ND2 1 
ATOM   441  N N   . CYS A 1 54  ? -1.759  -14.174 -20.322 1.00 16.88 ? 54  CYS A N   1 
ATOM   442  C CA  . CYS A 1 54  ? -0.442  -14.134 -19.696 1.00 17.88 ? 54  CYS A CA  1 
ATOM   443  C C   . CYS A 1 54  ? 0.050   -15.471 -19.166 1.00 15.18 ? 54  CYS A C   1 
ATOM   444  O O   . CYS A 1 54  ? 1.253   -15.626 -18.968 1.00 17.71 ? 54  CYS A O   1 
ATOM   445  C CB  . CYS A 1 54  ? -0.454  -13.178 -18.491 1.00 12.44 ? 54  CYS A CB  1 
ATOM   446  S SG  . CYS A 1 54  ? -0.769  -11.465 -18.985 1.00 18.40 ? 54  CYS A SG  1 
ATOM   447  N N   . ASN A 1 55  ? -0.889  -16.380 -18.917 1.00 18.16 ? 55  ASN A N   1 
ATOM   448  C CA  . ASN A 1 55  ? -0.601  -17.645 -18.260 1.00 22.49 ? 55  ASN A CA  1 
ATOM   449  C C   . ASN A 1 55  ? 0.235   -17.438 -17.002 1.00 19.91 ? 55  ASN A C   1 
ATOM   450  O O   . ASN A 1 55  ? 1.204   -18.163 -16.728 1.00 21.34 ? 55  ASN A O   1 
ATOM   451  C CB  . ASN A 1 55  ? 0.105   -18.596 -19.202 1.00 21.43 ? 55  ASN A CB  1 
ATOM   452  C CG  . ASN A 1 55  ? 0.128   -20.018 -18.670 1.00 26.70 ? 55  ASN A CG  1 
ATOM   453  O OD1 . ASN A 1 55  ? -0.773  -20.440 -17.919 1.00 34.28 ? 55  ASN A OD1 1 
ATOM   454  N ND2 . ASN A 1 55  ? 1.166   -20.750 -19.029 1.00 28.00 ? 55  ASN A ND2 1 
ATOM   455  N N   . GLY A 1 56  ? -0.156  -16.438 -16.242 1.00 16.05 ? 56  GLY A N   1 
ATOM   456  C CA  . GLY A 1 56  ? 0.450   -16.215 -14.933 1.00 15.68 ? 56  GLY A CA  1 
ATOM   457  C C   . GLY A 1 56  ? 1.796   -15.541 -14.860 1.00 17.84 ? 56  GLY A C   1 
ATOM   458  O O   . GLY A 1 56  ? 2.366   -15.476 -13.770 1.00 17.14 ? 56  GLY A O   1 
ATOM   459  N N   . VAL A 1 57  ? 2.288   -14.999 -15.977 1.00 13.58 ? 57  VAL A N   1 
ATOM   460  C CA  A VAL A 1 57  ? 3.570   -14.317 -16.017 0.50 14.53 ? 57  VAL A CA  1 
ATOM   461  C CA  B VAL A 1 57  ? 3.579   -14.416 -16.010 0.50 14.65 ? 57  VAL A CA  1 
ATOM   462  C C   . VAL A 1 57  ? 3.478   -12.998 -16.766 1.00 18.47 ? 57  VAL A C   1 
ATOM   463  O O   . VAL A 1 57  ? 2.839   -12.922 -17.818 1.00 17.68 ? 57  VAL A O   1 
ATOM   464  C CB  A VAL A 1 57  ? 4.628   -15.202 -16.703 0.50 19.49 ? 57  VAL A CB  1 
ATOM   465  C CB  B VAL A 1 57  ? 4.637   -15.301 -16.695 0.50 19.48 ? 57  VAL A CB  1 
ATOM   466  C CG1 A VAL A 1 57  ? 5.970   -14.504 -16.719 0.50 25.11 ? 57  VAL A CG1 1 
ATOM   467  C CG1 B VAL A 1 57  ? 4.282   -15.517 -18.150 0.50 23.31 ? 57  VAL A CG1 1 
ATOM   468  C CG2 A VAL A 1 57  ? 4.724   -16.532 -15.991 0.50 17.53 ? 57  VAL A CG2 1 
ATOM   469  C CG2 B VAL A 1 57  ? 6.001   -14.662 -16.565 0.50 25.63 ? 57  VAL A CG2 1 
ATOM   470  N N   . ILE A 1 58  ? 4.132   -11.961 -16.242 1.00 14.23 ? 58  ILE A N   1 
ATOM   471  C CA  . ILE A 1 58  ? 4.168   -10.671 -16.923 1.00 12.24 ? 58  ILE A CA  1 
ATOM   472  C C   . ILE A 1 58  ? 5.594   -10.153 -17.066 1.00 14.24 ? 58  ILE A C   1 
ATOM   473  O O   . ILE A 1 58  ? 6.534   -10.722 -16.487 1.00 18.73 ? 58  ILE A O   1 
ATOM   474  C CB  . ILE A 1 58  ? 3.307   -9.608  -16.188 1.00 13.28 ? 58  ILE A CB  1 
ATOM   475  C CG1 . ILE A 1 58  ? 3.843   -9.373  -14.764 1.00 12.17 ? 58  ILE A CG1 1 
ATOM   476  C CG2 . ILE A 1 58  ? 1.828   -10.029 -16.199 1.00 14.13 ? 58  ILE A CG2 1 
ATOM   477  C CD1 . ILE A 1 58  ? 3.085   -8.264  -14.011 1.00 13.55 ? 58  ILE A CD1 1 
ATOM   478  N N   . THR A 1 59  ? 5.758   -9.085  -17.855 1.00 13.75 ? 59  THR A N   1 
ATOM   479  C CA  . THR A 1 59  ? 7.061   -8.448  -18.004 1.00 14.67 ? 59  THR A CA  1 
ATOM   480  C C   . THR A 1 59  ? 7.257   -7.379  -16.935 1.00 18.43 ? 59  THR A C   1 
ATOM   481  O O   . THR A 1 59  ? 6.296   -6.964  -16.267 1.00 16.20 ? 59  THR A O   1 
ATOM   482  C CB  . THR A 1 59  ? 7.200   -7.742  -19.376 1.00 17.61 ? 59  THR A CB  1 
ATOM   483  O OG1 . THR A 1 59  ? 6.203   -6.717  -19.472 1.00 18.08 ? 59  THR A OG1 1 
ATOM   484  C CG2 . THR A 1 59  ? 7.021   -8.730  -20.520 1.00 19.66 ? 59  THR A CG2 1 
ATOM   485  N N   . LYS A 1 60  ? 8.491   -6.913  -16.792 1.00 14.84 ? 60  LYS A N   1 
ATOM   486  C CA  . LYS A 1 60  ? 8.773   -5.859  -15.837 1.00 14.79 ? 60  LYS A CA  1 
ATOM   487  C C   . LYS A 1 60  ? 8.005   -4.598  -16.237 1.00 14.03 ? 60  LYS A C   1 
ATOM   488  O O   . LYS A 1 60  ? 7.466   -3.904  -15.364 1.00 14.81 ? 60  LYS A O   1 
ATOM   489  C CB  . LYS A 1 60  ? 10.271  -5.581  -15.764 1.00 18.16 ? 60  LYS A CB  1 
ATOM   490  C CG  . LYS A 1 60  ? 10.664  -4.536  -14.728 1.00 18.94 ? 60  LYS A CG  1 
ATOM   491  C CD  . LYS A 1 60  ? 12.177  -4.531  -14.497 1.00 26.82 ? 60  LYS A CD  1 
ATOM   492  C CE  . LYS A 1 60  ? 12.581  -3.492  -13.462 1.00 38.96 ? 60  LYS A CE  1 
ATOM   493  N N   . ASP A 1 61  ? 7.921   -4.298  -17.538 1.00 17.53 ? 61  ASP A N   1 
ATOM   494  C CA  A ASP A 1 61  ? 7.176   -3.130  -17.997 0.50 17.74 ? 61  ASP A CA  1 
ATOM   495  C CA  B ASP A 1 61  ? 7.184   -3.107  -17.949 0.50 17.74 ? 61  ASP A CA  1 
ATOM   496  C C   . ASP A 1 61  ? 5.714   -3.230  -17.578 1.00 18.17 ? 61  ASP A C   1 
ATOM   497  O O   . ASP A 1 61  ? 5.110   -2.249  -17.152 1.00 14.75 ? 61  ASP A O   1 
ATOM   498  C CB  A ASP A 1 61  ? 7.246   -2.978  -19.524 0.50 19.27 ? 61  ASP A CB  1 
ATOM   499  C CB  B ASP A 1 61  ? 7.330   -2.790  -19.446 0.50 18.63 ? 61  ASP A CB  1 
ATOM   500  C CG  A ASP A 1 61  ? 8.630   -2.591  -20.021 0.50 25.68 ? 61  ASP A CG  1 
ATOM   501  C CG  B ASP A 1 61  ? 6.578   -1.517  -19.855 0.50 26.14 ? 61  ASP A CG  1 
ATOM   502  O OD1 A ASP A 1 61  ? 9.538   -2.389  -19.195 0.50 23.07 ? 61  ASP A OD1 1 
ATOM   503  O OD1 B ASP A 1 61  ? 7.182   -0.422  -19.831 0.50 27.81 ? 61  ASP A OD1 1 
ATOM   504  O OD2 A ASP A 1 61  ? 8.806   -2.488  -21.254 0.50 25.72 ? 61  ASP A OD2 1 
ATOM   505  O OD2 B ASP A 1 61  ? 5.374   -1.604  -20.201 0.50 27.07 ? 61  ASP A OD2 1 
ATOM   506  N N   . GLU A 1 62  ? 5.145   -4.425  -17.726 1.00 15.92 ? 62  GLU A N   1 
ATOM   507  C CA  . GLU A 1 62  ? 3.742   -4.624  -17.355 1.00 12.57 ? 62  GLU A CA  1 
ATOM   508  C C   . GLU A 1 62  ? 3.554   -4.480  -15.856 1.00 14.19 ? 62  GLU A C   1 
ATOM   509  O O   . GLU A 1 62  ? 2.566   -3.877  -15.417 1.00 12.13 ? 62  GLU A O   1 
ATOM   510  C CB  . GLU A 1 62  ? 3.240   -5.987  -17.838 1.00 12.78 ? 62  GLU A CB  1 
ATOM   511  C CG  . GLU A 1 62  ? 2.969   -5.989  -19.324 1.00 15.49 ? 62  GLU A CG  1 
ATOM   512  C CD  . GLU A 1 62  ? 2.856   -7.378  -19.919 1.00 19.94 ? 62  GLU A CD  1 
ATOM   513  O OE1 . GLU A 1 62  ? 3.237   -8.376  -19.269 1.00 16.49 ? 62  GLU A OE1 1 
ATOM   514  O OE2 . GLU A 1 62  ? 2.386   -7.469  -21.079 1.00 18.33 ? 62  GLU A OE2 1 
ATOM   515  N N   . ALA A 1 63  ? 4.492   -5.013  -15.072 1.00 13.43 ? 63  ALA A N   1 
ATOM   516  C CA  . ALA A 1 63  ? 4.425   -4.839  -13.612 1.00 10.95 ? 63  ALA A CA  1 
ATOM   517  C C   . ALA A 1 63  ? 4.452   -3.362  -13.246 1.00 12.12 ? 63  ALA A C   1 
ATOM   518  O O   . ALA A 1 63  ? 3.690   -2.903  -12.377 1.00 11.42 ? 63  ALA A O   1 
ATOM   519  C CB  . ALA A 1 63  ? 5.596   -5.562  -12.939 1.00 13.66 ? 63  ALA A CB  1 
ATOM   520  N N   . GLU A 1 64  ? 5.320   -2.600  -13.909 1.00 11.76 ? 64  GLU A N   1 
ATOM   521  C CA  . GLU A 1 64  ? 5.449   -1.186  -13.570 1.00 12.03 ? 64  GLU A CA  1 
ATOM   522  C C   . GLU A 1 64  ? 4.211   -0.407  -14.005 1.00 11.63 ? 64  GLU A C   1 
ATOM   523  O O   . GLU A 1 64  ? 3.821   0.556   -13.349 1.00 11.66 ? 64  GLU A O   1 
ATOM   524  C CB  . GLU A 1 64  ? 6.748   -0.620  -14.182 1.00 13.03 ? 64  GLU A CB  1 
ATOM   525  C CG  . GLU A 1 64  ? 7.966   -1.148  -13.423 1.00 13.73 ? 64  GLU A CG  1 
ATOM   526  C CD  . GLU A 1 64  ? 9.267   -0.862  -14.144 1.00 27.23 ? 64  GLU A CD  1 
ATOM   527  O OE1 . GLU A 1 64  ? 9.230   -0.519  -15.352 1.00 28.92 ? 64  GLU A OE1 1 
ATOM   528  O OE2 . GLU A 1 64  ? 10.322  -1.004  -13.495 1.00 25.91 ? 64  GLU A OE2 1 
ATOM   529  N N   . LYS A 1 65  ? 3.572   -0.840  -15.096 1.00 11.32 ? 65  LYS A N   1 
ATOM   530  C CA  . LYS A 1 65  ? 2.336   -0.186  -15.498 1.00 12.97 ? 65  LYS A CA  1 
ATOM   531  C C   . LYS A 1 65  ? 1.213   -0.403  -14.470 1.00 12.31 ? 65  LYS A C   1 
ATOM   532  O O   . LYS A 1 65  ? 0.529   0.560   -14.087 1.00 12.90 ? 65  LYS A O   1 
ATOM   533  C CB  . LYS A 1 65  ? 1.897   -0.643  -16.897 1.00 12.73 ? 65  LYS A CB  1 
ATOM   534  C CG  . LYS A 1 65  ? 0.714   0.183   -17.398 1.00 15.78 ? 65  LYS A CG  1 
ATOM   535  C CD  . LYS A 1 65  ? 0.467   -0.115  -18.874 1.00 19.41 ? 65  LYS A CD  1 
ATOM   536  C CE  . LYS A 1 65  ? -0.624  0.812   -19.444 1.00 20.72 ? 65  LYS A CE  1 
ATOM   537  N NZ  . LYS A 1 65  ? -0.753  0.571   -20.929 1.00 18.11 ? 65  LYS A NZ  1 
ATOM   538  N N   . LEU A 1 66  ? 1.039   -1.646  -14.001 1.00 10.13 ? 66  LEU A N   1 
ATOM   539  C CA  . LEU A 1 66  ? 0.069   -1.912  -12.932 1.00 10.25 ? 66  LEU A CA  1 
ATOM   540  C C   . LEU A 1 66  ? 0.409   -1.082  -11.687 1.00 9.26  ? 66  LEU A C   1 
ATOM   541  O O   . LEU A 1 66  ? -0.482  -0.561  -11.016 1.00 10.23 ? 66  LEU A O   1 
ATOM   542  C CB  . LEU A 1 66  ? 0.058   -3.401  -12.541 1.00 11.24 ? 66  LEU A CB  1 
ATOM   543  C CG  . LEU A 1 66  ? -0.455  -4.352  -13.648 1.00 11.29 ? 66  LEU A CG  1 
ATOM   544  C CD1 . LEU A 1 66  ? -0.393  -5.825  -13.116 1.00 15.26 ? 66  LEU A CD1 1 
ATOM   545  C CD2 . LEU A 1 66  ? -1.880  -4.016  -14.182 1.00 12.93 ? 66  LEU A CD2 1 
ATOM   546  N N   . PHE A 1 67  ? 1.700   -0.942  -11.394 1.00 10.93 ? 67  PHE A N   1 
ATOM   547  C CA  . PHE A 1 67  ? 2.115   -0.210  -10.193 1.00 9.96  ? 67  PHE A CA  1 
ATOM   548  C C   . PHE A 1 67  ? 1.750   1.280   -10.337 1.00 12.15 ? 67  PHE A C   1 
ATOM   549  O O   . PHE A 1 67  ? 1.229   1.897   -9.398  1.00 12.41 ? 67  PHE A O   1 
ATOM   550  C CB  . PHE A 1 67  ? 3.631   -0.422  -10.049 1.00 9.90  ? 67  PHE A CB  1 
ATOM   551  C CG  . PHE A 1 67  ? 4.242   0.145   -8.793  1.00 10.68 ? 67  PHE A CG  1 
ATOM   552  C CD1 . PHE A 1 67  ? 3.569   0.107   -7.576  1.00 11.02 ? 67  PHE A CD1 1 
ATOM   553  C CD2 . PHE A 1 67  ? 5.540   0.649   -8.848  1.00 11.36 ? 67  PHE A CD2 1 
ATOM   554  C CE1 . PHE A 1 67  ? 4.173   0.611   -6.407  1.00 10.93 ? 67  PHE A CE1 1 
ATOM   555  C CE2 . PHE A 1 67  ? 6.155   1.144   -7.674  1.00 13.06 ? 67  PHE A CE2 1 
ATOM   556  C CZ  . PHE A 1 67  ? 5.460   1.116   -6.456  1.00 11.54 ? 67  PHE A CZ  1 
ATOM   557  N N   . ASN A 1 68  ? 1.984   1.864   -11.511 1.00 13.11 ? 68  ASN A N   1 
ATOM   558  C CA  A ASN A 1 68  ? 1.559   3.246   -11.747 0.70 12.30 ? 68  ASN A CA  1 
ATOM   559  C CA  B ASN A 1 68  ? 1.569   3.244   -11.738 0.30 12.35 ? 68  ASN A CA  1 
ATOM   560  C C   . ASN A 1 68  ? 0.057   3.394   -11.535 1.00 13.60 ? 68  ASN A C   1 
ATOM   561  O O   . ASN A 1 68  ? -0.413  4.343   -10.873 1.00 11.88 ? 68  ASN A O   1 
ATOM   562  C CB  A ASN A 1 68  ? 1.938   3.694   -13.166 0.70 11.70 ? 68  ASN A CB  1 
ATOM   563  C CB  B ASN A 1 68  ? 1.978   3.702   -13.141 0.30 11.78 ? 68  ASN A CB  1 
ATOM   564  C CG  A ASN A 1 68  ? 3.399   4.004   -13.293 0.70 13.06 ? 68  ASN A CG  1 
ATOM   565  C CG  B ASN A 1 68  ? 2.011   5.207   -13.273 0.30 15.00 ? 68  ASN A CG  1 
ATOM   566  O OD1 A ASN A 1 68  ? 4.017   4.471   -12.349 0.70 17.45 ? 68  ASN A OD1 1 
ATOM   567  O OD1 B ASN A 1 68  ? 1.425   5.928   -12.462 0.30 23.77 ? 68  ASN A OD1 1 
ATOM   568  N ND2 A ASN A 1 68  ? 3.967   3.751   -14.470 0.70 16.61 ? 68  ASN A ND2 1 
ATOM   569  N ND2 B ASN A 1 68  ? 2.694   5.695   -14.305 0.30 21.55 ? 68  ASN A ND2 1 
ATOM   570  N N   . GLN A 1 69  ? -0.710  2.458   -12.092 1.00 11.09 ? 69  GLN A N   1 
ATOM   571  C CA  . GLN A 1 69  ? -2.159  2.498   -11.909 1.00 10.22 ? 69  GLN A CA  1 
ATOM   572  C C   . GLN A 1 69  ? -2.559  2.374   -10.444 1.00 12.32 ? 69  GLN A C   1 
ATOM   573  O O   . GLN A 1 69  ? -3.493  3.042   -9.995  1.00 12.28 ? 69  GLN A O   1 
ATOM   574  C CB  . GLN A 1 69  ? -2.820  1.379   -12.713 1.00 10.22 ? 69  GLN A CB  1 
ATOM   575  C CG  . GLN A 1 69  ? -2.668  1.588   -14.194 1.00 9.40  ? 69  GLN A CG  1 
ATOM   576  C CD  . GLN A 1 69  ? -3.219  0.458   -15.034 1.00 11.53 ? 69  GLN A CD  1 
ATOM   577  O OE1 . GLN A 1 69  ? -3.610  -0.612  -14.508 1.00 17.57 ? 69  GLN A OE1 1 
ATOM   578  N NE2 . GLN A 1 69  ? -3.258  0.678   -16.335 1.00 10.37 ? 69  GLN A NE2 1 
ATOM   579  N N   . ASP A 1 70  ? -1.869  1.503   -9.713  1.00 10.82 ? 70  ASP A N   1 
ATOM   580  C CA  . ASP A 1 70  ? -2.226  1.220   -8.324  1.00 10.93 ? 70  ASP A CA  1 
ATOM   581  C C   . ASP A 1 70  ? -1.883  2.385   -7.400  1.00 11.10 ? 70  ASP A C   1 
ATOM   582  O O   . ASP A 1 70  ? -2.662  2.686   -6.487  1.00 11.91 ? 70  ASP A O   1 
ATOM   583  C CB  . ASP A 1 70  ? -1.564  -0.081  -7.828  1.00 11.46 ? 70  ASP A CB  1 
ATOM   584  C CG  . ASP A 1 70  ? -2.123  -1.312  -8.524  1.00 14.72 ? 70  ASP A CG  1 
ATOM   585  O OD1 . ASP A 1 70  ? -3.228  -1.232  -9.117  1.00 16.02 ? 70  ASP A OD1 1 
ATOM   586  O OD2 . ASP A 1 70  ? -1.434  -2.357  -8.500  1.00 13.90 ? 70  ASP A OD2 1 
ATOM   587  N N   . VAL A 1 71  ? -0.732  3.021   -7.634  1.00 10.92 ? 71  VAL A N   1 
ATOM   588  C CA  . VAL A 1 71  ? -0.371  4.240   -6.878  1.00 9.77  ? 71  VAL A CA  1 
ATOM   589  C C   . VAL A 1 71  ? -1.377  5.352   -7.158  1.00 11.16 ? 71  VAL A C   1 
ATOM   590  O O   . VAL A 1 71  ? -1.895  5.995   -6.217  1.00 12.25 ? 71  VAL A O   1 
ATOM   591  C CB  . VAL A 1 71  ? 1.073   4.689   -7.175  1.00 12.00 ? 71  VAL A CB  1 
ATOM   592  C CG1 . VAL A 1 71  ? 1.343   5.992   -6.443  1.00 14.38 ? 71  VAL A CG1 1 
ATOM   593  C CG2 . VAL A 1 71  ? 2.075   3.610   -6.663  1.00 12.16 ? 71  VAL A CG2 1 
ATOM   594  N N   . ASP A 1 72  ? -1.707  5.528   -8.443  1.00 12.05 ? 72  ASP A N   1 
ATOM   595  C CA  . ASP A 1 72  ? -2.680  6.533   -8.871  1.00 14.09 ? 72  ASP A CA  1 
ATOM   596  C C   . ASP A 1 72  ? -4.004  6.276   -8.134  1.00 13.71 ? 72  ASP A C   1 
ATOM   597  O O   . ASP A 1 72  ? -4.565  7.174   -7.528  1.00 15.94 ? 72  ASP A O   1 
ATOM   598  C CB  . ASP A 1 72  ? -2.814  6.453   -10.403 1.00 13.78 ? 72  ASP A CB  1 
ATOM   599  C CG  . ASP A 1 72  ? -3.579  7.624   -11.022 1.00 35.14 ? 72  ASP A CG  1 
ATOM   600  O OD1 . ASP A 1 72  ? -4.318  8.325   -10.317 1.00 34.07 ? 72  ASP A OD1 1 
ATOM   601  O OD2 . ASP A 1 72  ? -3.453  7.818   -12.259 1.00 34.25 ? 72  ASP A OD2 1 
ATOM   602  N N   . ALA A 1 73  ? -4.459  5.032   -8.133  1.00 13.78 ? 73  ALA A N   1 
ATOM   603  C CA  . ALA A 1 73  ? -5.687  4.659   -7.459  1.00 14.06 ? 73  ALA A CA  1 
ATOM   604  C C   . ALA A 1 73  ? -5.659  4.904   -5.955  1.00 13.16 ? 73  ALA A C   1 
ATOM   605  O O   . ALA A 1 73  ? -6.678  5.293   -5.369  1.00 18.51 ? 73  ALA A O   1 
ATOM   606  C CB  . ALA A 1 73  ? -6.021  3.190   -7.748  1.00 16.60 ? 73  ALA A CB  1 
ATOM   607  N N   . ALA A 1 74  ? -4.514  4.668   -5.324  1.00 12.57 ? 74  ALA A N   1 
ATOM   608  C CA  . ALA A 1 74  ? -4.395  4.914   -3.892  1.00 11.84 ? 74  ALA A CA  1 
ATOM   609  C C   . ALA A 1 74  ? -4.552  6.410   -3.603  1.00 12.94 ? 74  ALA A C   1 
ATOM   610  O O   . ALA A 1 74  ? -5.266  6.783   -2.673  1.00 13.88 ? 74  ALA A O   1 
ATOM   611  C CB  . ALA A 1 74  ? -3.068  4.385   -3.364  1.00 13.90 ? 74  ALA A CB  1 
ATOM   612  N N   . VAL A 1 75  ? -3.897  7.239   -4.412  1.00 12.45 ? 75  VAL A N   1 
ATOM   613  C CA  . VAL A 1 75  ? -3.972  8.678   -4.201  1.00 14.57 ? 75  VAL A CA  1 
ATOM   614  C C   . VAL A 1 75  ? -5.408  9.147   -4.445  1.00 16.51 ? 75  VAL A C   1 
ATOM   615  O O   . VAL A 1 75  ? -5.965  9.924   -3.663  1.00 14.66 ? 75  VAL A O   1 
ATOM   616  C CB  . VAL A 1 75  ? -3.001  9.416   -5.134  1.00 12.86 ? 75  VAL A CB  1 
ATOM   617  C CG1 . VAL A 1 75  ? -3.222  10.935  -5.013  1.00 17.91 ? 75  VAL A CG1 1 
ATOM   618  C CG2 . VAL A 1 75  ? -1.550  9.046   -4.800  1.00 13.21 ? 75  VAL A CG2 1 
ATOM   619  N N   . ARG A 1 76  ? -6.021  8.685   -5.534  1.00 16.59 ? 76  ARG A N   1 
ATOM   620  C CA  . ARG A 1 76  ? -7.398  9.096   -5.812  1.00 19.45 ? 76  ARG A CA  1 
ATOM   621  C C   . ARG A 1 76  ? -8.356  8.657   -4.719  1.00 19.17 ? 76  ARG A C   1 
ATOM   622  O O   . ARG A 1 76  ? -9.305  9.386   -4.372  1.00 21.75 ? 76  ARG A O   1 
ATOM   623  C CB  . ARG A 1 76  ? -7.853  8.548   -7.159  1.00 19.84 ? 76  ARG A CB  1 
ATOM   624  C CG  . ARG A 1 76  ? -7.200  9.247   -8.292  1.00 25.04 ? 76  ARG A CG  1 
ATOM   625  C CD  . ARG A 1 76  ? -7.951  8.969   -9.566  0.50 27.90 ? 76  ARG A CD  1 
ATOM   626  N NE  . ARG A 1 76  ? -7.239  9.479   -10.722 0.50 20.50 ? 76  ARG A NE  1 
ATOM   627  C CZ  . ARG A 1 76  ? -7.486  10.645  -11.307 0.50 25.82 ? 76  ARG A CZ  1 
ATOM   628  N NH1 . ARG A 1 76  ? -8.425  11.454  -10.834 0.50 28.01 ? 76  ARG A NH1 1 
ATOM   629  N NH2 . ARG A 1 76  ? -6.781  11.001  -12.364 0.50 18.12 ? 76  ARG A NH2 1 
ATOM   630  N N   . GLY A 1 77  ? -8.091  7.490   -4.145  1.00 16.47 ? 77  GLY A N   1 
ATOM   631  C CA  . GLY A 1 77  ? -8.934  6.963   -3.092  1.00 20.03 ? 77  GLY A CA  1 
ATOM   632  C C   . GLY A 1 77  ? -8.876  7.894   -1.896  1.00 22.13 ? 77  GLY A C   1 
ATOM   633  O O   . GLY A 1 77  ? -9.888  8.205   -1.275  1.00 19.93 ? 77  GLY A O   1 
ATOM   634  N N   . ILE A 1 78  ? -7.681  8.379   -1.598  1.00 11.89 ? 78  ILE A N   1 
ATOM   635  C CA  . ILE A 1 78  ? -7.527  9.308   -0.501  1.00 13.35 ? 78  ILE A CA  1 
ATOM   636  C C   . ILE A 1 78  ? -8.277  10.604  -0.791  1.00 13.65 ? 78  ILE A C   1 
ATOM   637  O O   . ILE A 1 78  ? -8.991  11.104  0.086   1.00 15.69 ? 78  ILE A O   1 
ATOM   638  C CB  . ILE A 1 78  ? -6.039  9.607   -0.238  1.00 13.06 ? 78  ILE A CB  1 
ATOM   639  C CG1 . ILE A 1 78  ? -5.400  8.419   0.489   1.00 11.65 ? 78  ILE A CG1 1 
ATOM   640  C CG2 . ILE A 1 78  ? -5.875  10.842  0.652   1.00 13.20 ? 78  ILE A CG2 1 
ATOM   641  C CD1 . ILE A 1 78  ? -3.859  8.423   0.408   1.00 15.38 ? 78  ILE A CD1 1 
ATOM   642  N N   . LEU A 1 79  ? -8.108  11.137  -2.000  1.00 14.72 ? 79  LEU A N   1 
ATOM   643  C CA  . LEU A 1 79  ? -8.677  12.455  -2.316  1.00 16.34 ? 79  LEU A CA  1 
ATOM   644  C C   . LEU A 1 79  ? -10.204 12.425  -2.386  1.00 21.95 ? 79  LEU A C   1 
ATOM   645  O O   . LEU A 1 79  ? -10.847 13.445  -2.126  1.00 21.66 ? 79  LEU A O   1 
ATOM   646  C CB  . LEU A 1 79  ? -8.097  12.988  -3.625  1.00 16.88 ? 79  LEU A CB  1 
ATOM   647  C CG  . LEU A 1 79  ? -6.585  13.252  -3.624  1.00 19.20 ? 79  LEU A CG  1 
ATOM   648  C CD1 . LEU A 1 79  ? -6.149  13.759  -4.998  1.00 26.59 ? 79  LEU A CD1 1 
ATOM   649  C CD2 . LEU A 1 79  ? -6.174  14.234  -2.527  1.00 27.47 ? 79  LEU A CD2 1 
ATOM   650  N N   . ARG A 1 80  ? -10.776 11.255  -2.673  1.00 17.16 ? 80  ARG A N   1 
ATOM   651  C CA  . ARG A 1 80  ? -12.240 11.091  -2.715  1.00 19.68 ? 80  ARG A CA  1 
ATOM   652  C C   . ARG A 1 80  ? -12.874 10.778  -1.365  1.00 23.86 ? 80  ARG A C   1 
ATOM   653  O O   . ARG A 1 80  ? -14.101 10.755  -1.245  1.00 23.42 ? 80  ARG A O   1 
ATOM   654  C CB  . ARG A 1 80  ? -12.646 9.998   -3.735  1.00 21.04 ? 80  ARG A CB  1 
ATOM   655  N N   . ASN A 1 81  ? -12.057 10.529  -0.343  1.00 18.62 ? 81  ASN A N   1 
ATOM   656  C CA  . ASN A 1 81  ? -12.565 10.061  0.934   1.00 15.63 ? 81  ASN A CA  1 
ATOM   657  C C   . ASN A 1 81  ? -12.616 11.211  1.910   1.00 17.63 ? 81  ASN A C   1 
ATOM   658  O O   . ASN A 1 81  ? -11.592 11.840  2.201   1.00 17.36 ? 81  ASN A O   1 
ATOM   659  C CB  . ASN A 1 81  ? -11.667 8.946   1.497   1.00 16.71 ? 81  ASN A CB  1 
ATOM   660  C CG  . ASN A 1 81  ? -12.247 8.294   2.725   1.00 19.18 ? 81  ASN A CG  1 
ATOM   661  O OD1 . ASN A 1 81  ? -12.324 8.900   3.786   1.00 22.21 ? 81  ASN A OD1 1 
ATOM   662  N ND2 . ASN A 1 81  ? -12.637 7.030   2.596   1.00 24.39 ? 81  ASN A ND2 1 
ATOM   663  N N   . ALA A 1 82  ? -13.797 11.495  2.442   1.00 20.86 ? 82  ALA A N   1 
ATOM   664  C CA  . ALA A 1 82  ? -13.931 12.696  3.255   1.00 18.30 ? 82  ALA A CA  1 
ATOM   665  C C   . ALA A 1 82  ? -13.218 12.630  4.607   1.00 16.70 ? 82  ALA A C   1 
ATOM   666  O O   . ALA A 1 82  ? -12.965 13.683  5.211   1.00 21.42 ? 82  ALA A O   1 
ATOM   667  C CB  . ALA A 1 82  ? -15.408 13.044  3.446   1.00 27.40 ? 82  ALA A CB  1 
ATOM   668  N N   . LYS A 1 83  ? -12.918 11.420  5.092   1.00 15.22 ? 83  LYS A N   1 
ATOM   669  C CA  . LYS A 1 83  ? -12.124 11.247  6.313   1.00 15.76 ? 83  LYS A CA  1 
ATOM   670  C C   . LYS A 1 83  ? -10.627 11.348  6.031   1.00 17.33 ? 83  LYS A C   1 
ATOM   671  O O   . LYS A 1 83  ? -9.871  11.889  6.840   1.00 20.08 ? 83  LYS A O   1 
ATOM   672  C CB  . LYS A 1 83  ? -12.437 9.918   7.017   1.00 22.75 ? 83  LYS A CB  1 
ATOM   673  C CG  . LYS A 1 83  ? -13.842 9.854   7.619   1.00 27.13 ? 83  LYS A CG  1 
ATOM   674  N N   . LEU A 1 84  ? -10.191 10.855  4.879   1.00 14.07 ? 84  LEU A N   1 
ATOM   675  C CA  . LEU A 1 84  ? -8.758  10.824  4.605   1.00 11.18 ? 84  LEU A CA  1 
ATOM   676  C C   . LEU A 1 84  ? -8.220  12.111  4.003   1.00 11.40 ? 84  LEU A C   1 
ATOM   677  O O   . LEU A 1 84  ? -7.109  12.535  4.339   1.00 13.08 ? 84  LEU A O   1 
ATOM   678  C CB  . LEU A 1 84  ? -8.440  9.672   3.647   1.00 11.36 ? 84  LEU A CB  1 
ATOM   679  C CG  . LEU A 1 84  ? -8.826  8.288   4.165   1.00 13.28 ? 84  LEU A CG  1 
ATOM   680  C CD1 . LEU A 1 84  ? -8.407  7.235   3.130   1.00 13.42 ? 84  LEU A CD1 1 
ATOM   681  C CD2 . LEU A 1 84  ? -8.197  7.950   5.509   1.00 17.56 ? 84  LEU A CD2 1 
ATOM   682  N N   . LYS A 1 85  ? -8.982  12.725  3.095   1.00 12.95 ? 85  LYS A N   1 
ATOM   683  C CA  . LYS A 1 85  ? -8.463  13.897  2.399   1.00 13.30 ? 85  LYS A CA  1 
ATOM   684  C C   . LYS A 1 85  ? -7.982  15.029  3.314   1.00 13.47 ? 85  LYS A C   1 
ATOM   685  O O   . LYS A 1 85  ? -6.889  15.559  3.105   1.00 12.62 ? 85  LYS A O   1 
ATOM   686  C CB  . LYS A 1 85  ? -9.474  14.427  1.381   1.00 13.44 ? 85  LYS A CB  1 
ATOM   687  C CG  . LYS A 1 85  ? -8.922  15.572  0.576   1.00 16.87 ? 85  LYS A CG  1 
ATOM   688  C CD  . LYS A 1 85  ? -9.935  16.051  -0.429  1.00 23.31 ? 85  LYS A CD  1 
ATOM   689  C CE  . LYS A 1 85  ? -9.278  16.970  -1.450  1.00 31.95 ? 85  LYS A CE  1 
ATOM   690  N NZ  . LYS A 1 85  ? -8.789  18.223  -0.845  1.00 30.59 ? 85  LYS A NZ  1 
ATOM   691  N N   . PRO A 1 86  ? -8.781  15.425  4.307   1.00 13.90 ? 86  PRO A N   1 
ATOM   692  C CA  . PRO A 1 86  ? -8.273  16.541  5.122   1.00 16.23 ? 86  PRO A CA  1 
ATOM   693  C C   . PRO A 1 86  ? -6.997  16.210  5.878   1.00 15.13 ? 86  PRO A C   1 
ATOM   694  O O   . PRO A 1 86  ? -6.149  17.094  6.047   1.00 14.09 ? 86  PRO A O   1 
ATOM   695  C CB  . PRO A 1 86  ? -9.413  16.839  6.103   1.00 14.82 ? 86  PRO A CB  1 
ATOM   696  C CG  . PRO A 1 86  ? -10.300 15.646  6.057   1.00 21.94 ? 86  PRO A CG  1 
ATOM   697  C CD  . PRO A 1 86  ? -10.132 15.010  4.708   1.00 15.07 ? 86  PRO A CD  1 
ATOM   698  N N   . VAL A 1 87  ? -6.849  14.968  6.330   1.00 11.24 ? 87  VAL A N   1 
ATOM   699  C CA  . VAL A 1 87  ? -5.607  14.607  7.014   1.00 13.24 ? 87  VAL A CA  1 
ATOM   700  C C   . VAL A 1 87  ? -4.442  14.613  6.006   1.00 11.96 ? 87  VAL A C   1 
ATOM   701  O O   . VAL A 1 87  ? -3.369  15.156  6.269   1.00 11.78 ? 87  VAL A O   1 
ATOM   702  C CB  . VAL A 1 87  ? -5.741  13.251  7.714   1.00 14.97 ? 87  VAL A CB  1 
ATOM   703  C CG1 . VAL A 1 87  ? -4.467  12.940  8.510   1.00 13.39 ? 87  VAL A CG1 1 
ATOM   704  C CG2 . VAL A 1 87  ? -6.967  13.257  8.653   1.00 15.37 ? 87  VAL A CG2 1 
ATOM   705  N N   . TYR A 1 88  ? -4.666  14.026  4.834   1.00 10.32 ? 88  TYR A N   1 
ATOM   706  C CA  . TYR A 1 88  ? -3.648  13.997  3.803   1.00 11.88 ? 88  TYR A CA  1 
ATOM   707  C C   . TYR A 1 88  ? -3.213  15.407  3.421   1.00 11.53 ? 88  TYR A C   1 
ATOM   708  O O   . TYR A 1 88  ? -2.028  15.702  3.357   1.00 12.66 ? 88  TYR A O   1 
ATOM   709  C CB  . TYR A 1 88  ? -4.195  13.208  2.600   1.00 11.00 ? 88  TYR A CB  1 
ATOM   710  C CG  . TYR A 1 88  ? -3.234  13.080  1.441   1.00 11.95 ? 88  TYR A CG  1 
ATOM   711  C CD1 . TYR A 1 88  ? -2.273  12.061  1.412   1.00 11.44 ? 88  TYR A CD1 1 
ATOM   712  C CD2 . TYR A 1 88  ? -3.286  13.966  0.380   1.00 16.44 ? 88  TYR A CD2 1 
ATOM   713  C CE1 . TYR A 1 88  ? -1.396  11.928  0.349   1.00 13.78 ? 88  TYR A CE1 1 
ATOM   714  C CE2 . TYR A 1 88  ? -2.414  13.844  -0.682  1.00 18.32 ? 88  TYR A CE2 1 
ATOM   715  C CZ  . TYR A 1 88  ? -1.464  12.819  -0.680  1.00 21.29 ? 88  TYR A CZ  1 
ATOM   716  O OH  . TYR A 1 88  ? -0.578  12.686  -1.722  1.00 19.80 ? 88  TYR A OH  1 
ATOM   717  N N   . ASP A 1 89  ? -4.183  16.291  3.218   1.00 11.67 ? 89  ASP A N   1 
ATOM   718  C CA  . ASP A 1 89  ? -3.840  17.667  2.822   1.00 13.32 ? 89  ASP A CA  1 
ATOM   719  C C   . ASP A 1 89  ? -3.067  18.365  3.918   1.00 13.78 ? 89  ASP A C   1 
ATOM   720  O O   . ASP A 1 89  ? -2.277  19.268  3.645   1.00 14.42 ? 89  ASP A O   1 
ATOM   721  C CB  . ASP A 1 89  ? -5.103  18.449  2.524   1.00 15.48 ? 89  ASP A CB  1 
ATOM   722  C CG  . ASP A 1 89  ? -5.691  18.097  1.162   1.00 21.85 ? 89  ASP A CG  1 
ATOM   723  O OD1 . ASP A 1 89  ? -4.987  17.460  0.342   1.00 20.85 ? 89  ASP A OD1 1 
ATOM   724  O OD2 . ASP A 1 89  ? -6.853  18.454  0.931   1.00 23.92 ? 89  ASP A OD2 1 
ATOM   725  N N   . SER A 1 90  ? -3.282  17.969  5.168   1.00 11.16 ? 90  SER A N   1 
ATOM   726  C CA  . SER A 1 90  ? -2.546  18.600  6.265   1.00 12.52 ? 90  SER A CA  1 
ATOM   727  C C   . SER A 1 90  ? -1.080  18.182  6.374   1.00 13.52 ? 90  SER A C   1 
ATOM   728  O O   . SER A 1 90  ? -0.287  18.847  7.039   1.00 13.81 ? 90  SER A O   1 
ATOM   729  C CB  . SER A 1 90  ? -3.252  18.333  7.603   1.00 14.50 ? 90  SER A CB  1 
ATOM   730  O OG  . SER A 1 90  ? -2.909  17.037  8.090   1.00 14.09 ? 90  SER A OG  1 
ATOM   731  N N   . LEU A 1 91  ? -0.727  17.067  5.740   1.00 12.46 ? 91  LEU A N   1 
ATOM   732  C CA  . LEU A 1 91  ? 0.612   16.490  5.868   1.00 10.65 ? 91  LEU A CA  1 
ATOM   733  C C   . LEU A 1 91  ? 1.629   17.109  4.911   1.00 12.05 ? 91  LEU A C   1 
ATOM   734  O O   . LEU A 1 91  ? 1.274   17.614  3.837   1.00 13.04 ? 91  LEU A O   1 
ATOM   735  C CB  . LEU A 1 91  ? 0.568   14.981  5.564   1.00 12.59 ? 91  LEU A CB  1 
ATOM   736  C CG  . LEU A 1 91  ? -0.286  14.149  6.548   1.00 10.59 ? 91  LEU A CG  1 
ATOM   737  C CD1 . LEU A 1 91  ? -0.381  12.714  5.995   1.00 14.07 ? 91  LEU A CD1 1 
ATOM   738  C CD2 . LEU A 1 91  ? 0.318   14.155  7.944   1.00 12.27 ? 91  LEU A CD2 1 
ATOM   739  N N   . ASP A 1 92  ? 2.889   17.038  5.311   1.00 12.00 ? 92  ASP A N   1 
ATOM   740  C CA  . ASP A 1 92  ? 4.017   17.338  4.429   1.00 11.58 ? 92  ASP A CA  1 
ATOM   741  C C   . ASP A 1 92  ? 4.251   16.204  3.422   1.00 14.68 ? 92  ASP A C   1 
ATOM   742  O O   . ASP A 1 92  ? 3.642   15.123  3.524   1.00 13.14 ? 92  ASP A O   1 
ATOM   743  C CB  . ASP A 1 92  ? 5.261   17.480  5.299   1.00 12.30 ? 92  ASP A CB  1 
ATOM   744  C CG  . ASP A 1 92  ? 5.528   16.226  6.082   1.00 15.87 ? 92  ASP A CG  1 
ATOM   745  O OD1 . ASP A 1 92  ? 4.960   16.095  7.181   1.00 13.41 ? 92  ASP A OD1 1 
ATOM   746  O OD2 . ASP A 1 92  ? 6.266   15.347  5.566   1.00 15.12 ? 92  ASP A OD2 1 
ATOM   747  N N   . ALA A 1 93  ? 5.127   16.444  2.445   1.00 14.17 ? 93  ALA A N   1 
ATOM   748  C CA  . ALA A 1 93  ? 5.312   15.496  1.340   1.00 13.74 ? 93  ALA A CA  1 
ATOM   749  C C   . ALA A 1 93  ? 5.783   14.117  1.760   1.00 12.35 ? 93  ALA A C   1 
ATOM   750  O O   . ALA A 1 93  ? 5.333   13.133  1.180   1.00 13.60 ? 93  ALA A O   1 
ATOM   751  C CB  . ALA A 1 93  ? 6.268   16.063  0.284   1.00 16.47 ? 93  ALA A CB  1 
ATOM   752  N N   . VAL A 1 94  ? 6.683   14.032  2.733   1.00 12.63 ? 94  VAL A N   1 
ATOM   753  C CA  . VAL A 1 94  ? 7.201   12.712  3.132   1.00 10.05 ? 94  VAL A CA  1 
ATOM   754  C C   . VAL A 1 94  ? 6.098   11.935  3.829   1.00 10.68 ? 94  VAL A C   1 
ATOM   755  O O   . VAL A 1 94  ? 5.861   10.750  3.550   1.00 10.08 ? 94  VAL A O   1 
ATOM   756  C CB  . VAL A 1 94  ? 8.438   12.838  4.037   1.00 15.00 ? 94  VAL A CB  1 
ATOM   757  C CG1 . VAL A 1 94  ? 8.888   11.450  4.548   1.00 13.92 ? 94  VAL A CG1 1 
ATOM   758  C CG2 . VAL A 1 94  ? 9.572   13.547  3.285   1.00 18.41 ? 94  VAL A CG2 1 
ATOM   759  N N   . ARG A 1 95  ? 5.389   12.602  4.729   1.00 10.55 ? 95  ARG A N   1 
ATOM   760  C CA  . ARG A 1 95  ? 4.325   11.903  5.442   1.00 8.72  ? 95  ARG A CA  1 
ATOM   761  C C   . ARG A 1 95  ? 3.176   11.552  4.494   1.00 11.81 ? 95  ARG A C   1 
ATOM   762  O O   . ARG A 1 95  ? 2.498   10.543  4.693   1.00 10.58 ? 95  ARG A O   1 
ATOM   763  C CB  . ARG A 1 95  ? 3.851   12.757  6.619   1.00 9.61  ? 95  ARG A CB  1 
ATOM   764  C CG  . ARG A 1 95  ? 4.915   12.830  7.698   1.00 8.50  ? 95  ARG A CG  1 
ATOM   765  C CD  . ARG A 1 95  ? 4.354   13.551  8.924   1.00 11.57 ? 95  ARG A CD  1 
ATOM   766  N NE  . ARG A 1 95  ? 5.271   13.496  10.056  1.00 11.27 ? 95  ARG A NE  1 
ATOM   767  C CZ  . ARG A 1 95  ? 6.147   14.453  10.382  1.00 13.78 ? 95  ARG A CZ  1 
ATOM   768  N NH1 . ARG A 1 95  ? 6.295   15.534  9.618   1.00 14.25 ? 95  ARG A NH1 1 
ATOM   769  N NH2 . ARG A 1 95  ? 6.910   14.290  11.463  1.00 15.01 ? 95  ARG A NH2 1 
ATOM   770  N N   . ARG A 1 96  ? 2.969   12.325  3.422   1.00 9.47  ? 96  ARG A N   1 
ATOM   771  C CA  . ARG A 1 96  ? 1.933   11.935  2.452   1.00 9.17  ? 96  ARG A CA  1 
ATOM   772  C C   . ARG A 1 96  ? 2.291   10.574  1.816   1.00 11.53 ? 96  ARG A C   1 
ATOM   773  O O   . ARG A 1 96  ? 1.399   9.772   1.499   1.00 10.92 ? 96  ARG A O   1 
ATOM   774  C CB  . ARG A 1 96  ? 1.782   12.985  1.355   1.00 10.49 ? 96  ARG A CB  1 
ATOM   775  C CG  . ARG A 1 96  ? 0.955   14.173  1.839   1.00 10.14 ? 96  ARG A CG  1 
ATOM   776  C CD  . ARG A 1 96  ? 0.812   15.215  0.735   1.00 13.96 ? 96  ARG A CD  1 
ATOM   777  N NE  . ARG A 1 96  ? 0.120   16.377  1.289   1.00 14.49 ? 96  ARG A NE  1 
ATOM   778  C CZ  . ARG A 1 96  ? 0.054   17.562  0.688   1.00 17.65 ? 96  ARG A CZ  1 
ATOM   779  N NH1 . ARG A 1 96  ? 0.606   17.715  -0.512  1.00 20.52 ? 96  ARG A NH1 1 
ATOM   780  N NH2 . ARG A 1 96  ? -0.599  18.578  1.270   1.00 14.90 ? 96  ARG A NH2 1 
ATOM   781  N N   . CYS A 1 97  ? 3.591   10.332  1.620   1.00 9.89  ? 97  CYS A N   1 
ATOM   782  C CA  . CYS A 1 97  ? 4.015   9.029   1.104   1.00 10.44 ? 97  CYS A CA  1 
ATOM   783  C C   . CYS A 1 97  ? 3.680   7.896   2.076   1.00 13.17 ? 97  CYS A C   1 
ATOM   784  O O   . CYS A 1 97  ? 3.227   6.846   1.646   1.00 11.20 ? 97  CYS A O   1 
ATOM   785  C CB  . CYS A 1 97  ? 5.509   9.005   0.833   1.00 9.58  ? 97  CYS A CB  1 
ATOM   786  S SG  . CYS A 1 97  ? 5.978   10.072  -0.534  1.00 13.85 ? 97  CYS A SG  1 
ATOM   787  N N   . ALA A 1 98  ? 3.876   8.103   3.376   1.00 9.44  ? 98  ALA A N   1 
ATOM   788  C CA  . ALA A 1 98  ? 3.457   7.090   4.354   1.00 9.87  ? 98  ALA A CA  1 
ATOM   789  C C   . ALA A 1 98  ? 1.943   6.817   4.296   1.00 10.70 ? 98  ALA A C   1 
ATOM   790  O O   . ALA A 1 98  ? 1.508   5.673   4.428   1.00 10.55 ? 98  ALA A O   1 
ATOM   791  C CB  . ALA A 1 98  ? 3.849   7.523   5.770   1.00 11.02 ? 98  ALA A CB  1 
ATOM   792  N N   . ALA A 1 99  ? 1.158   7.869   4.108   1.00 9.87  ? 99  ALA A N   1 
ATOM   793  C CA  . ALA A 1 99  ? -0.297  7.720   3.951   1.00 9.11  ? 99  ALA A CA  1 
ATOM   794  C C   . ALA A 1 99  ? -0.666  6.892   2.729   1.00 9.70  ? 99  ALA A C   1 
ATOM   795  O O   . ALA A 1 99  ? -1.508  5.994   2.797   1.00 10.46 ? 99  ALA A O   1 
ATOM   796  C CB  . ALA A 1 99  ? -0.951  9.091   3.862   1.00 9.81  ? 99  ALA A CB  1 
ATOM   797  N N   . ILE A 1 100 ? -0.072  7.248   1.598   1.00 9.75  ? 100 ILE A N   1 
ATOM   798  C CA  . ILE A 1 100 ? -0.308  6.493   0.361   1.00 9.77  ? 100 ILE A CA  1 
ATOM   799  C C   . ILE A 1 100 ? 0.085   5.027   0.550   1.00 8.69  ? 100 ILE A C   1 
ATOM   800  O O   . ILE A 1 100 ? -0.645  4.117   0.124   1.00 11.02 ? 100 ILE A O   1 
ATOM   801  C CB  . ILE A 1 100 ? 0.413   7.128   -0.822  1.00 10.45 ? 100 ILE A CB  1 
ATOM   802  C CG1 . ILE A 1 100 ? -0.162  8.517   -1.097  1.00 9.36  ? 100 ILE A CG1 1 
ATOM   803  C CG2 . ILE A 1 100 ? 0.228   6.225   -2.098  1.00 9.68  ? 100 ILE A CG2 1 
ATOM   804  C CD1 . ILE A 1 100 ? 0.787   9.387   -1.949  1.00 11.60 ? 100 ILE A CD1 1 
ATOM   805  N N   . ASN A 1 101 ? 1.229   4.789   1.191   1.00 9.44  ? 101 ASN A N   1 
ATOM   806  C CA  . ASN A 1 101 ? 1.698   3.419   1.432   1.00 8.34  ? 101 ASN A CA  1 
ATOM   807  C C   . ASN A 1 101 ? 0.631   2.610   2.190   1.00 11.90 ? 101 ASN A C   1 
ATOM   808  O O   . ASN A 1 101 ? 0.291   1.498   1.783   1.00 10.34 ? 101 ASN A O   1 
ATOM   809  C CB  . ASN A 1 101 ? 3.023   3.486   2.255   1.00 7.82  ? 101 ASN A CB  1 
ATOM   810  C CG  . ASN A 1 101 ? 3.761   2.162   2.299   1.00 11.29 ? 101 ASN A CG  1 
ATOM   811  O OD1 . ASN A 1 101 ? 3.223   1.135   2.681   1.00 11.50 ? 101 ASN A OD1 1 
ATOM   812  N ND2 . ASN A 1 101 ? 5.026   2.202   1.910   1.00 10.56 ? 101 ASN A ND2 1 
ATOM   813  N N   . MET A 1 102 ? 0.077   3.177   3.258   1.00 10.22 ? 102 MET A N   1 
ATOM   814  C CA  . MET A 1 102 ? -0.938  2.453   4.015   1.00 8.36  ? 102 MET A CA  1 
ATOM   815  C C   . MET A 1 102 ? -2.172  2.149   3.164   1.00 10.98 ? 102 MET A C   1 
ATOM   816  O O   . MET A 1 102 ? -2.709  1.049   3.230   1.00 11.25 ? 102 MET A O   1 
ATOM   817  C CB  . MET A 1 102 ? -1.354  3.216   5.283   1.00 9.36  ? 102 MET A CB  1 
ATOM   818  C CG  . MET A 1 102 ? -0.248  3.225   6.322   1.00 10.01 ? 102 MET A CG  1 
ATOM   819  S SD  . MET A 1 102 ? -0.825  3.936   7.862   1.00 12.49 ? 102 MET A SD  1 
ATOM   820  C CE  . MET A 1 102 ? -1.805  2.594   8.532   1.00 12.24 ? 102 MET A CE  1 
ATOM   821  N N   . VAL A 1 103 ? -2.613  3.125   2.385   1.00 10.81 ? 103 VAL A N   1 
ATOM   822  C CA  . VAL A 1 103 ? -3.809  2.916   1.555   1.00 10.09 ? 103 VAL A CA  1 
ATOM   823  C C   . VAL A 1 103 ? -3.527  1.913   0.446   1.00 9.74  ? 103 VAL A C   1 
ATOM   824  O O   . VAL A 1 103 ? -4.397  1.093   0.096   1.00 13.17 ? 103 VAL A O   1 
ATOM   825  C CB  . VAL A 1 103 ? -4.328  4.256   1.014   1.00 12.31 ? 103 VAL A CB  1 
ATOM   826  C CG1 . VAL A 1 103 ? -5.403  4.039   -0.066  1.00 16.48 ? 103 VAL A CG1 1 
ATOM   827  C CG2 . VAL A 1 103 ? -4.903  5.099   2.179   1.00 13.52 ? 103 VAL A CG2 1 
ATOM   828  N N   . PHE A 1 104 ? -2.307  1.915   -0.067  1.00 11.17 ? 104 PHE A N   1 
ATOM   829  C CA  . PHE A 1 104 ? -1.904  0.896   -1.039  1.00 11.60 ? 104 PHE A CA  1 
ATOM   830  C C   . PHE A 1 104 ? -1.980  -0.502  -0.430  1.00 13.11 ? 104 PHE A C   1 
ATOM   831  O O   . PHE A 1 104 ? -2.527  -1.426  -1.042  1.00 13.01 ? 104 PHE A O   1 
ATOM   832  C CB  . PHE A 1 104 ? -0.500  1.229   -1.573  1.00 9.10  ? 104 PHE A CB  1 
ATOM   833  C CG  . PHE A 1 104 ? -0.015  0.322   -2.692  1.00 10.76 ? 104 PHE A CG  1 
ATOM   834  C CD1 . PHE A 1 104 ? 0.487   -0.929  -2.401  1.00 12.51 ? 104 PHE A CD1 1 
ATOM   835  C CD2 . PHE A 1 104 ? 0.032   0.782   -4.004  1.00 16.23 ? 104 PHE A CD2 1 
ATOM   836  C CE1 . PHE A 1 104 ? 0.989   -1.749  -3.432  1.00 15.96 ? 104 PHE A CE1 1 
ATOM   837  C CE2 . PHE A 1 104 ? 0.542   -0.030  -5.037  1.00 13.74 ? 104 PHE A CE2 1 
ATOM   838  C CZ  . PHE A 1 104 ? 1.013   -1.299  -4.734  1.00 15.13 ? 104 PHE A CZ  1 
ATOM   839  N N   . GLN A 1 105 ? -1.533  -0.650  0.808   1.00 11.00 ? 105 GLN A N   1 
ATOM   840  C CA  . GLN A 1 105 ? -1.499  -1.971  1.410   1.00 11.27 ? 105 GLN A CA  1 
ATOM   841  C C   . GLN A 1 105 ? -2.888  -2.445  1.822   1.00 16.45 ? 105 GLN A C   1 
ATOM   842  O O   . GLN A 1 105 ? -3.238  -3.604  1.612   1.00 15.14 ? 105 GLN A O   1 
ATOM   843  C CB  . GLN A 1 105 ? -0.582  -1.954  2.654   1.00 11.69 ? 105 GLN A CB  1 
ATOM   844  C CG  . GLN A 1 105 ? -0.406  -3.371  3.239   1.00 13.19 ? 105 GLN A CG  1 
ATOM   845  C CD  . GLN A 1 105 ? 0.533   -3.401  4.416   1.00 14.60 ? 105 GLN A CD  1 
ATOM   846  O OE1 . GLN A 1 105 ? 1.079   -2.386  4.810   1.00 12.34 ? 105 GLN A OE1 1 
ATOM   847  N NE2 . GLN A 1 105 ? 0.683   -4.564  5.020   1.00 15.14 ? 105 GLN A NE2 1 
ATOM   848  N N   . MET A 1 106 ? -3.673  -1.564  2.434   1.00 13.11 ? 106 MET A N   1 
ATOM   849  C CA  A MET A 1 106 ? -4.901  -2.032  3.077   0.30 14.22 ? 106 MET A CA  1 
ATOM   850  C CA  B MET A 1 106 ? -4.904  -1.956  3.125   0.70 14.19 ? 106 MET A CA  1 
ATOM   851  C C   . MET A 1 106 ? -6.197  -1.488  2.496   1.00 17.87 ? 106 MET A C   1 
ATOM   852  O O   . MET A 1 106 ? -7.283  -1.928  2.906   1.00 17.64 ? 106 MET A O   1 
ATOM   853  C CB  A MET A 1 106 ? -4.846  -1.833  4.605   0.30 17.08 ? 106 MET A CB  1 
ATOM   854  C CB  B MET A 1 106 ? -4.826  -1.481  4.579   0.70 12.91 ? 106 MET A CB  1 
ATOM   855  C CG  A MET A 1 106 ? -4.686  -0.407  5.072   0.30 9.91  ? 106 MET A CG  1 
ATOM   856  C CG  B MET A 1 106 ? -3.805  -2.302  5.363   0.70 17.92 ? 106 MET A CG  1 
ATOM   857  S SD  A MET A 1 106 ? -4.469  -0.251  6.865   0.30 23.02 ? 106 MET A SD  1 
ATOM   858  S SD  B MET A 1 106 ? -3.738  -1.859  7.080   0.70 23.46 ? 106 MET A SD  1 
ATOM   859  C CE  A MET A 1 106 ? -2.709  -0.561  7.021   0.30 20.01 ? 106 MET A CE  1 
ATOM   860  C CE  B MET A 1 106 ? -2.724  -0.377  7.000   0.70 20.41 ? 106 MET A CE  1 
ATOM   861  N N   . GLY A 1 107 ? -6.094  -0.576  1.531   1.00 13.94 ? 107 GLY A N   1 
ATOM   862  C CA  . GLY A 1 107 ? -7.257  0.012   0.887   1.00 15.07 ? 107 GLY A CA  1 
ATOM   863  C C   . GLY A 1 107 ? -7.855  1.140   1.718   1.00 16.28 ? 107 GLY A C   1 
ATOM   864  O O   . GLY A 1 107 ? -7.531  1.309   2.893   1.00 18.49 ? 107 GLY A O   1 
ATOM   865  N N   A GLU A 1 108 ? -8.582  1.991   0.992   0.60 22.37 ? 108 GLU A N   1 
ATOM   866  N N   B GLU A 1 108 ? -8.876  1.801   1.195   0.40 23.91 ? 108 GLU A N   1 
ATOM   867  C CA  A GLU A 1 108 ? -9.069  3.289   1.455   0.60 21.08 ? 108 GLU A CA  1 
ATOM   868  C CA  B GLU A 1 108 ? -9.657  2.706   2.043   0.40 23.20 ? 108 GLU A CA  1 
ATOM   869  C C   A GLU A 1 108 ? -10.062 3.144   2.594   0.60 19.82 ? 108 GLU A C   1 
ATOM   870  C C   B GLU A 1 108 ? -10.325 2.011   3.250   0.40 23.52 ? 108 GLU A C   1 
ATOM   871  O O   A GLU A 1 108 ? -9.931  3.796   3.620   0.60 17.94 ? 108 GLU A O   1 
ATOM   872  O O   B GLU A 1 108 ? -10.353 2.568   4.350   0.40 27.93 ? 108 GLU A O   1 
ATOM   873  C CB  A GLU A 1 108 ? -9.704  4.050   0.283   0.60 25.79 ? 108 GLU A CB  1 
ATOM   874  C CB  B GLU A 1 108 ? -10.705 3.443   1.213   0.40 27.19 ? 108 GLU A CB  1 
ATOM   875  C CG  A GLU A 1 108 ? -10.741 5.086   0.676   0.60 26.06 ? 108 GLU A CG  1 
ATOM   876  C CG  B GLU A 1 108 ? -10.118 4.303   0.108   0.40 26.28 ? 108 GLU A CG  1 
ATOM   877  C CD  A GLU A 1 108 ? -11.699 5.435   -0.459  0.60 32.02 ? 108 GLU A CD  1 
ATOM   878  C CD  B GLU A 1 108 ? -11.154 5.215   -0.493  0.40 29.85 ? 108 GLU A CD  1 
ATOM   879  O OE1 A GLU A 1 108 ? -12.453 6.426   -0.310  0.60 31.91 ? 108 GLU A OE1 1 
ATOM   880  O OE1 B GLU A 1 108 ? -12.100 5.574   0.239   0.40 24.31 ? 108 GLU A OE1 1 
ATOM   881  O OE2 A GLU A 1 108 ? -11.707 4.730   -1.503  0.60 32.02 ? 108 GLU A OE2 1 
ATOM   882  O OE2 B GLU A 1 108 ? -11.036 5.563   -1.692  0.40 37.36 ? 108 GLU A OE2 1 
ATOM   883  N N   A THR A 1 109 ? -11.064 2.291   2.409   0.60 21.51 ? 109 THR A N   1 
ATOM   884  N N   B THR A 1 109 ? -10.855 0.804   3.052   0.40 25.78 ? 109 THR A N   1 
ATOM   885  C CA  A THR A 1 109 ? -12.035 2.044   3.467   0.60 23.72 ? 109 THR A CA  1 
ATOM   886  C CA  B THR A 1 109 ? -11.568 0.100   4.125   0.40 23.16 ? 109 THR A CA  1 
ATOM   887  C C   A THR A 1 109 ? -11.361 1.522   4.739   0.60 22.54 ? 109 THR A C   1 
ATOM   888  C C   B THR A 1 109 ? -10.628 -0.399  5.227   0.40 28.65 ? 109 THR A C   1 
ATOM   889  O O   A THR A 1 109 ? -11.706 1.929   5.863   0.60 24.36 ? 109 THR A O   1 
ATOM   890  O O   B THR A 1 109 ? -10.952 -0.327  6.418   0.40 26.41 ? 109 THR A O   1 
ATOM   891  C CB  A THR A 1 109 ? -13.127 1.064   2.984   0.60 22.47 ? 109 THR A CB  1 
ATOM   892  C CB  B THR A 1 109 ? -12.413 -1.101  3.596   0.40 29.16 ? 109 THR A CB  1 
ATOM   893  O OG1 A THR A 1 109 ? -12.515 -0.155  2.557   0.60 35.75 ? 109 THR A OG1 1 
ATOM   894  O OG1 B THR A 1 109 ? -11.658 -2.317  3.694   0.40 28.50 ? 109 THR A OG1 1 
ATOM   895  C CG2 A THR A 1 109 ? -13.870 1.668   1.810   0.60 22.43 ? 109 THR A CG2 1 
ATOM   896  C CG2 B THR A 1 109 ? -12.838 -0.878  2.150   0.40 30.75 ? 109 THR A CG2 1 
ATOM   897  N N   A GLY A 1 110 ? -10.388 0.635   4.565   0.60 23.71 ? 110 GLY A N   1 
ATOM   898  N N   B GLY A 1 110 ? -9.464  -0.901  4.826   0.40 20.78 ? 110 GLY A N   1 
ATOM   899  C CA  A GLY A 1 110 ? -9.661  0.084   5.698   0.60 23.41 ? 110 GLY A CA  1 
ATOM   900  C CA  B GLY A 1 110 ? -8.513  -1.458  5.765   0.40 22.61 ? 110 GLY A CA  1 
ATOM   901  C C   A GLY A 1 110 ? -8.984  1.166   6.518   0.60 20.60 ? 110 GLY A C   1 
ATOM   902  C C   B GLY A 1 110 ? -8.018  -0.428  6.756   0.40 24.29 ? 110 GLY A C   1 
ATOM   903  O O   A GLY A 1 110 ? -9.192  1.282   7.729   0.60 24.46 ? 110 GLY A O   1 
ATOM   904  O O   B GLY A 1 110 ? -7.445  -0.772  7.792   0.40 24.37 ? 110 GLY A O   1 
ATOM   905  N N   A VAL A 1 111 ? -8.163  1.965   5.854   0.60 17.89 ? 111 VAL A N   1 
ATOM   906  N N   B VAL A 1 111 ? -8.250  0.841   6.432   0.40 22.12 ? 111 VAL A N   1 
ATOM   907  C CA  A VAL A 1 111 ? -7.414  3.020   6.528   0.60 18.60 ? 111 VAL A CA  1 
ATOM   908  C CA  B VAL A 1 111 ? -7.818  1.953   7.270   0.40 19.31 ? 111 VAL A CA  1 
ATOM   909  C C   A VAL A 1 111 ? -8.339  4.073   7.135   0.60 16.82 ? 111 VAL A C   1 
ATOM   910  C C   B VAL A 1 111 ? -8.984  2.499   8.106   0.40 22.52 ? 111 VAL A C   1 
ATOM   911  O O   A VAL A 1 111 ? -8.048  4.638   8.191   0.60 16.58 ? 111 VAL A O   1 
ATOM   912  O O   B VAL A 1 111 ? -8.820  3.426   8.893   0.40 18.51 ? 111 VAL A O   1 
ATOM   913  C CB  A VAL A 1 111 ? -6.465  3.709   5.540   0.60 19.10 ? 111 VAL A CB  1 
ATOM   914  C CB  B VAL A 1 111 ? -7.187  3.059   6.394   0.40 18.23 ? 111 VAL A CB  1 
ATOM   915  C CG1 A VAL A 1 111 ? -5.644  4.773   6.236   0.60 18.76 ? 111 VAL A CG1 1 
ATOM   916  C CG1 B VAL A 1 111 ? -7.160  4.396   7.110   0.40 26.96 ? 111 VAL A CG1 1 
ATOM   917  C CG2 A VAL A 1 111 ? -5.560  2.670   4.883   0.60 22.63 ? 111 VAL A CG2 1 
ATOM   918  C CG2 B VAL A 1 111 ? -5.795  2.630   5.937   0.40 20.84 ? 111 VAL A CG2 1 
ATOM   919  N N   A ALA A 1 112 ? -9.429  4.370   6.442   0.60 16.86 ? 112 ALA A N   1 
ATOM   920  N N   B ALA A 1 112 ? -10.156 1.890   7.954   0.40 23.28 ? 112 ALA A N   1 
ATOM   921  C CA  A ALA A 1 112 ? -10.334 5.430   6.873   0.60 16.11 ? 112 ALA A CA  1 
ATOM   922  C CA  B ALA A 1 112 ? -11.368 2.360   8.630   0.40 23.91 ? 112 ALA A CA  1 
ATOM   923  C C   A ALA A 1 112 ? -10.931 5.134   8.245   0.60 21.36 ? 112 ALA A C   1 
ATOM   924  C C   B ALA A 1 112 ? -11.236 2.513   10.149  0.40 21.06 ? 112 ALA A C   1 
ATOM   925  O O   A ALA A 1 112 ? -11.461 6.029   8.922   0.60 22.47 ? 112 ALA A O   1 
ATOM   926  O O   B ALA A 1 112 ? -11.766 3.473   10.725  0.40 23.69 ? 112 ALA A O   1 
ATOM   927  C CB  A ALA A 1 112 ? -11.436 5.647   5.820   0.60 16.25 ? 112 ALA A CB  1 
ATOM   928  C CB  B ALA A 1 112 ? -12.561 1.461   8.289   0.40 22.71 ? 112 ALA A CB  1 
ATOM   929  N N   A GLY A 1 113 ? -10.843 3.872   8.660   0.60 15.85 ? 113 GLY A N   1 
ATOM   930  N N   B GLY A 1 113 ? -10.548 1.573   10.798  0.40 20.93 ? 113 GLY A N   1 
ATOM   931  C CA  A GLY A 1 113 ? -11.310 3.478   9.979   0.60 23.30 ? 113 GLY A CA  1 
ATOM   932  C CA  B GLY A 1 113 ? -10.438 1.586   12.249  0.40 23.87 ? 113 GLY A CA  1 
ATOM   933  C C   A GLY A 1 113 ? -10.325 3.710   11.121  0.60 23.07 ? 113 GLY A C   1 
ATOM   934  C C   B GLY A 1 113 ? -9.406  2.552   12.807  0.40 16.46 ? 113 GLY A C   1 
ATOM   935  O O   A GLY A 1 113 ? -10.689 3.558   12.293  0.60 23.77 ? 113 GLY A O   1 
ATOM   936  O O   B GLY A 1 113 ? -9.169  2.584   14.017  0.40 16.15 ? 113 GLY A O   1 
ATOM   937  N N   A PHE A 1 114 ? -9.085  4.068   10.783  0.60 20.72 ? 114 PHE A N   1 
ATOM   938  N N   B PHE A 1 114 ? -8.799  3.347   11.925  0.40 20.13 ? 114 PHE A N   1 
ATOM   939  C CA  A PHE A 1 114 ? -8.040  4.349   11.779  0.60 16.38 ? 114 PHE A CA  1 
ATOM   940  C CA  B PHE A 1 114 ? -7.717  4.256   12.310  0.40 13.36 ? 114 PHE A CA  1 
ATOM   941  C C   A PHE A 1 114 ? -8.288  5.733   12.365  0.60 15.19 ? 114 PHE A C   1 
ATOM   942  C C   B PHE A 1 114 ? -8.163  5.694   12.664  0.40 15.69 ? 114 PHE A C   1 
ATOM   943  O O   A PHE A 1 114 ? -7.467  6.628   12.264  0.60 17.58 ? 114 PHE A O   1 
ATOM   944  O O   B PHE A 1 114 ? -7.337  6.604   12.660  0.40 16.75 ? 114 PHE A O   1 
ATOM   945  C CB  A PHE A 1 114 ? -6.659  4.306   11.123  0.60 14.28 ? 114 PHE A CB  1 
ATOM   946  C CB  B PHE A 1 114 ? -6.632  4.306   11.215  0.40 14.26 ? 114 PHE A CB  1 
ATOM   947  C CG  A PHE A 1 114 ? -6.044  2.922   11.051  0.60 15.84 ? 114 PHE A CG  1 
ATOM   948  C CG  B PHE A 1 114 ? -5.745  3.064   11.140  0.40 16.51 ? 114 PHE A CG  1 
ATOM   949  C CD1 A PHE A 1 114 ? -4.704  2.728   11.376  0.60 15.68 ? 114 PHE A CD1 1 
ATOM   950  C CD1 B PHE A 1 114 ? -4.631  2.931   11.971  0.40 17.30 ? 114 PHE A CD1 1 
ATOM   951  C CD2 A PHE A 1 114 ? -6.803  1.824   10.672  0.60 21.87 ? 114 PHE A CD2 1 
ATOM   952  C CD2 B PHE A 1 114 ? -6.005  2.057   10.223  0.40 18.69 ? 114 PHE A CD2 1 
ATOM   953  C CE1 A PHE A 1 114 ? -4.137  1.459   11.333  0.60 22.57 ? 114 PHE A CE1 1 
ATOM   954  C CE1 B PHE A 1 114 ? -3.810  1.799   11.904  0.40 15.48 ? 114 PHE A CE1 1 
ATOM   955  C CE2 A PHE A 1 114 ? -6.238  0.559   10.622  0.60 17.90 ? 114 PHE A CE2 1 
ATOM   956  C CE2 B PHE A 1 114 ? -5.192  0.923   10.147  0.40 16.38 ? 114 PHE A CE2 1 
ATOM   957  C CZ  A PHE A 1 114 ? -4.912  0.380   10.940  0.60 17.53 ? 114 PHE A CZ  1 
ATOM   958  C CZ  B PHE A 1 114 ? -4.096  0.795   10.991  0.40 18.09 ? 114 PHE A CZ  1 
ATOM   959  N N   . THR A 1 115 ? -9.443  5.900   12.985  1.00 16.75 ? 115 THR A N   1 
ATOM   960  C CA  . THR A 1 115 ? -9.919  7.212   13.388  1.00 16.27 ? 115 THR A CA  1 
ATOM   961  C C   . THR A 1 115 ? -9.026  7.966   14.369  1.00 18.77 ? 115 THR A C   1 
ATOM   962  O O   . THR A 1 115 ? -8.743  9.155   14.181  1.00 16.11 ? 115 THR A O   1 
ATOM   963  C CB  . THR A 1 115 ? -11.314 7.117   14.003  1.00 21.75 ? 115 THR A CB  1 
ATOM   964  O OG1 . THR A 1 115 ? -12.179 6.467   13.072  1.00 23.66 ? 115 THR A OG1 1 
ATOM   965  C CG2 . THR A 1 115 ? -11.850 8.512   14.333  1.00 25.31 ? 115 THR A CG2 1 
ATOM   966  N N   . ASN A 1 116 ? -8.573  7.289   15.420  1.00 16.19 ? 116 ASN A N   1 
ATOM   967  C CA  . ASN A 1 116 ? -7.763  7.967   16.409  1.00 15.33 ? 116 ASN A CA  1 
ATOM   968  C C   . ASN A 1 116 ? -6.384  8.363   15.835  1.00 14.74 ? 116 ASN A C   1 
ATOM   969  O O   . ASN A 1 116 ? -5.911  9.458   16.093  1.00 14.41 ? 116 ASN A O   1 
ATOM   970  C CB  . ASN A 1 116 ? -7.681  7.119   17.693  1.00 15.69 ? 116 ASN A CB  1 
ATOM   971  C CG  . ASN A 1 116 ? -9.074  6.896   18.301  1.00 32.12 ? 116 ASN A CG  1 
ATOM   972  O OD1 . ASN A 1 116 ? -9.890  7.826   18.334  1.00 27.77 ? 116 ASN A OD1 1 
ATOM   973  N ND2 . ASN A 1 116 ? -9.368  5.670   18.738  1.00 26.50 ? 116 ASN A ND2 1 
ATOM   974  N N   . SER A 1 117 ? -5.788  7.498   15.013  1.00 11.11 ? 117 SER A N   1 
ATOM   975  C CA  . SER A 1 117 ? -4.496  7.836   14.414  1.00 12.99 ? 117 SER A CA  1 
ATOM   976  C C   . SER A 1 117 ? -4.623  9.002   13.449  1.00 12.91 ? 117 SER A C   1 
ATOM   977  O O   . SER A 1 117 ? -3.754  9.882   13.401  1.00 13.68 ? 117 SER A O   1 
ATOM   978  C CB  . SER A 1 117 ? -3.882  6.633   13.679  1.00 15.21 ? 117 SER A CB  1 
ATOM   979  O OG  . SER A 1 117 ? -3.277  5.738   14.603  1.00 23.47 ? 117 SER A OG  1 
ATOM   980  N N   . LEU A 1 118 ? -5.704  9.000   12.672  1.00 12.09 ? 118 LEU A N   1 
ATOM   981  C CA  . LEU A 1 118 ? -5.972  10.100  11.733  1.00 12.98 ? 118 LEU A CA  1 
ATOM   982  C C   . LEU A 1 118 ? -6.032  11.421  12.479  1.00 13.76 ? 118 LEU A C   1 
ATOM   983  O O   . LEU A 1 118 ? -5.443  12.415  12.041  1.00 14.28 ? 118 LEU A O   1 
ATOM   984  C CB  . LEU A 1 118 ? -7.267  9.859   10.954  1.00 13.81 ? 118 LEU A CB  1 
ATOM   985  C CG  . LEU A 1 118 ? -7.175  8.831   9.827   1.00 14.92 ? 118 LEU A CG  1 
ATOM   986  C CD1 . LEU A 1 118 ? -8.565  8.339   9.457   1.00 15.55 ? 118 LEU A CD1 1 
ATOM   987  C CD2 . LEU A 1 118 ? -6.512  9.438   8.591   1.00 14.77 ? 118 LEU A CD2 1 
ATOM   988  N N   . ARG A 1 119 ? -6.721  11.431  13.614  1.00 13.73 ? 119 ARG A N   1 
ATOM   989  C CA  . ARG A 1 119 ? -6.838  12.655  14.391  1.00 16.92 ? 119 ARG A CA  1 
ATOM   990  C C   . ARG A 1 119 ? -5.460  13.080  14.895  1.00 16.07 ? 119 ARG A C   1 
ATOM   991  O O   . ARG A 1 119 ? -5.089  14.248  14.803  1.00 14.94 ? 119 ARG A O   1 
ATOM   992  C CB  . ARG A 1 119 ? -7.794  12.462  15.576  1.00 15.75 ? 119 ARG A CB  1 
ATOM   993  C CG  . ARG A 1 119 ? -8.065  13.763  16.328  1.00 21.97 ? 119 ARG A CG  1 
ATOM   994  C CD  . ARG A 1 119 ? -8.960  13.527  17.552  1.00 29.55 ? 119 ARG A CD  1 
ATOM   995  N NE  . ARG A 1 119 ? -8.302  12.619  18.483  0.50 26.29 ? 119 ARG A NE  1 
ATOM   996  C CZ  . ARG A 1 119 ? -8.649  11.351  18.674  0.50 30.15 ? 119 ARG A CZ  1 
ATOM   997  N NH1 . ARG A 1 119 ? -9.691  10.824  18.023  1.00 35.37 ? 119 ARG A NH1 1 
ATOM   998  N NH2 . ARG A 1 119 ? -7.956  10.614  19.531  1.00 43.98 ? 119 ARG A NH2 1 
ATOM   999  N N   . MET A 1 120 ? -4.685  12.144  15.442  1.00 11.52 ? 120 MET A N   1 
ATOM   1000 C CA  . MET A 1 120 ? -3.367  12.517  15.974  1.00 12.07 ? 120 MET A CA  1 
ATOM   1001 C C   . MET A 1 120 ? -2.451  13.026  14.858  1.00 13.73 ? 120 MET A C   1 
ATOM   1002 O O   . MET A 1 120 ? -1.685  13.962  15.059  1.00 13.06 ? 120 MET A O   1 
ATOM   1003 C CB  . MET A 1 120 ? -2.698  11.352  16.711  1.00 11.65 ? 120 MET A CB  1 
ATOM   1004 C CG  . MET A 1 120 ? -3.530  10.908  17.898  1.00 17.50 ? 120 MET A CG  1 
ATOM   1005 S SD  . MET A 1 120 ? -2.864  9.387   18.564  1.00 20.91 ? 120 MET A SD  1 
ATOM   1006 C CE  . MET A 1 120 ? -4.124  8.908   19.752  1.00 27.35 ? 120 MET A CE  1 
ATOM   1007 N N   . LEU A 1 121 ? -2.524  12.409  13.685  1.00 12.06 ? 121 LEU A N   1 
ATOM   1008 C CA  . LEU A 1 121 ? -1.734  12.903  12.550  1.00 10.83 ? 121 LEU A CA  1 
ATOM   1009 C C   . LEU A 1 121 ? -2.191  14.294  12.134  1.00 12.53 ? 121 LEU A C   1 
ATOM   1010 O O   . LEU A 1 121 ? -1.363  15.149  11.887  1.00 12.56 ? 121 LEU A O   1 
ATOM   1011 C CB  . LEU A 1 121 ? -1.859  11.948  11.347  1.00 11.55 ? 121 LEU A CB  1 
ATOM   1012 C CG  . LEU A 1 121 ? -1.185  10.583  11.530  1.00 12.02 ? 121 LEU A CG  1 
ATOM   1013 C CD1 . LEU A 1 121 ? -1.544  9.679   10.340  1.00 14.04 ? 121 LEU A CD1 1 
ATOM   1014 C CD2 . LEU A 1 121 ? 0.339   10.675  11.610  1.00 11.89 ? 121 LEU A CD2 1 
ATOM   1015 N N   . GLN A 1 122 ? -3.501  14.505  12.041  1.00 11.05 ? 122 GLN A N   1 
ATOM   1016 C CA  . GLN A 1 122 ? -4.007  15.847  11.686  1.00 15.84 ? 122 GLN A CA  1 
ATOM   1017 C C   . GLN A 1 122 ? -3.521  16.890  12.712  1.00 15.52 ? 122 GLN A C   1 
ATOM   1018 O O   . GLN A 1 122 ? -3.212  18.043  12.353  1.00 16.06 ? 122 GLN A O   1 
ATOM   1019 C CB  . GLN A 1 122 ? -5.537  15.838  11.600  1.00 17.27 ? 122 GLN A CB  1 
ATOM   1020 C CG  . GLN A 1 122 ? -6.109  17.233  11.351  1.00 24.26 ? 122 GLN A CG  1 
ATOM   1021 C CD  . GLN A 1 122 ? -6.932  17.337  10.103  0.50 27.34 ? 122 GLN A CD  1 
ATOM   1022 O OE1 . GLN A 1 122 ? -7.682  16.429  9.763   0.50 29.08 ? 122 GLN A OE1 1 
ATOM   1023 N NE2 . GLN A 1 122 ? -6.814  18.469  9.415   0.50 28.75 ? 122 GLN A NE2 1 
ATOM   1024 N N   . GLN A 1 123 ? -3.431  16.487  13.983  1.00 11.89 ? 123 GLN A N   1 
ATOM   1025 C CA  . GLN A 1 123 ? -2.974  17.387  15.057  1.00 11.77 ? 123 GLN A CA  1 
ATOM   1026 C C   . GLN A 1 123 ? -1.450  17.516  15.128  1.00 13.95 ? 123 GLN A C   1 
ATOM   1027 O O   . GLN A 1 123 ? -0.911  18.213  16.005  1.00 14.76 ? 123 GLN A O   1 
ATOM   1028 C CB  . GLN A 1 123 ? -3.490  16.884  16.404  1.00 15.02 ? 123 GLN A CB  1 
ATOM   1029 C CG  . GLN A 1 123 ? -4.987  17.000  16.593  1.00 20.32 ? 123 GLN A CG  1 
ATOM   1030 C CD  . GLN A 1 123 ? -5.422  16.340  17.907  1.00 22.87 ? 123 GLN A CD  1 
ATOM   1031 O OE1 . GLN A 1 123 ? -4.989  15.227  18.237  1.00 30.48 ? 123 GLN A OE1 1 
ATOM   1032 N NE2 . GLN A 1 123 ? -6.280  17.013  18.648  1.00 41.87 ? 123 GLN A NE2 1 
ATOM   1033 N N   . LYS A 1 124 ? -0.751  16.794  14.255  1.00 11.66 ? 124 LYS A N   1 
ATOM   1034 C CA  . LYS A 1 124 ? 0.711   16.739  14.263  1.00 11.81 ? 124 LYS A CA  1 
ATOM   1035 C C   . LYS A 1 124 ? 1.313   16.279  15.591  1.00 12.87 ? 124 LYS A C   1 
ATOM   1036 O O   . LYS A 1 124 ? 2.382   16.729  15.988  1.00 13.60 ? 124 LYS A O   1 
ATOM   1037 C CB  . LYS A 1 124 ? 1.317   18.078  13.816  1.00 12.73 ? 124 LYS A CB  1 
ATOM   1038 C CG  . LYS A 1 124 ? 0.759   18.491  12.442  1.00 14.66 ? 124 LYS A CG  1 
ATOM   1039 C CD  . LYS A 1 124 ? 1.632   19.612  11.827  1.00 15.47 ? 124 LYS A CD  1 
ATOM   1040 C CE  . LYS A 1 124 ? 1.157   19.964  10.435  1.00 15.12 ? 124 LYS A CE  1 
ATOM   1041 N NZ  . LYS A 1 124 ? 1.178   18.789  9.490   1.00 16.58 ? 124 LYS A NZ  1 
ATOM   1042 N N   . ARG A 1 125 ? 0.620   15.355  16.248  1.00 12.42 ? 125 ARG A N   1 
ATOM   1043 C CA  . ARG A 1 125 ? 1.115   14.738  17.474  1.00 11.75 ? 125 ARG A CA  1 
ATOM   1044 C C   . ARG A 1 125 ? 1.802   13.444  17.042  1.00 12.04 ? 125 ARG A C   1 
ATOM   1045 O O   . ARG A 1 125 ? 1.235   12.354  17.131  1.00 14.42 ? 125 ARG A O   1 
ATOM   1046 C CB  . ARG A 1 125 ? -0.060  14.468  18.415  1.00 14.56 ? 125 ARG A CB  1 
ATOM   1047 C CG  . ARG A 1 125 ? -0.709  15.765  18.906  1.00 15.62 ? 125 ARG A CG  1 
ATOM   1048 C CD  . ARG A 1 125 ? -1.913  15.508  19.815  1.00 21.64 ? 125 ARG A CD  1 
ATOM   1049 N NE  . ARG A 1 125 ? -2.446  16.765  20.354  1.00 31.96 ? 125 ARG A NE  1 
ATOM   1050 N N   . TRP A 1 126 ? 3.026   13.580  16.546  1.00 13.63 ? 126 TRP A N   1 
ATOM   1051 C CA  . TRP A 1 126 ? 3.630   12.479  15.801  1.00 12.97 ? 126 TRP A CA  1 
ATOM   1052 C C   . TRP A 1 126 ? 3.979   11.269  16.655  1.00 14.21 ? 126 TRP A C   1 
ATOM   1053 O O   . TRP A 1 126 ? 3.766   10.149  16.241  1.00 14.42 ? 126 TRP A O   1 
ATOM   1054 C CB  . TRP A 1 126 ? 4.879   12.942  15.056  1.00 10.33 ? 126 TRP A CB  1 
ATOM   1055 C CG  . TRP A 1 126 ? 4.690   14.169  14.229  1.00 9.43  ? 126 TRP A CG  1 
ATOM   1056 C CD1 . TRP A 1 126 ? 5.426   15.331  14.319  1.00 14.21 ? 126 TRP A CD1 1 
ATOM   1057 C CD2 . TRP A 1 126 ? 3.780   14.357  13.132  1.00 11.49 ? 126 TRP A CD2 1 
ATOM   1058 N NE1 . TRP A 1 126 ? 4.991   16.232  13.384  1.00 12.82 ? 126 TRP A NE1 1 
ATOM   1059 C CE2 . TRP A 1 126 ? 3.985   15.661  12.635  1.00 11.77 ? 126 TRP A CE2 1 
ATOM   1060 C CE3 . TRP A 1 126 ? 2.783   13.569  12.556  1.00 11.42 ? 126 TRP A CE3 1 
ATOM   1061 C CZ2 . TRP A 1 126 ? 3.262   16.172  11.562  1.00 13.51 ? 126 TRP A CZ2 1 
ATOM   1062 C CZ3 . TRP A 1 126 ? 2.048   14.086  11.487  1.00 12.42 ? 126 TRP A CZ3 1 
ATOM   1063 C CH2 . TRP A 1 126 ? 2.291   15.373  11.001  1.00 13.53 ? 126 TRP A CH2 1 
ATOM   1064 N N   . ASP A 1 127 ? 4.551   11.486  17.849  1.00 14.32 ? 127 ASP A N   1 
ATOM   1065 C CA  . ASP A 1 127 ? 4.875   10.337  18.686  1.00 13.88 ? 127 ASP A CA  1 
ATOM   1066 C C   . ASP A 1 127 ? 3.603   9.640   19.150  1.00 14.72 ? 127 ASP A C   1 
ATOM   1067 O O   . ASP A 1 127 ? 3.569   8.418   19.208  1.00 14.73 ? 127 ASP A O   1 
ATOM   1068 C CB  . ASP A 1 127 ? 5.694   10.753  19.916  1.00 15.43 ? 127 ASP A CB  1 
ATOM   1069 C CG  . ASP A 1 127 ? 7.155   11.070  19.586  1.00 24.73 ? 127 ASP A CG  1 
ATOM   1070 O OD1 . ASP A 1 127 ? 7.476   11.371  18.421  1.00 30.13 ? 127 ASP A OD1 1 
ATOM   1071 O OD2 . ASP A 1 127 ? 7.996   11.056  20.525  1.00 27.56 ? 127 ASP A OD2 1 
ATOM   1072 N N   . GLU A 1 128 ? 2.563   10.404  19.473  1.00 12.88 ? 128 GLU A N   1 
ATOM   1073 C CA  . GLU A 1 128 ? 1.290   9.792   19.848  1.00 14.26 ? 128 GLU A CA  1 
ATOM   1074 C C   . GLU A 1 128 ? 0.694   8.974   18.709  1.00 13.57 ? 128 GLU A C   1 
ATOM   1075 O O   . GLU A 1 128 ? 0.204   7.864   18.931  1.00 13.91 ? 128 GLU A O   1 
ATOM   1076 C CB  . GLU A 1 128 ? 0.310   10.871  20.300  1.00 18.38 ? 128 GLU A CB  1 
ATOM   1077 C CG  . GLU A 1 128 ? 0.816   11.576  21.553  1.00 24.49 ? 128 GLU A CG  1 
ATOM   1078 C CD  . GLU A 1 128 ? -0.162  12.599  22.071  1.00 44.89 ? 128 GLU A CD  1 
ATOM   1079 O OE1 . GLU A 1 128 ? -1.287  12.200  22.458  1.00 45.55 ? 128 GLU A OE1 1 
ATOM   1080 O OE2 . GLU A 1 128 ? 0.192   13.800  22.083  1.00 45.31 ? 128 GLU A OE2 1 
ATOM   1081 N N   . ALA A 1 129 ? 0.710   9.534   17.502  1.00 11.53 ? 129 ALA A N   1 
ATOM   1082 C CA  . ALA A 1 129 ? 0.210   8.818   16.321  1.00 10.03 ? 129 ALA A CA  1 
ATOM   1083 C C   . ALA A 1 129 ? 0.988   7.531   16.137  1.00 12.63 ? 129 ALA A C   1 
ATOM   1084 O O   . ALA A 1 129 ? 0.404   6.479   15.878  1.00 13.66 ? 129 ALA A O   1 
ATOM   1085 C CB  . ALA A 1 129 ? 0.339   9.690   15.055  1.00 13.09 ? 129 ALA A CB  1 
ATOM   1086 N N   . ALA A 1 130 ? 2.310   7.597   16.299  1.00 11.75 ? 130 ALA A N   1 
ATOM   1087 C CA  . ALA A 1 130 ? 3.143   6.417   16.098  1.00 11.47 ? 130 ALA A CA  1 
ATOM   1088 C C   . ALA A 1 130 ? 2.778   5.312   17.093  1.00 14.12 ? 130 ALA A C   1 
ATOM   1089 O O   . ALA A 1 130 ? 2.731   4.128   16.735  1.00 14.11 ? 130 ALA A O   1 
ATOM   1090 C CB  . ALA A 1 130 ? 4.621   6.792   16.222  1.00 15.73 ? 130 ALA A CB  1 
ATOM   1091 N N   . VAL A 1 131 ? 2.537   5.694   18.345  1.00 12.12 ? 131 VAL A N   1 
ATOM   1092 C CA  . VAL A 1 131 ? 2.116   4.724   19.356  1.00 12.79 ? 131 VAL A CA  1 
ATOM   1093 C C   . VAL A 1 131 ? 0.768   4.119   18.989  1.00 14.07 ? 131 VAL A C   1 
ATOM   1094 O O   . VAL A 1 131 ? 0.554   2.918   19.072  1.00 14.52 ? 131 VAL A O   1 
ATOM   1095 C CB  . VAL A 1 131 ? 2.054   5.373   20.752  1.00 13.96 ? 131 VAL A CB  1 
ATOM   1096 C CG1 . VAL A 1 131 ? 1.374   4.429   21.747  1.00 17.28 ? 131 VAL A CG1 1 
ATOM   1097 C CG2 . VAL A 1 131 ? 3.467   5.669   21.204  1.00 16.39 ? 131 VAL A CG2 1 
ATOM   1098 N N   . ASN A 1 132 ? -0.158  4.962   18.580  1.00 12.73 ? 132 ASN A N   1 
ATOM   1099 C CA  . ASN A 1 132 ? -1.485  4.452   18.265  1.00 14.06 ? 132 ASN A CA  1 
ATOM   1100 C C   . ASN A 1 132 ? -1.469  3.525   17.045  1.00 13.24 ? 132 ASN A C   1 
ATOM   1101 O O   . ASN A 1 132 ? -2.168  2.502   17.009  1.00 12.04 ? 132 ASN A O   1 
ATOM   1102 C CB  . ASN A 1 132 ? -2.425  5.616   18.002  1.00 14.42 ? 132 ASN A CB  1 
ATOM   1103 C CG  . ASN A 1 132 ? -3.866  5.167   17.846  1.00 16.64 ? 132 ASN A CG  1 
ATOM   1104 O OD1 . ASN A 1 132 ? -4.381  4.977   16.731  1.00 18.55 ? 132 ASN A OD1 1 
ATOM   1105 N ND2 . ASN A 1 132 ? -4.527  4.972   18.977  1.00 17.79 ? 132 ASN A ND2 1 
ATOM   1106 N N   . LEU A 1 133 ? -0.660  3.890   16.046  1.00 11.69 ? 133 LEU A N   1 
ATOM   1107 C CA  . LEU A 1 133 ? -0.618  3.099   14.808  1.00 12.09 ? 133 LEU A CA  1 
ATOM   1108 C C   . LEU A 1 133 ? -0.130  1.686   15.068  1.00 13.14 ? 133 LEU A C   1 
ATOM   1109 O O   . LEU A 1 133 ? -0.519  0.767   14.369  1.00 14.55 ? 133 LEU A O   1 
ATOM   1110 C CB  . LEU A 1 133 ? 0.295   3.771   13.769  1.00 12.84 ? 133 LEU A CB  1 
ATOM   1111 C CG  . LEU A 1 133 ? -0.289  4.981   13.034  1.00 12.21 ? 133 LEU A CG  1 
ATOM   1112 C CD1 . LEU A 1 133 ? 0.825   5.744   12.360  1.00 13.40 ? 133 LEU A CD1 1 
ATOM   1113 C CD2 . LEU A 1 133 ? -1.341  4.525   12.024  1.00 14.01 ? 133 LEU A CD2 1 
ATOM   1114 N N   . ALA A 1 134 ? 0.731   1.512   16.069  1.00 12.02 ? 134 ALA A N   1 
ATOM   1115 C CA  . ALA A 1 134 ? 1.290   0.181   16.329  1.00 14.12 ? 134 ALA A CA  1 
ATOM   1116 C C   . ALA A 1 134 ? 0.325   -0.729  17.062  1.00 13.90 ? 134 ALA A C   1 
ATOM   1117 O O   . ALA A 1 134 ? 0.539   -1.966  17.142  1.00 14.88 ? 134 ALA A O   1 
ATOM   1118 C CB  . ALA A 1 134 ? 2.611   0.289   17.060  1.00 14.63 ? 134 ALA A CB  1 
ATOM   1119 N N   . LYS A 1 135 ? -0.744  -0.137  17.570  1.00 12.19 ? 135 LYS A N   1 
ATOM   1120 C CA  . LYS A 1 135 ? -1.792  -0.909  18.240  1.00 13.02 ? 135 LYS A CA  1 
ATOM   1121 C C   . LYS A 1 135 ? -2.793  -1.411  17.203  1.00 11.58 ? 135 LYS A C   1 
ATOM   1122 O O   . LYS A 1 135 ? -3.945  -1.010  17.203  1.00 14.17 ? 135 LYS A O   1 
ATOM   1123 C CB  . LYS A 1 135 ? -2.508  -0.062  19.307  1.00 14.57 ? 135 LYS A CB  1 
ATOM   1124 C CG  . LYS A 1 135 ? -1.601  0.345   20.459  1.00 18.34 ? 135 LYS A CG  1 
ATOM   1125 C CD  . LYS A 1 135 ? -2.289  1.358   21.366  1.00 21.98 ? 135 LYS A CD  1 
ATOM   1126 C CE  . LYS A 1 135 ? -1.310  1.839   22.441  1.00 30.79 ? 135 LYS A CE  1 
ATOM   1127 N NZ  . LYS A 1 135 ? -1.926  2.879   23.345  1.00 30.77 ? 135 LYS A NZ  1 
ATOM   1128 N N   . SER A 1 136 ? -2.346  -2.300  16.329  1.00 11.60 ? 136 SER A N   1 
ATOM   1129 C CA  . SER A 1 136 ? -3.138  -2.646  15.154  1.00 12.94 ? 136 SER A CA  1 
ATOM   1130 C C   . SER A 1 136 ? -2.802  -4.029  14.665  1.00 13.30 ? 136 SER A C   1 
ATOM   1131 O O   . SER A 1 136 ? -1.671  -4.491  14.829  1.00 11.35 ? 136 SER A O   1 
ATOM   1132 C CB  . SER A 1 136 ? -2.887  -1.663  13.988  1.00 11.19 ? 136 SER A CB  1 
ATOM   1133 O OG  . SER A 1 136 ? -1.501  -1.642  13.590  1.00 10.99 ? 136 SER A OG  1 
ATOM   1134 N N   . ARG A 1 137 ? -3.772  -4.659  14.008  1.00 11.32 ? 137 ARG A N   1 
ATOM   1135 C CA  . ARG A 1 137 ? -3.501  -5.920  13.346  1.00 10.13 ? 137 ARG A CA  1 
ATOM   1136 C C   . ARG A 1 137 ? -2.392  -5.716  12.315  1.00 12.15 ? 137 ARG A C   1 
ATOM   1137 O O   . ARG A 1 137 ? -1.474  -6.539  12.165  1.00 12.78 ? 137 ARG A O   1 
ATOM   1138 C CB  . ARG A 1 137 ? -4.774  -6.500  12.701  1.00 10.53 ? 137 ARG A CB  1 
ATOM   1139 C CG  . ARG A 1 137 ? -4.445  -7.811  11.950  1.00 15.37 ? 137 ARG A CG  1 
ATOM   1140 C CD  . ARG A 1 137 ? -5.625  -8.433  11.229  1.00 17.54 ? 137 ARG A CD  1 
ATOM   1141 N NE  . ARG A 1 137 ? -5.243  -9.741  10.659  1.00 17.39 ? 137 ARG A NE  1 
ATOM   1142 C CZ  . ARG A 1 137 ? -4.619  -9.915  9.491   1.00 20.74 ? 137 ARG A CZ  1 
ATOM   1143 N NH1 . ARG A 1 137 ? -4.268  -8.873  8.732   1.00 21.47 ? 137 ARG A NH1 1 
ATOM   1144 N NH2 . ARG A 1 137 ? -4.314  -11.145 9.085   1.00 21.05 ? 137 ARG A NH2 1 
ATOM   1145 N N   . TRP A 1 138 ? -2.448  -4.570  11.647  1.00 10.86 ? 138 TRP A N   1 
ATOM   1146 C CA  . TRP A 1 138 ? -1.449  -4.225  10.638  1.00 12.47 ? 138 TRP A CA  1 
ATOM   1147 C C   . TRP A 1 138 ? -0.028  -4.343  11.167  1.00 12.68 ? 138 TRP A C   1 
ATOM   1148 O O   . TRP A 1 138 ? 0.831   -5.020  10.564  1.00 13.76 ? 138 TRP A O   1 
ATOM   1149 C CB  . TRP A 1 138 ? -1.721  -2.788  10.217  1.00 11.21 ? 138 TRP A CB  1 
ATOM   1150 C CG  . TRP A 1 138 ? -0.693  -2.174  9.322   1.00 12.29 ? 138 TRP A CG  1 
ATOM   1151 C CD1 . TRP A 1 138 ? -0.279  -2.620  8.081   1.00 16.29 ? 138 TRP A CD1 1 
ATOM   1152 C CD2 . TRP A 1 138 ? 0.000   -0.954  9.571   1.00 9.78  ? 138 TRP A CD2 1 
ATOM   1153 N NE1 . TRP A 1 138 ? 0.664   -1.734  7.555   1.00 13.08 ? 138 TRP A NE1 1 
ATOM   1154 C CE2 . TRP A 1 138 ? 0.836   -0.704  8.448   1.00 11.97 ? 138 TRP A CE2 1 
ATOM   1155 C CE3 . TRP A 1 138 ? -0.004  -0.045  10.628  1.00 10.27 ? 138 TRP A CE3 1 
ATOM   1156 C CZ2 . TRP A 1 138 ? 1.643   0.422   8.353   1.00 11.70 ? 138 TRP A CZ2 1 
ATOM   1157 C CZ3 . TRP A 1 138 ? 0.799   1.087   10.543  1.00 12.60 ? 138 TRP A CZ3 1 
ATOM   1158 C CH2 . TRP A 1 138 ? 1.627   1.303   9.407   1.00 12.37 ? 138 TRP A CH2 1 
ATOM   1159 N N   . TYR A 1 139 ? 0.240   -3.709  12.303  1.00 11.89 ? 139 TYR A N   1 
ATOM   1160 C CA  . TYR A 1 139 ? 1.576   -3.728  12.865  1.00 11.49 ? 139 TYR A CA  1 
ATOM   1161 C C   . TYR A 1 139 ? 1.954   -5.159  13.249  1.00 14.50 ? 139 TYR A C   1 
ATOM   1162 O O   . TYR A 1 139 ? 3.087   -5.612  13.033  1.00 15.59 ? 139 TYR A O   1 
ATOM   1163 C CB  . TYR A 1 139 ? 1.600   -2.829  14.105  1.00 12.29 ? 139 TYR A CB  1 
ATOM   1164 C CG  . TYR A 1 139 ? 2.914   -2.796  14.813  1.00 13.81 ? 139 TYR A CG  1 
ATOM   1165 C CD1 . TYR A 1 139 ? 3.885   -1.879  14.444  1.00 16.99 ? 139 TYR A CD1 1 
ATOM   1166 C CD2 . TYR A 1 139 ? 3.174   -3.660  15.872  1.00 19.89 ? 139 TYR A CD2 1 
ATOM   1167 C CE1 . TYR A 1 139 ? 5.101   -1.833  15.093  1.00 19.81 ? 139 TYR A CE1 1 
ATOM   1168 C CE2 . TYR A 1 139 ? 4.388   -3.612  16.546  1.00 29.21 ? 139 TYR A CE2 1 
ATOM   1169 C CZ  . TYR A 1 139 ? 5.346   -2.694  16.147  1.00 36.48 ? 139 TYR A CZ  1 
ATOM   1170 O OH  . TYR A 1 139 ? 6.563   -2.637  16.799  1.00 42.43 ? 139 TYR A OH  1 
ATOM   1171 N N   . ASN A 1 140 ? 1.018   -5.870  13.867  1.00 10.11 ? 140 ASN A N   1 
ATOM   1172 C CA  . ASN A 1 140 ? 1.354   -7.200  14.333  1.00 11.07 ? 140 ASN A CA  1 
ATOM   1173 C C   . ASN A 1 140 ? 1.592   -8.187  13.203  1.00 11.20 ? 140 ASN A C   1 
ATOM   1174 O O   . ASN A 1 140 ? 2.466   -9.072  13.314  1.00 15.26 ? 140 ASN A O   1 
ATOM   1175 C CB  . ASN A 1 140 ? 0.245   -7.721  15.252  1.00 13.07 ? 140 ASN A CB  1 
ATOM   1176 C CG  . ASN A 1 140 ? 0.323   -7.097  16.623  1.00 17.97 ? 140 ASN A CG  1 
ATOM   1177 O OD1 . ASN A 1 140 ? -0.421  -6.149  16.952  1.00 18.30 ? 140 ASN A OD1 1 
ATOM   1178 N ND2 . ASN A 1 140 ? 1.267   -7.574  17.428  1.00 17.15 ? 140 ASN A ND2 1 
ATOM   1179 N N   . GLN A 1 141 ? 0.872   -8.037  12.097  1.00 9.91  ? 141 GLN A N   1 
ATOM   1180 C CA  . GLN A 1 141 ? 1.016   -8.995  11.007  1.00 10.07 ? 141 GLN A CA  1 
ATOM   1181 C C   . GLN A 1 141 ? 2.180   -8.660  10.054  1.00 13.64 ? 141 GLN A C   1 
ATOM   1182 O O   . GLN A 1 141 ? 2.828   -9.555  9.502   1.00 16.19 ? 141 GLN A O   1 
ATOM   1183 C CB  . GLN A 1 141 ? -0.294  -9.104  10.210  1.00 13.36 ? 141 GLN A CB  1 
ATOM   1184 C CG  . GLN A 1 141 ? -1.494  -9.574  11.044  1.00 17.99 ? 141 GLN A CG  1 
ATOM   1185 C CD  . GLN A 1 141 ? -1.287  -10.949 11.673  1.00 16.85 ? 141 GLN A CD  1 
ATOM   1186 O OE1 . GLN A 1 141 ? -0.843  -11.914 10.989  1.00 20.61 ? 141 GLN A OE1 1 
ATOM   1187 N NE2 . GLN A 1 141 ? -1.569  -11.050 12.965  1.00 14.50 ? 141 GLN A NE2 1 
ATOM   1188 N N   . THR A 1 142 ? 2.457   -7.374  9.867   1.00 12.46 ? 142 THR A N   1 
ATOM   1189 C CA  . THR A 1 142 ? 3.618   -6.979  9.049   1.00 14.05 ? 142 THR A CA  1 
ATOM   1190 C C   . THR A 1 142 ? 4.448   -5.964  9.833   1.00 13.77 ? 142 THR A C   1 
ATOM   1191 O O   . THR A 1 142 ? 4.482   -4.772  9.504   1.00 12.85 ? 142 THR A O   1 
ATOM   1192 C CB  . THR A 1 142 ? 3.205   -6.411  7.659   1.00 14.70 ? 142 THR A CB  1 
ATOM   1193 O OG1 . THR A 1 142 ? 2.213   -5.377  7.828   1.00 15.10 ? 142 THR A OG1 1 
ATOM   1194 C CG2 . THR A 1 142 ? 2.587   -7.500  6.779   1.00 12.24 ? 142 THR A CG2 1 
ATOM   1195 N N   . PRO A 1 143 ? 5.149   -6.426  10.878  1.00 10.94 ? 143 PRO A N   1 
ATOM   1196 C CA  . PRO A 1 143 ? 5.759   -5.446  11.779  1.00 11.78 ? 143 PRO A CA  1 
ATOM   1197 C C   . PRO A 1 143 ? 6.932   -4.716  11.162  1.00 12.20 ? 143 PRO A C   1 
ATOM   1198 O O   . PRO A 1 143 ? 7.094   -3.558  11.456  1.00 12.83 ? 143 PRO A O   1 
ATOM   1199 C CB  . PRO A 1 143 ? 6.184   -6.288  12.999  1.00 15.79 ? 143 PRO A CB  1 
ATOM   1200 C CG  . PRO A 1 143 ? 6.282   -7.703  12.450  1.00 13.80 ? 143 PRO A CG  1 
ATOM   1201 C CD  . PRO A 1 143 ? 5.232   -7.806  11.396  1.00 12.68 ? 143 PRO A CD  1 
ATOM   1202 N N   . ASN A 1 144 ? 7.748   -5.345  10.318  1.00 10.83 ? 144 ASN A N   1 
ATOM   1203 C CA  . ASN A 1 144 ? 8.883   -4.606  9.807   1.00 10.77 ? 144 ASN A CA  1 
ATOM   1204 C C   . ASN A 1 144 ? 8.450   -3.494  8.855   1.00 11.23 ? 144 ASN A C   1 
ATOM   1205 O O   . ASN A 1 144 ? 8.993   -2.387  8.909   1.00 13.23 ? 144 ASN A O   1 
ATOM   1206 C CB  . ASN A 1 144 ? 9.877   -5.539  9.122   1.00 12.37 ? 144 ASN A CB  1 
ATOM   1207 C CG  . ASN A 1 144 ? 10.603  -6.454  10.139  1.00 17.09 ? 144 ASN A CG  1 
ATOM   1208 O OD1 . ASN A 1 144 ? 10.453  -6.286  11.353  1.00 30.70 ? 144 ASN A OD1 1 
ATOM   1209 N ND2 . ASN A 1 144 ? 11.426  -7.367  9.636   1.00 22.05 ? 144 ASN A ND2 1 
ATOM   1210 N N   . ARG A 1 145 ? 7.441   -3.778  8.030   1.00 10.88 ? 145 ARG A N   1 
ATOM   1211 C CA  . ARG A 1 145 ? 6.940   -2.766  7.110   1.00 11.68 ? 145 ARG A CA  1 
ATOM   1212 C C   . ARG A 1 145 ? 6.221   -1.684  7.896   1.00 13.28 ? 145 ARG A C   1 
ATOM   1213 O O   . ARG A 1 145 ? 6.401   -0.492  7.627   1.00 11.74 ? 145 ARG A O   1 
ATOM   1214 C CB  . ARG A 1 145 ? 5.960   -3.355  6.110   1.00 13.24 ? 145 ARG A CB  1 
ATOM   1215 C CG  . ARG A 1 145 ? 5.529   -2.281  5.094   1.00 17.92 ? 145 ARG A CG  1 
ATOM   1216 C CD  . ARG A 1 145 ? 4.334   -2.731  4.428   1.00 22.65 ? 145 ARG A CD  1 
ATOM   1217 N NE  . ARG A 1 145 ? 3.872   -1.804  3.406   1.00 12.91 ? 145 ARG A NE  1 
ATOM   1218 C CZ  . ARG A 1 145 ? 3.372   -2.237  2.265   1.00 12.98 ? 145 ARG A CZ  1 
ATOM   1219 N NH1 . ARG A 1 145 ? 3.314   -3.548  2.037   1.00 17.23 ? 145 ARG A NH1 1 
ATOM   1220 N NH2 . ARG A 1 145 ? 2.917   -1.377  1.369   1.00 11.50 ? 145 ARG A NH2 1 
ATOM   1221 N N   . ALA A 1 146 ? 5.406   -2.094  8.868   1.00 11.89 ? 146 ALA A N   1 
ATOM   1222 C CA  . ALA A 1 146 ? 4.674   -1.111  9.679   1.00 10.88 ? 146 ALA A CA  1 
ATOM   1223 C C   . ALA A 1 146 ? 5.633   -0.198  10.417  1.00 15.01 ? 146 ALA A C   1 
ATOM   1224 O O   . ALA A 1 146 ? 5.398   1.016   10.504  1.00 13.01 ? 146 ALA A O   1 
ATOM   1225 C CB  . ALA A 1 146 ? 3.685   -1.809  10.663  1.00 12.31 ? 146 ALA A CB  1 
ATOM   1226 N N   . LYS A 1 147 ? 6.718   -0.760  10.957  1.00 10.50 ? 147 LYS A N   1 
ATOM   1227 C CA  . LYS A 1 147 ? 7.708   0.063   11.650  1.00 10.74 ? 147 LYS A CA  1 
ATOM   1228 C C   . LYS A 1 147 ? 8.324   1.086   10.719  1.00 11.93 ? 147 LYS A C   1 
ATOM   1229 O O   . LYS A 1 147 ? 8.569   2.227   11.136  1.00 12.90 ? 147 LYS A O   1 
ATOM   1230 C CB  . LYS A 1 147 ? 8.803   -0.806  12.279  1.00 13.34 ? 147 LYS A CB  1 
ATOM   1231 C CG  . LYS A 1 147 ? 8.367   -1.557  13.508  1.00 16.40 ? 147 LYS A CG  1 
ATOM   1232 C CD  . LYS A 1 147 ? 9.533   -2.468  13.979  1.00 21.55 ? 147 LYS A CD  1 
ATOM   1233 C CE  . LYS A 1 147 ? 9.079   -3.466  15.032  1.00 38.70 ? 147 LYS A CE  1 
ATOM   1234 N N   . ARG A 1 148 ? 8.568   0.712   9.464   1.00 11.90 ? 148 ARG A N   1 
ATOM   1235 C CA  . ARG A 1 148 ? 9.124   1.704   8.525   1.00 10.57 ? 148 ARG A CA  1 
ATOM   1236 C C   . ARG A 1 148 ? 8.143   2.828   8.246   1.00 11.70 ? 148 ARG A C   1 
ATOM   1237 O O   . ARG A 1 148 ? 8.511   3.989   8.216   1.00 11.38 ? 148 ARG A O   1 
ATOM   1238 C CB  . ARG A 1 148 ? 9.536   1.067   7.190   1.00 10.11 ? 148 ARG A CB  1 
ATOM   1239 C CG  . ARG A 1 148 ? 10.743  0.147   7.309   1.00 12.14 ? 148 ARG A CG  1 
ATOM   1240 C CD  . ARG A 1 148 ? 11.280  -0.213  5.912   1.00 9.91  ? 148 ARG A CD  1 
ATOM   1241 N NE  . ARG A 1 148 ? 10.399  -1.136  5.189   1.00 11.82 ? 148 ARG A NE  1 
ATOM   1242 C CZ  . ARG A 1 148 ? 10.405  -2.465  5.328   1.00 15.65 ? 148 ARG A CZ  1 
ATOM   1243 N NH1 . ARG A 1 148 ? 11.259  -3.069  6.166   1.00 14.28 ? 148 ARG A NH1 1 
ATOM   1244 N NH2 . ARG A 1 148 ? 9.572   -3.196  4.595   1.00 13.85 ? 148 ARG A NH2 1 
ATOM   1245 N N   . VAL A 1 149 ? 6.895   2.460   8.003   1.00 10.97 ? 149 VAL A N   1 
ATOM   1246 C CA  . VAL A 1 149 ? 5.872   3.444   7.661   1.00 10.36 ? 149 VAL A CA  1 
ATOM   1247 C C   . VAL A 1 149 ? 5.629   4.329   8.909   1.00 10.14 ? 149 VAL A C   1 
ATOM   1248 O O   . VAL A 1 149 ? 5.533   5.557   8.813   1.00 11.31 ? 149 VAL A O   1 
ATOM   1249 C CB  . VAL A 1 149 ? 4.585   2.714   7.246   1.00 10.51 ? 149 VAL A CB  1 
ATOM   1250 C CG1 . VAL A 1 149 ? 3.399   3.705   7.170   1.00 12.32 ? 149 VAL A CG1 1 
ATOM   1251 C CG2 . VAL A 1 149 ? 4.811   2.004   5.912   1.00 10.57 ? 149 VAL A CG2 1 
ATOM   1252 N N   . ILE A 1 150 ? 5.554   3.715   10.090  1.00 10.12 ? 150 ILE A N   1 
ATOM   1253 C CA  . ILE A 1 150 ? 5.375   4.497   11.320  1.00 10.17 ? 150 ILE A CA  1 
ATOM   1254 C C   . ILE A 1 150 ? 6.534   5.441   11.581  1.00 13.25 ? 150 ILE A C   1 
ATOM   1255 O O   . ILE A 1 150 ? 6.306   6.581   11.992  1.00 12.70 ? 150 ILE A O   1 
ATOM   1256 C CB  . ILE A 1 150 ? 5.151   3.584   12.556  1.00 9.76  ? 150 ILE A CB  1 
ATOM   1257 C CG1 . ILE A 1 150 ? 3.807   2.892   12.396  1.00 11.46 ? 150 ILE A CG1 1 
ATOM   1258 C CG2 . ILE A 1 150 ? 5.171   4.409   13.855  1.00 13.67 ? 150 ILE A CG2 1 
ATOM   1259 C CD1 . ILE A 1 150 ? 3.535   1.767   13.392  1.00 12.26 ? 150 ILE A CD1 1 
ATOM   1260 N N   . THR A 1 151 ? 7.771   4.984   11.358  1.00 10.32 ? 151 THR A N   1 
ATOM   1261 C CA  . THR A 1 151 ? 8.913   5.881   11.528  1.00 12.15 ? 151 THR A CA  1 
ATOM   1262 C C   . THR A 1 151 ? 8.817   7.061   10.585  1.00 12.36 ? 151 THR A C   1 
ATOM   1263 O O   . THR A 1 151 ? 9.221   8.177   10.944  1.00 12.34 ? 151 THR A O   1 
ATOM   1264 C CB  . THR A 1 151 ? 10.224  5.136   11.260  1.00 13.83 ? 151 THR A CB  1 
ATOM   1265 O OG1 . THR A 1 151 ? 10.433  4.257   12.362  1.00 16.90 ? 151 THR A OG1 1 
ATOM   1266 C CG2 . THR A 1 151 ? 11.421  6.105   11.202  1.00 16.70 ? 151 THR A CG2 1 
ATOM   1267 N N   . THR A 1 152 ? 8.307   6.810   9.382   1.00 10.51 ? 152 THR A N   1 
ATOM   1268 C CA  . THR A 1 152 ? 8.141   7.855   8.387   1.00 10.57 ? 152 THR A CA  1 
ATOM   1269 C C   . THR A 1 152 ? 7.130   8.891   8.908   1.00 12.74 ? 152 THR A C   1 
ATOM   1270 O O   . THR A 1 152 ? 7.353   10.098  8.795   1.00 11.40 ? 152 THR A O   1 
ATOM   1271 C CB  . THR A 1 152 ? 7.750   7.291   7.003   1.00 8.28  ? 152 THR A CB  1 
ATOM   1272 O OG1 . THR A 1 152 ? 8.699   6.258   6.666   1.00 11.22 ? 152 THR A OG1 1 
ATOM   1273 C CG2 . THR A 1 152 ? 7.792   8.368   5.976   1.00 12.60 ? 152 THR A CG2 1 
ATOM   1274 N N   . PHE A 1 153 ? 6.026   8.417   9.476   1.00 11.74 ? 153 PHE A N   1 
ATOM   1275 C CA  . PHE A 1 153 ? 5.068   9.357   10.071  1.00 10.81 ? 153 PHE A CA  1 
ATOM   1276 C C   . PHE A 1 153 ? 5.649   10.064  11.312  1.00 13.88 ? 153 PHE A C   1 
ATOM   1277 O O   . PHE A 1 153 ? 5.360   11.249  11.579  1.00 14.62 ? 153 PHE A O   1 
ATOM   1278 C CB  . PHE A 1 153 ? 3.778   8.642   10.512  1.00 11.40 ? 153 PHE A CB  1 
ATOM   1279 C CG  . PHE A 1 153 ? 2.784   8.391   9.412   1.00 11.59 ? 153 PHE A CG  1 
ATOM   1280 C CD1 . PHE A 1 153 ? 2.285   9.460   8.652   1.00 11.89 ? 153 PHE A CD1 1 
ATOM   1281 C CD2 . PHE A 1 153 ? 2.249   7.127   9.207   1.00 13.03 ? 153 PHE A CD2 1 
ATOM   1282 C CE1 . PHE A 1 153 ? 1.309   9.265   7.679   1.00 14.32 ? 153 PHE A CE1 1 
ATOM   1283 C CE2 . PHE A 1 153 ? 1.260   6.914   8.212   1.00 13.28 ? 153 PHE A CE2 1 
ATOM   1284 C CZ  . PHE A 1 153 ? 0.797   7.996   7.449   1.00 11.60 ? 153 PHE A CZ  1 
ATOM   1285 N N   . ARG A 1 154 ? 6.422   9.343   12.107  1.00 12.16 ? 154 ARG A N   1 
ATOM   1286 C CA  . ARG A 1 154 ? 6.932   9.922   13.341  1.00 12.75 ? 154 ARG A CA  1 
ATOM   1287 C C   . ARG A 1 154 ? 7.908   11.056  13.040  1.00 14.10 ? 154 ARG A C   1 
ATOM   1288 O O   . ARG A 1 154 ? 7.871   12.098  13.692  1.00 15.28 ? 154 ARG A O   1 
ATOM   1289 C CB  . ARG A 1 154 ? 7.586   8.851   14.204  1.00 13.79 ? 154 ARG A CB  1 
ATOM   1290 C CG  . ARG A 1 154 ? 7.886   9.326   15.619  1.00 17.37 ? 154 ARG A CG  1 
ATOM   1291 C CD  . ARG A 1 154 ? 8.593   8.261   16.489  1.00 17.56 ? 154 ARG A CD  1 
ATOM   1292 N NE  . ARG A 1 154 ? 9.735   7.584   15.841  1.00 22.98 ? 154 ARG A NE  1 
ATOM   1293 C CZ  . ARG A 1 154 ? 10.994  8.039   15.841  1.00 36.91 ? 154 ARG A CZ  1 
ATOM   1294 N NH1 . ARG A 1 154 ? 11.295  9.194   16.432  1.00 30.00 ? 154 ARG A NH1 1 
ATOM   1295 N NH2 . ARG A 1 154 ? 11.960  7.351   15.234  1.00 32.09 ? 154 ARG A NH2 1 
ATOM   1296 N N   . THR A 1 155 ? 8.760   10.858  12.039  1.00 13.38 ? 155 THR A N   1 
ATOM   1297 C CA  . THR A 1 155 ? 9.905   11.753  11.808  1.00 16.57 ? 155 THR A CA  1 
ATOM   1298 C C   . THR A 1 155 ? 9.767   12.683  10.619  1.00 15.44 ? 155 THR A C   1 
ATOM   1299 O O   . THR A 1 155 ? 10.437  13.723  10.563  1.00 15.61 ? 155 THR A O   1 
ATOM   1300 C CB  . THR A 1 155 ? 11.210  10.968  11.582  1.00 16.47 ? 155 THR A CB  1 
ATOM   1301 O OG1 . THR A 1 155 ? 11.122  10.222  10.344  1.00 14.78 ? 155 THR A OG1 1 
ATOM   1302 C CG2 . THR A 1 155 ? 11.485  10.023  12.759  1.00 13.84 ? 155 THR A CG2 1 
ATOM   1303 N N   . GLY A 1 156 ? 8.973   12.299  9.624   1.00 13.13 ? 156 GLY A N   1 
ATOM   1304 C CA  . GLY A 1 156 ? 8.842   13.093  8.432   1.00 13.48 ? 156 GLY A CA  1 
ATOM   1305 C C   . GLY A 1 156 ? 10.108  13.020  7.616   1.00 13.29 ? 156 GLY A C   1 
ATOM   1306 O O   . GLY A 1 156 ? 10.382  13.917  6.818   1.00 15.07 ? 156 GLY A O   1 
ATOM   1307 N N   . THR A 1 157 ? 10.897  11.965  7.841   1.00 13.90 ? 157 THR A N   1 
ATOM   1308 C CA  . THR A 1 157 ? 12.106  11.714  7.068   1.00 12.12 ? 157 THR A CA  1 
ATOM   1309 C C   . THR A 1 157 ? 12.051  10.329  6.463   1.00 12.01 ? 157 THR A C   1 
ATOM   1310 O O   . THR A 1 157 ? 11.196  9.519   6.824   1.00 12.72 ? 157 THR A O   1 
ATOM   1311 C CB  . THR A 1 157 ? 13.369  11.718  7.944   1.00 12.92 ? 157 THR A CB  1 
ATOM   1312 O OG1 . THR A 1 157 ? 13.440  10.518  8.743   1.00 16.62 ? 157 THR A OG1 1 
ATOM   1313 C CG2 . THR A 1 157 ? 13.393  12.938  8.843   1.00 15.12 ? 157 THR A CG2 1 
ATOM   1314 N N   . TRP A 1 158 ? 13.013  10.051  5.592   1.00 13.38 ? 158 TRP A N   1 
ATOM   1315 C CA  . TRP A 1 158 ? 13.132  8.739   4.985   1.00 10.12 ? 158 TRP A CA  1 
ATOM   1316 C C   . TRP A 1 158 ? 14.113  7.827   5.719   1.00 12.81 ? 158 TRP A C   1 
ATOM   1317 O O   . TRP A 1 158 ? 14.604  6.852   5.149   1.00 14.85 ? 158 TRP A O   1 
ATOM   1318 C CB  . TRP A 1 158 ? 13.586  8.895   3.523   1.00 12.65 ? 158 TRP A CB  1 
ATOM   1319 C CG  . TRP A 1 158 ? 12.587  9.537   2.636   1.00 13.68 ? 158 TRP A CG  1 
ATOM   1320 C CD1 . TRP A 1 158 ? 12.635  10.786  2.077   1.00 13.09 ? 158 TRP A CD1 1 
ATOM   1321 C CD2 . TRP A 1 158 ? 11.370  8.939   2.185   1.00 11.48 ? 158 TRP A CD2 1 
ATOM   1322 N NE1 . TRP A 1 158 ? 11.510  11.004  1.313   1.00 14.66 ? 158 TRP A NE1 1 
ATOM   1323 C CE2 . TRP A 1 158 ? 10.722  9.880   1.356   1.00 13.02 ? 158 TRP A CE2 1 
ATOM   1324 C CE3 . TRP A 1 158 ? 10.767  7.695   2.408   1.00 14.16 ? 158 TRP A CE3 1 
ATOM   1325 C CZ2 . TRP A 1 158 ? 9.502   9.617   0.740   1.00 13.60 ? 158 TRP A CZ2 1 
ATOM   1326 C CZ3 . TRP A 1 158 ? 9.557   7.430   1.804   1.00 13.74 ? 158 TRP A CZ3 1 
ATOM   1327 C CH2 . TRP A 1 158 ? 8.938   8.383   0.963   1.00 14.70 ? 158 TRP A CH2 1 
ATOM   1328 N N   . ASP A 1 159 ? 14.412  8.141   6.971   1.00 14.59 ? 159 ASP A N   1 
ATOM   1329 C CA  . ASP A 1 159 ? 15.419  7.370   7.696   1.00 16.55 ? 159 ASP A CA  1 
ATOM   1330 C C   . ASP A 1 159 ? 15.206  5.849   7.689   1.00 14.44 ? 159 ASP A C   1 
ATOM   1331 O O   . ASP A 1 159 ? 16.179  5.075   7.630   1.00 16.56 ? 159 ASP A O   1 
ATOM   1332 C CB  . ASP A 1 159 ? 15.548  7.871   9.120   1.00 19.19 ? 159 ASP A CB  1 
ATOM   1333 C CG  . ASP A 1 159 ? 16.222  9.233   9.200   1.00 29.86 ? 159 ASP A CG  1 
ATOM   1334 O OD1 . ASP A 1 159 ? 16.598  9.787   8.149   1.00 28.17 ? 159 ASP A OD1 1 
ATOM   1335 O OD2 . ASP A 1 159 ? 16.386  9.737   10.326  1.00 32.62 ? 159 ASP A OD2 1 
ATOM   1336 N N   . ALA A 1 160 ? 13.946  5.410   7.752   1.00 12.70 ? 160 ALA A N   1 
ATOM   1337 C CA  . ALA A 1 160 ? 13.672  3.971   7.782   1.00 15.38 ? 160 ALA A CA  1 
ATOM   1338 C C   . ALA A 1 160 ? 13.905  3.260   6.455   1.00 17.80 ? 160 ALA A C   1 
ATOM   1339 O O   . ALA A 1 160 ? 13.920  2.027   6.431   1.00 21.27 ? 160 ALA A O   1 
ATOM   1340 C CB  . ALA A 1 160 ? 12.228  3.705   8.259   1.00 17.52 ? 160 ALA A CB  1 
ATOM   1341 N N   . TYR A 1 161 ? 14.033  4.011   5.366   1.00 13.38 ? 161 TYR A N   1 
ATOM   1342 C CA  . TYR A 1 161 ? 14.149  3.455   4.008   1.00 14.84 ? 161 TYR A CA  1 
ATOM   1343 C C   . TYR A 1 161 ? 15.531  3.668   3.393   1.00 26.09 ? 161 TYR A C   1 
ATOM   1344 O O   . TYR A 1 161 ? 15.909  2.954   2.473   1.00 22.34 ? 161 TYR A O   1 
ATOM   1345 C CB  . TYR A 1 161 ? 13.109  4.065   3.073   1.00 15.15 ? 161 TYR A CB  1 
ATOM   1346 C CG  . TYR A 1 161 ? 11.715  3.532   3.333   1.00 13.04 ? 161 TYR A CG  1 
ATOM   1347 C CD1 . TYR A 1 161 ? 10.894  4.144   4.270   1.00 13.50 ? 161 TYR A CD1 1 
ATOM   1348 C CD2 . TYR A 1 161 ? 11.253  2.390   2.674   1.00 11.28 ? 161 TYR A CD2 1 
ATOM   1349 C CE1 . TYR A 1 161 ? 9.629   3.649   4.555   1.00 12.07 ? 161 TYR A CE1 1 
ATOM   1350 C CE2 . TYR A 1 161 ? 10.003  1.885   2.946   1.00 11.12 ? 161 TYR A CE2 1 
ATOM   1351 C CZ  . TYR A 1 161 ? 9.189   2.529   3.903   1.00 10.48 ? 161 TYR A CZ  1 
ATOM   1352 O OH  . TYR A 1 161 ? 7.938   2.032   4.169   1.00 11.80 ? 161 TYR A OH  1 
ATOM   1353 N N   . LYS A 1 162 ? 16.260  4.662   3.871   0.80 23.03 ? 162 LYS A N   1 
ATOM   1354 C CA  . LYS A 1 162 ? 17.488  5.054   3.177   0.80 38.69 ? 162 LYS A CA  1 
ATOM   1355 C C   . LYS A 1 162 ? 18.538  3.949   3.076   0.80 41.61 ? 162 LYS A C   1 
ATOM   1356 O O   . LYS A 1 162 ? 19.216  3.835   2.056   0.80 53.72 ? 162 LYS A O   1 
ATOM   1357 C CB  . LYS A 1 162 ? 18.061  6.347   3.752   0.80 33.91 ? 162 LYS A CB  1 
ATOM   1358 C CG  . LYS A 1 162 ? 17.306  7.568   3.258   0.80 27.04 ? 162 LYS A CG  1 
ATOM   1359 N N   . ASN A 1 163 ? 18.658  3.124   4.108   0.80 33.90 ? 163 ASN A N   1 
ATOM   1360 C CA  . ASN A 1 163 ? 19.542  1.969   4.035   0.80 42.71 ? 163 ASN A CA  1 
ATOM   1361 C C   . ASN A 1 163 ? 19.090  0.926   3.000   0.80 50.17 ? 163 ASN A C   1 
ATOM   1362 O O   . ASN A 1 163 ? 19.889  0.113   2.530   0.80 40.27 ? 163 ASN A O   1 
ATOM   1363 N N   . LEU A 1 164 ? 17.811  0.952   2.643   0.80 40.00 ? 164 LEU A N   1 
ATOM   1364 C CA  . LEU A 1 164 ? 17.242  -0.075  1.779   0.80 35.46 ? 164 LEU A CA  1 
ATOM   1365 C C   . LEU A 1 164 ? 17.212  0.378   0.325   0.80 35.90 ? 164 LEU A C   1 
ATOM   1366 O O   . LEU A 1 164 ? 16.916  -0.415  -0.567  0.80 37.45 ? 164 LEU A O   1 
ATOM   1367 C CB  . LEU A 1 164 ? 15.829  -0.443  2.245   0.80 22.48 ? 164 LEU A CB  1 
ATOM   1368 C CG  . LEU A 1 164 ? 15.699  -0.732  3.738   0.80 30.85 ? 164 LEU A CG  1 
ATOM   1369 C CD1 . LEU A 1 164 ? 14.291  -1.196  4.097   0.80 23.99 ? 164 LEU A CD1 1 
ATOM   1370 C CD2 . LEU A 1 164 ? 16.730  -1.767  4.148   0.80 36.61 ? 164 LEU A CD2 1 
HETATM 1371 C CAA A 3H0 B 2 .   ? -3.537  6.240   9.765   0.60 14.65 ? 200 3H0 A CAA 1 
HETATM 1372 C CAA B 3H0 B 2 .   ? -4.405  5.623   7.757   0.40 15.42 ? 200 3H0 A CAA 1 
HETATM 1373 C CAG A 3H0 B 2 .   ? -4.054  7.125   8.639   0.60 18.95 ? 200 3H0 A CAG 1 
HETATM 1374 C CAG B 3H0 B 2 .   ? -3.567  6.628   8.539   0.40 20.28 ? 200 3H0 A CAG 1 
HETATM 1375 C CAH A 3H0 B 2 .   ? -2.910  7.575   7.723   0.60 20.90 ? 200 3H0 A CAH 1 
HETATM 1376 C CAH B 3H0 B 2 .   ? -2.599  7.360   7.602   0.40 20.50 ? 200 3H0 A CAH 1 
HETATM 1377 C CAI A 3H0 B 2 .   ? -3.462  8.416   6.586   0.60 14.09 ? 200 3H0 A CAI 1 
HETATM 1378 C CAI B 3H0 B 2 .   ? -3.337  8.125   6.498   0.40 11.61 ? 200 3H0 A CAI 1 
HETATM 1379 C CAE A 3H0 B 2 .   ? -3.964  7.764   5.476   0.60 12.62 ? 200 3H0 A CAE 1 
HETATM 1380 C CAE B 3H0 B 2 .   ? -3.681  7.479   5.319   0.40 15.74 ? 200 3H0 A CAE 1 
HETATM 1381 C CAC A 3H0 B 2 .   ? -4.490  8.458   4.395   0.60 17.24 ? 200 3H0 A CAC 1 
HETATM 1382 C CAC B 3H0 B 2 .   ? -4.350  8.146   4.298   0.40 13.66 ? 200 3H0 A CAC 1 
HETATM 1383 C CAB A 3H0 B 2 .   ? -4.524  9.846   4.445   0.60 14.13 ? 200 3H0 A CAB 1 
HETATM 1384 C CAB B 3H0 B 2 .   ? -4.677  9.488   4.463   0.40 15.45 ? 200 3H0 A CAB 1 
HETATM 1385 C CAD A 3H0 B 2 .   ? -4.021  10.506  5.560   0.60 15.21 ? 200 3H0 A CAD 1 
HETATM 1386 C CAD B 3H0 B 2 .   ? -4.329  10.134  5.639   0.40 10.55 ? 200 3H0 A CAD 1 
HETATM 1387 C CAF A 3H0 B 2 .   ? -3.483  9.812   6.640   0.60 12.42 ? 200 3H0 A CAF 1 
HETATM 1388 C CAF B 3H0 B 2 .   ? -3.655  9.471   6.658   0.40 17.18 ? 200 3H0 A CAF 1 
HETATM 1389 N N1  . EPE C 3 .   ? -6.253  -3.248  -2.163  1.00 30.96 ? 201 EPE A N1  1 
HETATM 1390 C C2  . EPE C 3 .   ? -5.199  -4.128  -1.620  1.00 27.06 ? 201 EPE A C2  1 
HETATM 1391 C C3  . EPE C 3 .   ? -4.009  -4.156  -2.601  1.00 22.86 ? 201 EPE A C3  1 
HETATM 1392 N N4  . EPE C 3 .   ? -3.659  -2.828  -3.116  1.00 20.25 ? 201 EPE A N4  1 
HETATM 1393 C C5  . EPE C 3 .   ? -4.745  -1.924  -3.427  1.00 22.33 ? 201 EPE A C5  1 
HETATM 1394 C C6  . EPE C 3 .   ? -5.733  -1.885  -2.272  1.00 23.52 ? 201 EPE A C6  1 
HETATM 1395 C C7  . EPE C 3 .   ? -2.495  -2.741  -4.003  1.00 17.65 ? 201 EPE A C7  1 
HETATM 1396 C C8  . EPE C 3 .   ? -2.823  -2.874  -5.488  1.00 21.00 ? 201 EPE A C8  1 
HETATM 1397 O O8  . EPE C 3 .   ? -3.535  -4.074  -5.714  1.00 14.53 ? 201 EPE A O8  1 
HETATM 1398 C C9  . EPE C 3 .   ? -7.496  -3.194  -1.381  1.00 30.59 ? 201 EPE A C9  1 
HETATM 1399 C C10 . EPE C 3 .   ? -7.745  -4.511  -0.672  1.00 39.24 ? 201 EPE A C10 1 
HETATM 1400 S S   . EPE C 3 .   ? -9.484  -4.539  -0.172  1.00 62.22 ? 201 EPE A S   1 
HETATM 1401 O O1S . EPE C 3 .   ? -10.192 -3.432  -0.818  1.00 40.59 ? 201 EPE A O1S 1 
HETATM 1402 O O2S . EPE C 3 .   ? -10.063 -5.808  -0.607  1.00 56.35 ? 201 EPE A O2S 1 
HETATM 1403 O O3S . EPE C 3 .   ? -9.538  -4.410  1.286   1.00 63.00 ? 201 EPE A O3S 1 
HETATM 1404 O O   . HOH D 4 .   ? 2.928   -19.869 -20.131 1.00 40.42 ? 301 HOH A O   1 
HETATM 1405 O O   . HOH D 4 .   ? 1.572   -10.921 7.315   0.50 17.11 ? 302 HOH A O   1 
HETATM 1406 O O   . HOH D 4 .   ? 9.971   11.232  17.890  1.00 28.44 ? 303 HOH A O   1 
HETATM 1407 O O   . HOH D 4 .   ? -3.556  13.138  21.678  1.00 43.96 ? 304 HOH A O   1 
HETATM 1408 O O   . HOH D 4 .   ? -8.293  -8.204  -9.988  1.00 27.74 ? 305 HOH A O   1 
HETATM 1409 O O   . HOH D 4 .   ? -6.562  19.662  6.179   1.00 25.32 ? 306 HOH A O   1 
HETATM 1410 O O   . HOH D 4 .   ? -3.885  -0.699  -18.496 1.00 19.04 ? 307 HOH A O   1 
HETATM 1411 O O   . HOH D 4 .   ? 8.728   16.147  6.120   1.00 19.73 ? 308 HOH A O   1 
HETATM 1412 O O   . HOH D 4 .   ? 11.004  -1.446  -17.094 1.00 40.85 ? 309 HOH A O   1 
HETATM 1413 O O   . HOH D 4 .   ? -6.462  -6.437  -11.295 1.00 31.07 ? 310 HOH A O   1 
HETATM 1414 O O   A HOH D 4 .   ? -3.678  -17.007 -19.605 1.00 29.13 ? 311 HOH A O   1 
HETATM 1415 O O   . HOH D 4 .   ? 8.960   14.212  14.907  1.00 19.35 ? 312 HOH A O   1 
HETATM 1416 O O   B HOH D 4 .   ? 3.903   0.629   -20.016 0.50 14.90 ? 313 HOH A O   1 
HETATM 1417 O O   . HOH D 4 .   ? -3.114  2.739   -18.050 1.00 22.59 ? 314 HOH A O   1 
HETATM 1418 O O   . HOH D 4 .   ? 12.622  0.002   -14.460 1.00 44.73 ? 315 HOH A O   1 
HETATM 1419 O O   B HOH D 4 .   ? -7.152  -6.052  -8.220  0.50 25.86 ? 316 HOH A O   1 
HETATM 1420 O O   . HOH D 4 .   ? 16.390  8.110   -6.946  1.00 33.65 ? 317 HOH A O   1 
HETATM 1421 O O   . HOH D 4 .   ? -8.557  4.413   15.906  1.00 28.30 ? 318 HOH A O   1 
HETATM 1422 O O   . HOH D 4 .   ? 4.315   -13.068 0.245   1.00 24.32 ? 319 HOH A O   1 
HETATM 1423 O O   . HOH D 4 .   ? 2.614   -6.022  19.205  1.00 39.31 ? 320 HOH A O   1 
HETATM 1424 O O   . HOH D 4 .   ? -1.360  -6.067  -23.284 1.00 32.07 ? 321 HOH A O   1 
HETATM 1425 O O   . HOH D 4 .   ? 3.380   -12.224 9.563   1.00 18.52 ? 322 HOH A O   1 
HETATM 1426 O O   . HOH D 4 .   ? 5.632   0.382   -17.638 1.00 24.89 ? 323 HOH A O   1 
HETATM 1427 O O   . HOH D 4 .   ? -5.492  -5.685  -25.011 1.00 38.02 ? 324 HOH A O   1 
HETATM 1428 O O   . HOH D 4 .   ? 14.616  9.364   -4.956  1.00 27.08 ? 325 HOH A O   1 
HETATM 1429 O O   . HOH D 4 .   ? 4.436   -9.267  15.225  1.00 16.55 ? 326 HOH A O   1 
HETATM 1430 O O   . HOH D 4 .   ? 12.165  15.334  5.269   1.00 19.68 ? 327 HOH A O   1 
HETATM 1431 O O   A HOH D 4 .   ? 15.318  11.372  -0.306  0.50 22.94 ? 328 HOH A O   1 
HETATM 1432 O O   . HOH D 4 .   ? -6.123  -0.838  18.902  1.00 26.28 ? 329 HOH A O   1 
HETATM 1433 O O   . HOH D 4 .   ? 5.607   2.232   -11.989 1.00 18.55 ? 330 HOH A O   1 
HETATM 1434 O O   . HOH D 4 .   ? 4.685   -15.975 -2.057  1.00 32.53 ? 331 HOH A O   1 
HETATM 1435 O O   . HOH D 4 .   ? -1.005  -15.499 5.765   1.00 17.88 ? 332 HOH A O   1 
HETATM 1436 O O   . HOH D 4 .   ? 5.419   -17.433 -7.498  1.00 30.27 ? 333 HOH A O   1 
HETATM 1437 O O   . HOH D 4 .   ? -8.048  -15.188 -20.228 1.00 36.79 ? 334 HOH A O   1 
HETATM 1438 O O   . HOH D 4 .   ? 12.655  7.108   -8.630  1.00 16.94 ? 335 HOH A O   1 
HETATM 1439 O O   A HOH D 4 .   ? -3.017  -14.033 7.214   0.70 26.02 ? 336 HOH A O   1 
HETATM 1440 O O   . HOH D 4 .   ? -5.149  -14.368 5.580   1.00 35.99 ? 337 HOH A O   1 
HETATM 1441 O O   . HOH D 4 .   ? -2.519  21.491  1.916   1.00 45.32 ? 338 HOH A O   1 
HETATM 1442 O O   . HOH D 4 .   ? -3.483  -19.083 0.430   1.00 29.20 ? 339 HOH A O   1 
HETATM 1443 O O   . HOH D 4 .   ? 11.553  13.663  0.329   1.00 26.07 ? 340 HOH A O   1 
HETATM 1444 O O   . HOH D 4 .   ? 6.646   10.702  -3.788  1.00 16.51 ? 341 HOH A O   1 
HETATM 1445 O O   . HOH D 4 .   ? -2.736  20.154  10.515  1.00 22.56 ? 342 HOH A O   1 
HETATM 1446 O O   . HOH D 4 .   ? -3.965  -1.639  -11.884 1.00 18.18 ? 343 HOH A O   1 
HETATM 1447 O O   . HOH D 4 .   ? -1.440  -2.184  -21.064 1.00 29.15 ? 344 HOH A O   1 
HETATM 1448 O O   . HOH D 4 .   ? -2.739  -22.905 -3.221  0.50 33.15 ? 345 HOH A O   1 
HETATM 1449 O O   B HOH D 4 .   ? 11.152  16.258  9.423   1.00 35.87 ? 346 HOH A O   1 
HETATM 1450 O O   . HOH D 4 .   ? 12.424  14.508  12.494  1.00 27.18 ? 347 HOH A O   1 
HETATM 1451 O O   . HOH D 4 .   ? -0.342  -4.333  19.195  1.00 29.84 ? 348 HOH A O   1 
HETATM 1452 O O   . HOH D 4 .   ? -2.494  -2.971  -18.412 1.00 23.80 ? 349 HOH A O   1 
HETATM 1453 O O   . HOH D 4 .   ? -11.418 -10.991 -4.609  1.00 34.85 ? 350 HOH A O   1 
HETATM 1454 O O   . HOH D 4 .   ? -5.308  -2.765  -15.597 1.00 14.13 ? 351 HOH A O   1 
HETATM 1455 O O   . HOH D 4 .   ? -9.074  -5.597  -20.352 1.00 13.67 ? 352 HOH A O   1 
HETATM 1456 O O   . HOH D 4 .   ? 2.636   -16.077 1.109   1.00 20.62 ? 353 HOH A O   1 
HETATM 1457 O O   . HOH D 4 .   ? 12.840  11.004  -6.384  1.00 20.86 ? 354 HOH A O   1 
HETATM 1458 O O   . HOH D 4 .   ? 10.498  -1.288  -10.590 1.00 40.71 ? 355 HOH A O   1 
HETATM 1459 O O   . HOH D 4 .   ? 6.766   11.932  23.033  1.00 37.96 ? 356 HOH A O   1 
HETATM 1460 O O   . HOH D 4 .   ? 7.738   14.127  17.457  1.00 21.23 ? 357 HOH A O   1 
HETATM 1461 O O   . HOH D 4 .   ? -13.458 3.511   13.256  1.00 34.01 ? 358 HOH A O   1 
HETATM 1462 O O   A HOH D 4 .   ? -4.432  -13.587 10.729  1.00 30.60 ? 359 HOH A O   1 
HETATM 1463 O O   . HOH D 4 .   ? 3.446   -17.944 -3.544  1.00 35.92 ? 360 HOH A O   1 
HETATM 1464 O O   . HOH D 4 .   ? 15.063  3.966   -8.015  1.00 30.18 ? 361 HOH A O   1 
HETATM 1465 O O   . HOH D 4 .   ? 14.855  12.196  4.698   1.00 17.30 ? 362 HOH A O   1 
HETATM 1466 O O   . HOH D 4 .   ? -0.210  -12.746 8.203   1.00 30.86 ? 363 HOH A O   1 
HETATM 1467 O O   . HOH D 4 .   ? 6.710   -6.603  7.441   1.00 16.14 ? 364 HOH A O   1 
HETATM 1468 O O   . HOH D 4 .   ? 7.272   -5.551  16.932  1.00 40.67 ? 365 HOH A O   1 
HETATM 1469 O O   B HOH D 4 .   ? 9.615   1.147   -18.906 0.50 24.57 ? 366 HOH A O   1 
HETATM 1470 O O   . HOH D 4 .   ? -1.324  21.287  8.536   1.00 17.35 ? 367 HOH A O   1 
HETATM 1471 O O   . HOH D 4 .   ? -7.381  -10.518 -21.863 0.50 22.88 ? 368 HOH A O   1 
HETATM 1472 O O   . HOH D 4 .   ? -2.744  5.236   21.581  1.00 21.52 ? 369 HOH A O   1 
HETATM 1473 O O   . HOH D 4 .   ? -4.900  -5.820  8.885   1.00 35.72 ? 370 HOH A O   1 
HETATM 1474 O O   . HOH D 4 .   ? -13.053 7.631   17.572  0.50 34.00 ? 371 HOH A O   1 
HETATM 1475 O O   . HOH D 4 .   ? -0.255  20.781  -1.410  1.00 36.89 ? 372 HOH A O   1 
HETATM 1476 O O   . HOH D 4 .   ? -0.288  21.402  14.869  1.00 33.14 ? 373 HOH A O   1 
HETATM 1477 O O   . HOH D 4 .   ? 1.010   21.593  0.824   1.00 37.28 ? 374 HOH A O   1 
HETATM 1478 O O   . HOH D 4 .   ? 7.431   -5.163  3.298   1.00 20.07 ? 375 HOH A O   1 
HETATM 1479 O O   . HOH D 4 .   ? 3.716   -6.021  3.352   1.00 28.62 ? 376 HOH A O   1 
HETATM 1480 O O   . HOH D 4 .   ? 4.198   -7.867  -2.466  1.00 21.43 ? 377 HOH A O   1 
HETATM 1481 O O   . HOH D 4 .   ? 6.680   -8.619  -5.168  1.00 22.75 ? 378 HOH A O   1 
HETATM 1482 O O   A HOH D 4 .   ? 10.258  -12.390 -10.917 0.80 24.52 ? 379 HOH A O   1 
HETATM 1483 O O   B HOH D 4 .   ? 9.590   -13.950 -10.147 1.00 39.41 ? 380 HOH A O   1 
HETATM 1484 O O   . HOH D 4 .   ? -5.101  -20.422 -2.605  1.00 36.00 ? 381 HOH A O   1 
HETATM 1485 O O   . HOH D 4 .   ? -5.401  -17.619 -2.055  1.00 26.04 ? 382 HOH A O   1 
HETATM 1486 O O   . HOH D 4 .   ? -6.191  -15.223 -3.561  1.00 18.95 ? 383 HOH A O   1 
HETATM 1487 O O   . HOH D 4 .   ? 2.818   -9.241  0.354   1.00 28.50 ? 384 HOH A O   1 
HETATM 1488 O O   . HOH D 4 .   ? -0.590  -8.666  6.277   1.00 28.81 ? 385 HOH A O   1 
HETATM 1489 O O   . HOH D 4 .   ? -1.655  -8.499  -2.453  1.00 17.97 ? 386 HOH A O   1 
HETATM 1490 O O   . HOH D 4 .   ? 2.628   -4.325  -10.229 1.00 12.06 ? 387 HOH A O   1 
HETATM 1491 O O   . HOH D 4 .   ? 1.273   -2.728  -8.387  1.00 12.38 ? 388 HOH A O   1 
HETATM 1492 O O   . HOH D 4 .   ? -7.724  -23.073 -9.864  1.00 36.07 ? 389 HOH A O   1 
HETATM 1493 O O   . HOH D 4 .   ? -2.768  -15.394 -16.608 1.00 17.34 ? 390 HOH A O   1 
HETATM 1494 O O   . HOH D 4 .   ? 1.305   -5.524  -22.422 1.00 27.30 ? 391 HOH A O   1 
HETATM 1495 O O   . HOH D 4 .   ? 5.914   -5.889  -21.988 1.00 30.49 ? 392 HOH A O   1 
HETATM 1496 O O   . HOH D 4 .   ? 9.724   -5.229  -19.659 1.00 25.16 ? 393 HOH A O   1 
HETATM 1497 O O   . HOH D 4 .   ? 10.753  -8.412  -18.049 1.00 26.55 ? 394 HOH A O   1 
HETATM 1498 O O   . HOH D 4 .   ? 0.277   -13.158 -24.515 1.00 27.35 ? 395 HOH A O   1 
HETATM 1499 O O   . HOH D 4 .   ? -3.422  -12.833 -25.840 1.00 34.95 ? 396 HOH A O   1 
HETATM 1500 O O   . HOH D 4 .   ? 3.127   -14.189 -20.490 1.00 22.56 ? 397 HOH A O   1 
HETATM 1501 O O   . HOH D 4 .   ? 5.524   -12.694 -20.288 1.00 31.69 ? 398 HOH A O   1 
HETATM 1502 O O   . HOH D 4 .   ? 5.542   -11.218 -22.878 1.00 40.36 ? 399 HOH A O   1 
HETATM 1503 O O   . HOH D 4 .   ? -4.083  0.828   -5.022  1.00 16.95 ? 400 HOH A O   1 
HETATM 1504 O O   . HOH D 4 .   ? -9.184  4.820   -6.304  1.00 30.55 ? 401 HOH A O   1 
HETATM 1505 O O   . HOH D 4 .   ? -10.296 11.205  -6.373  1.00 33.36 ? 402 HOH A O   1 
HETATM 1506 O O   . HOH D 4 .   ? -16.100 9.812   1.894   1.00 31.36 ? 403 HOH A O   1 
HETATM 1507 O O   . HOH D 4 .   ? -10.555 12.713  9.308   1.00 24.71 ? 404 HOH A O   1 
HETATM 1508 O O   . HOH D 4 .   ? -0.818  16.942  9.789   1.00 15.39 ? 405 HOH A O   1 
HETATM 1509 O O   . HOH D 4 .   ? 11.418  6.810   7.258   1.00 15.37 ? 406 HOH A O   1 
HETATM 1510 O O   . HOH D 4 .   ? 1.559   0.385   4.894   1.00 11.54 ? 407 HOH A O   1 
HETATM 1511 O O   . HOH D 4 .   ? -0.542  -6.393  7.876   1.00 19.46 ? 408 HOH A O   1 
HETATM 1512 O O   . HOH D 4 .   ? -5.466  1.424   -2.527  1.00 20.22 ? 409 HOH A O   1 
HETATM 1513 O O   . HOH D 4 .   ? 6.318   7.296   19.346  1.00 25.88 ? 410 HOH A O   1 
HETATM 1514 O O   . HOH D 4 .   ? -0.994  7.313   21.396  1.00 20.68 ? 411 HOH A O   1 
HETATM 1515 O O   . HOH D 4 .   ? 5.201   2.936   17.321  1.00 17.67 ? 412 HOH A O   1 
HETATM 1516 O O   . HOH D 4 .   ? 2.137   1.162   20.655  1.00 19.58 ? 413 HOH A O   1 
HETATM 1517 O O   . HOH D 4 .   ? 7.710   -0.407  17.210  0.80 31.12 ? 414 HOH A O   1 
HETATM 1518 O O   . HOH D 4 .   ? 11.462  -2.047  10.152  1.00 17.99 ? 415 HOH A O   1 
HETATM 1519 O O   . HOH D 4 .   ? 13.325  -2.141  7.996   1.00 15.98 ? 416 HOH A O   1 
HETATM 1520 O O   . HOH D 4 .   ? 8.683   2.576   14.144  1.00 18.47 ? 417 HOH A O   1 
HETATM 1521 O O   . HOH D 4 .   ? 8.544   5.224   15.180  1.00 30.43 ? 418 HOH A O   1 
HETATM 1522 O O   . HOH D 4 .   ? 14.461  0.381   8.479   1.00 23.61 ? 419 HOH A O   1 
HETATM 1523 O O   . HOH D 4 .   ? 13.078  1.103   -4.477  1.00 25.99 ? 420 HOH A O   1 
HETATM 1524 O O   . HOH D 4 .   ? 12.568  -2.742  -9.803  1.00 35.18 ? 421 HOH A O   1 
HETATM 1525 O O   A HOH D 4 .   ? 11.495  -8.527  -4.865  0.50 19.94 ? 422 HOH A O   1 
HETATM 1526 O O   B HOH D 4 .   ? 12.861  -7.350  -5.073  0.50 32.51 ? 423 HOH A O   1 
HETATM 1527 O O   . HOH D 4 .   ? 11.848  -5.449  -1.689  1.00 36.75 ? 424 HOH A O   1 
HETATM 1528 O O   . HOH D 4 .   ? 3.350   -6.889  1.099   1.00 41.46 ? 425 HOH A O   1 
HETATM 1529 O O   . HOH D 4 .   ? 8.432   -12.397 -17.468 1.00 31.85 ? 426 HOH A O   1 
HETATM 1530 O O   . HOH D 4 .   ? 3.070   -18.606 -10.238 1.00 31.83 ? 427 HOH A O   1 
HETATM 1531 O O   . HOH D 4 .   ? -4.068  -22.827 -13.244 1.00 40.95 ? 428 HOH A O   1 
HETATM 1532 O O   . HOH D 4 .   ? -8.026  -18.749 -15.963 1.00 36.22 ? 429 HOH A O   1 
HETATM 1533 O O   . HOH D 4 .   ? -13.601 16.192  3.982   1.00 33.01 ? 430 HOH A O   1 
HETATM 1534 O O   . HOH D 4 .   ? 2.848   -18.074 -12.829 0.50 23.08 ? 431 HOH A O   1 
HETATM 1535 O O   . HOH D 4 .   ? 0.108   -3.657  -17.801 0.50 16.46 ? 432 HOH A O   1 
HETATM 1536 O O   . HOH D 4 .   ? 1.514   -7.557  -1.613  1.00 34.17 ? 433 HOH A O   1 
HETATM 1537 O O   . HOH D 4 .   ? 6.757   -15.068 -8.140  1.00 36.18 ? 434 HOH A O   1 
HETATM 1538 O O   . HOH D 4 .   ? 4.254   -8.149  -23.049 1.00 30.14 ? 435 HOH A O   1 
HETATM 1539 O O   . HOH D 4 .   ? -2.970  -5.111  7.440   1.00 30.99 ? 436 HOH A O   1 
HETATM 1540 O O   . HOH D 4 .   ? -10.829 -0.034  0.095   1.00 35.84 ? 437 HOH A O   1 
HETATM 1541 O O   . HOH D 4 .   ? -8.050  1.933   -2.224  1.00 35.18 ? 438 HOH A O   1 
HETATM 1542 O O   . HOH D 4 .   ? -9.764  -1.407  2.510   1.00 33.76 ? 439 HOH A O   1 
HETATM 1543 O O   . HOH D 4 .   ? -12.597 7.802   10.705  1.00 31.60 ? 440 HOH A O   1 
HETATM 1544 O O   . HOH D 4 .   ? -10.264 11.251  13.046  1.00 19.99 ? 441 HOH A O   1 
HETATM 1545 O O   . HOH D 4 .   ? -2.534  9.541   22.619  1.00 39.38 ? 442 HOH A O   1 
HETATM 1546 O O   . HOH D 4 .   ? 12.363  2.393   12.192  1.00 31.18 ? 443 HOH A O   1 
HETATM 1547 O O   . HOH D 4 .   ? -3.772  -8.414  1.207   1.00 41.96 ? 444 HOH A O   1 
HETATM 1548 O O   . HOH D 4 .   ? -7.396  -16.976 -0.531  1.00 36.75 ? 445 HOH A O   1 
HETATM 1549 O O   . HOH D 4 .   ? -9.057  14.832  12.437  1.00 40.08 ? 446 HOH A O   1 
HETATM 1550 O O   . HOH D 4 .   ? 17.309  12.461  8.885   1.00 41.96 ? 447 HOH A O   1 
HETATM 1551 O O   . HOH D 4 .   ? -0.895  -5.711  -2.448  1.00 32.12 ? 448 HOH A O   1 
HETATM 1552 O O   A HOH D 4 .   ? -1.986  -5.417  0.052   0.50 24.88 ? 449 HOH A O   1 
HETATM 1553 O O   B HOH D 4 .   ? 0.047   -4.823  -0.138  0.50 22.22 ? 450 HOH A O   1 
HETATM 1554 O O   A HOH D 4 .   ? -5.817  -4.971  -7.288  0.50 25.27 ? 451 HOH A O   1 
HETATM 1555 O O   . HOH D 4 .   ? -5.657  -0.162  -9.444  1.00 41.79 ? 452 HOH A O   1 
HETATM 1556 O O   . HOH D 4 .   ? -6.480  -23.140 -7.367  1.00 40.13 ? 453 HOH A O   1 
HETATM 1557 O O   . HOH D 4 .   ? -14.401 5.381   4.210   0.50 27.51 ? 454 HOH A O   1 
HETATM 1558 O O   . HOH D 4 .   ? -0.962  -6.910  3.959   0.50 21.67 ? 455 HOH A O   1 
HETATM 1559 O O   . HOH D 4 .   ? -5.560  -16.690 2.474   0.50 30.03 ? 456 HOH A O   1 
HETATM 1560 O O   A HOH D 4 .   ? -15.088 7.473   -0.622  0.60 33.20 ? 457 HOH A O   1 
# 
loop_
_pdbx_poly_seq_scheme.asym_id 
_pdbx_poly_seq_scheme.entity_id 
_pdbx_poly_seq_scheme.seq_id 
_pdbx_poly_seq_scheme.mon_id 
_pdbx_poly_seq_scheme.ndb_seq_num 
_pdbx_poly_seq_scheme.pdb_seq_num 
_pdbx_poly_seq_scheme.auth_seq_num 
_pdbx_poly_seq_scheme.pdb_mon_id 
_pdbx_poly_seq_scheme.auth_mon_id 
_pdbx_poly_seq_scheme.pdb_strand_id 
_pdbx_poly_seq_scheme.pdb_ins_code 
_pdbx_poly_seq_scheme.hetero 
A 1 1   MET 1   1   1   MET MET A . n 
A 1 2   ASN 2   2   2   ASN ASN A . n 
A 1 3   ILE 3   3   3   ILE ILE A . n 
A 1 4   PHE 4   4   4   PHE PHE A . n 
A 1 5   GLU 5   5   5   GLU GLU A . n 
A 1 6   MET 6   6   6   MET MET A . n 
A 1 7   LEU 7   7   7   LEU LEU A . n 
A 1 8   ARG 8   8   8   ARG ARG A . n 
A 1 9   ILE 9   9   9   ILE ILE A . n 
A 1 10  ASP 10  10  10  ASP ASP A . n 
A 1 11  GLU 11  11  11  GLU GLU A . n 
A 1 12  GLY 12  12  12  GLY GLY A . n 
A 1 13  LEU 13  13  13  LEU LEU A . n 
A 1 14  ARG 14  14  14  ARG ARG A . n 
A 1 15  LEU 15  15  15  LEU LEU A . n 
A 1 16  LYS 16  16  16  LYS LYS A . n 
A 1 17  ILE 17  17  17  ILE ILE A . n 
A 1 18  TYR 18  18  18  TYR TYR A . n 
A 1 19  LYS 19  19  19  LYS LYS A . n 
A 1 20  ASP 20  20  20  ASP ASP A . n 
A 1 21  THR 21  21  21  THR THR A . n 
A 1 22  GLU 22  22  22  GLU GLU A . n 
A 1 23  GLY 23  23  23  GLY GLY A . n 
A 1 24  TYR 24  24  24  TYR TYR A . n 
A 1 25  TYR 25  25  25  TYR TYR A . n 
A 1 26  THR 26  26  26  THR THR A . n 
A 1 27  ILE 27  27  27  ILE ILE A . n 
A 1 28  GLY 28  28  28  GLY GLY A . n 
A 1 29  ILE 29  29  29  ILE ILE A . n 
A 1 30  GLY 30  30  30  GLY GLY A . n 
A 1 31  HIS 31  31  31  HIS HIS A . n 
A 1 32  LEU 32  32  32  LEU LEU A . n 
A 1 33  LEU 33  33  33  LEU LEU A . n 
A 1 34  THR 34  34  34  THR THR A . n 
A 1 35  LYS 35  35  35  LYS LYS A . n 
A 1 36  SER 36  36  36  SER SER A . n 
A 1 37  PRO 37  37  37  PRO PRO A . n 
A 1 38  SER 38  38  38  SER SER A . n 
A 1 39  LEU 39  39  39  LEU LEU A . n 
A 1 40  ASN 40  40  40  ASN ASN A . n 
A 1 41  ALA 41  41  41  ALA ALA A . n 
A 1 42  ALA 42  42  42  ALA ALA A . n 
A 1 43  LYS 43  43  43  LYS LYS A . n 
A 1 44  SER 44  44  44  SER SER A . n 
A 1 45  GLU 45  45  45  GLU GLU A . n 
A 1 46  LEU 46  46  46  LEU LEU A . n 
A 1 47  ASP 47  47  47  ASP ASP A . n 
A 1 48  LYS 48  48  48  LYS LYS A . n 
A 1 49  ALA 49  49  49  ALA ALA A . n 
A 1 50  ILE 50  50  50  ILE ILE A . n 
A 1 51  GLY 51  51  51  GLY GLY A . n 
A 1 52  ARG 52  52  52  ARG ARG A . n 
A 1 53  ASN 53  53  53  ASN ASN A . n 
A 1 54  CYS 54  54  54  CYS CYS A . n 
A 1 55  ASN 55  55  55  ASN ASN A . n 
A 1 56  GLY 56  56  56  GLY GLY A . n 
A 1 57  VAL 57  57  57  VAL VAL A . n 
A 1 58  ILE 58  58  58  ILE ILE A . n 
A 1 59  THR 59  59  59  THR THR A . n 
A 1 60  LYS 60  60  60  LYS LYS A . n 
A 1 61  ASP 61  61  61  ASP ASP A . n 
A 1 62  GLU 62  62  62  GLU GLU A . n 
A 1 63  ALA 63  63  63  ALA ALA A . n 
A 1 64  GLU 64  64  64  GLU GLU A . n 
A 1 65  LYS 65  65  65  LYS LYS A . n 
A 1 66  LEU 66  66  66  LEU LEU A . n 
A 1 67  PHE 67  67  67  PHE PHE A . n 
A 1 68  ASN 68  68  68  ASN ASN A . n 
A 1 69  GLN 69  69  69  GLN GLN A . n 
A 1 70  ASP 70  70  70  ASP ASP A . n 
A 1 71  VAL 71  71  71  VAL VAL A . n 
A 1 72  ASP 72  72  72  ASP ASP A . n 
A 1 73  ALA 73  73  73  ALA ALA A . n 
A 1 74  ALA 74  74  74  ALA ALA A . n 
A 1 75  VAL 75  75  75  VAL VAL A . n 
A 1 76  ARG 76  76  76  ARG ARG A . n 
A 1 77  GLY 77  77  77  GLY GLY A . n 
A 1 78  ILE 78  78  78  ILE ILE A . n 
A 1 79  LEU 79  79  79  LEU LEU A . n 
A 1 80  ARG 80  80  80  ARG ARG A . n 
A 1 81  ASN 81  81  81  ASN ASN A . n 
A 1 82  ALA 82  82  82  ALA ALA A . n 
A 1 83  LYS 83  83  83  LYS LYS A . n 
A 1 84  LEU 84  84  84  LEU LEU A . n 
A 1 85  LYS 85  85  85  LYS LYS A . n 
A 1 86  PRO 86  86  86  PRO PRO A . n 
A 1 87  VAL 87  87  87  VAL VAL A . n 
A 1 88  TYR 88  88  88  TYR TYR A . n 
A 1 89  ASP 89  89  89  ASP ASP A . n 
A 1 90  SER 90  90  90  SER SER A . n 
A 1 91  LEU 91  91  91  LEU LEU A . n 
A 1 92  ASP 92  92  92  ASP ASP A . n 
A 1 93  ALA 93  93  93  ALA ALA A . n 
A 1 94  VAL 94  94  94  VAL VAL A . n 
A 1 95  ARG 95  95  95  ARG ARG A . n 
A 1 96  ARG 96  96  96  ARG ARG A . n 
A 1 97  CYS 97  97  97  CYS CYS A . n 
A 1 98  ALA 98  98  98  ALA ALA A . n 
A 1 99  ALA 99  99  99  ALA ALA A . n 
A 1 100 ILE 100 100 100 ILE ILE A . n 
A 1 101 ASN 101 101 101 ASN ASN A . n 
A 1 102 MET 102 102 102 MET MET A . n 
A 1 103 VAL 103 103 103 VAL VAL A . n 
A 1 104 PHE 104 104 104 PHE PHE A . n 
A 1 105 GLN 105 105 105 GLN GLN A . n 
A 1 106 MET 106 106 106 MET MET A . n 
A 1 107 GLY 107 107 107 GLY GLY A . n 
A 1 108 GLU 108 108 108 GLU GLU A . n 
A 1 109 THR 109 109 109 THR THR A . n 
A 1 110 GLY 110 110 110 GLY GLY A . n 
A 1 111 VAL 111 111 111 VAL VAL A . n 
A 1 112 ALA 112 112 112 ALA ALA A . n 
A 1 113 GLY 113 113 113 GLY GLY A . n 
A 1 114 PHE 114 114 114 PHE PHE A . n 
A 1 115 THR 115 115 115 THR THR A . n 
A 1 116 ASN 116 116 116 ASN ASN A . n 
A 1 117 SER 117 117 117 SER SER A . n 
A 1 118 LEU 118 118 118 LEU LEU A . n 
A 1 119 ARG 119 119 119 ARG ARG A . n 
A 1 120 MET 120 120 120 MET MET A . n 
A 1 121 LEU 121 121 121 LEU LEU A . n 
A 1 122 GLN 122 122 122 GLN GLN A . n 
A 1 123 GLN 123 123 123 GLN GLN A . n 
A 1 124 LYS 124 124 124 LYS LYS A . n 
A 1 125 ARG 125 125 125 ARG ARG A . n 
A 1 126 TRP 126 126 126 TRP TRP A . n 
A 1 127 ASP 127 127 127 ASP ASP A . n 
A 1 128 GLU 128 128 128 GLU GLU A . n 
A 1 129 ALA 129 129 129 ALA ALA A . n 
A 1 130 ALA 130 130 130 ALA ALA A . n 
A 1 131 VAL 131 131 131 VAL VAL A . n 
A 1 132 ASN 132 132 132 ASN ASN A . n 
A 1 133 LEU 133 133 133 LEU LEU A . n 
A 1 134 ALA 134 134 134 ALA ALA A . n 
A 1 135 LYS 135 135 135 LYS LYS A . n 
A 1 136 SER 136 136 136 SER SER A . n 
A 1 137 ARG 137 137 137 ARG ARG A . n 
A 1 138 TRP 138 138 138 TRP TRP A . n 
A 1 139 TYR 139 139 139 TYR TYR A . n 
A 1 140 ASN 140 140 140 ASN ASN A . n 
A 1 141 GLN 141 141 141 GLN GLN A . n 
A 1 142 THR 142 142 142 THR THR A . n 
A 1 143 PRO 143 143 143 PRO PRO A . n 
A 1 144 ASN 144 144 144 ASN ASN A . n 
A 1 145 ARG 145 145 145 ARG ARG A . n 
A 1 146 ALA 146 146 146 ALA ALA A . n 
A 1 147 LYS 147 147 147 LYS LYS A . n 
A 1 148 ARG 148 148 148 ARG ARG A . n 
A 1 149 VAL 149 149 149 VAL VAL A . n 
A 1 150 ILE 150 150 150 ILE ILE A . n 
A 1 151 THR 151 151 151 THR THR A . n 
A 1 152 THR 152 152 152 THR THR A . n 
A 1 153 PHE 153 153 153 PHE PHE A . n 
A 1 154 ARG 154 154 154 ARG ARG A . n 
A 1 155 THR 155 155 155 THR THR A . n 
A 1 156 GLY 156 156 156 GLY GLY A . n 
A 1 157 THR 157 157 157 THR THR A . n 
A 1 158 TRP 158 158 158 TRP TRP A . n 
A 1 159 ASP 159 159 159 ASP ASP A . n 
A 1 160 ALA 160 160 160 ALA ALA A . n 
A 1 161 TYR 161 161 161 TYR TYR A . n 
A 1 162 LYS 162 162 162 LYS LYS A . n 
A 1 163 ASN 163 163 163 ASN ASN A . n 
A 1 164 LEU 164 164 164 LEU LEU A . n 
A 1 165 LEU 165 165 ?   ?   ?   A . n 
A 1 166 GLU 166 166 ?   ?   ?   A . n 
A 1 167 HIS 167 167 ?   ?   ?   A . n 
A 1 168 HIS 168 168 ?   ?   ?   A . n 
A 1 169 HIS 169 169 ?   ?   ?   A . n 
A 1 170 HIS 170 170 ?   ?   ?   A . n 
A 1 171 HIS 171 171 ?   ?   ?   A . n 
A 1 172 HIS 172 172 ?   ?   ?   A . n 
# 
loop_
_pdbx_nonpoly_scheme.asym_id 
_pdbx_nonpoly_scheme.entity_id 
_pdbx_nonpoly_scheme.mon_id 
_pdbx_nonpoly_scheme.ndb_seq_num 
_pdbx_nonpoly_scheme.pdb_seq_num 
_pdbx_nonpoly_scheme.auth_seq_num 
_pdbx_nonpoly_scheme.pdb_mon_id 
_pdbx_nonpoly_scheme.auth_mon_id 
_pdbx_nonpoly_scheme.pdb_strand_id 
_pdbx_nonpoly_scheme.pdb_ins_code 
B 2 3H0 1   200 200 3H0 DRG A . 
C 3 EPE 1   201 201 EPE EPE A . 
D 4 HOH 1   301 47  HOH HOH A . 
D 4 HOH 2   302 144 HOH HOH A . 
D 4 HOH 3   303 76  HOH HOH A . 
D 4 HOH 4   304 117 HOH HOH A . 
D 4 HOH 5   305 30  HOH HOH A . 
D 4 HOH 6   306 62  HOH HOH A . 
D 4 HOH 7   307 54  HOH HOH A . 
D 4 HOH 8   308 89  HOH HOH A . 
D 4 HOH 9   309 113 HOH HOH A . 
D 4 HOH 10  310 29  HOH HOH A . 
D 4 HOH 11  311 34  HOH HOH A . 
D 4 HOH 12  312 99  HOH HOH A . 
D 4 HOH 13  313 148 HOH HOH A . 
D 4 HOH 14  314 56  HOH HOH A . 
D 4 HOH 15  315 123 HOH HOH A . 
D 4 HOH 16  316 146 HOH HOH A . 
D 4 HOH 17  317 4   HOH HOH A . 
D 4 HOH 18  318 35  HOH HOH A . 
D 4 HOH 19  319 16  HOH HOH A . 
D 4 HOH 20  320 138 HOH HOH A . 
D 4 HOH 21  321 40  HOH HOH A . 
D 4 HOH 22  322 66  HOH HOH A . 
D 4 HOH 23  323 52  HOH HOH A . 
D 4 HOH 24  324 112 HOH HOH A . 
D 4 HOH 25  325 1   HOH HOH A . 
D 4 HOH 26  326 65  HOH HOH A . 
D 4 HOH 27  327 67  HOH HOH A . 
D 4 HOH 28  328 147 HOH HOH A . 
D 4 HOH 29  329 37  HOH HOH A . 
D 4 HOH 30  330 5   HOH HOH A . 
D 4 HOH 31  331 15  HOH HOH A . 
D 4 HOH 32  332 23  HOH HOH A . 
D 4 HOH 33  333 13  HOH HOH A . 
D 4 HOH 34  334 111 HOH HOH A . 
D 4 HOH 35  335 2   HOH HOH A . 
D 4 HOH 36  336 85  HOH HOH A . 
D 4 HOH 37  337 25  HOH HOH A . 
D 4 HOH 38  338 124 HOH HOH A . 
D 4 HOH 39  339 19  HOH HOH A . 
D 4 HOH 40  340 53  HOH HOH A . 
D 4 HOH 41  341 3   HOH HOH A . 
D 4 HOH 42  342 73  HOH HOH A . 
D 4 HOH 43  343 55  HOH HOH A . 
D 4 HOH 44  344 86  HOH HOH A . 
D 4 HOH 45  345 143 HOH HOH A . 
D 4 HOH 46  346 97  HOH HOH A . 
D 4 HOH 47  347 96  HOH HOH A . 
D 4 HOH 48  348 83  HOH HOH A . 
D 4 HOH 49  349 39  HOH HOH A . 
D 4 HOH 50  350 31  HOH HOH A . 
D 4 HOH 51  351 38  HOH HOH A . 
D 4 HOH 52  352 51  HOH HOH A . 
D 4 HOH 53  353 17  HOH HOH A . 
D 4 HOH 54  354 6   HOH HOH A . 
D 4 HOH 55  355 114 HOH HOH A . 
D 4 HOH 56  356 137 HOH HOH A . 
D 4 HOH 57  357 75  HOH HOH A . 
D 4 HOH 58  358 36  HOH HOH A . 
D 4 HOH 59  359 84  HOH HOH A . 
D 4 HOH 60  360 14  HOH HOH A . 
D 4 HOH 61  361 101 HOH HOH A . 
D 4 HOH 62  362 68  HOH HOH A . 
D 4 HOH 63  363 90  HOH HOH A . 
D 4 HOH 64  364 91  HOH HOH A . 
D 4 HOH 65  365 82  HOH HOH A . 
D 4 HOH 66  366 149 HOH HOH A . 
D 4 HOH 67  367 64  HOH HOH A . 
D 4 HOH 68  368 155 HOH HOH A . 
D 4 HOH 69  369 81  HOH HOH A . 
D 4 HOH 70  370 87  HOH HOH A . 
D 4 HOH 71  371 157 HOH HOH A . 
D 4 HOH 72  372 135 HOH HOH A . 
D 4 HOH 73  373 74  HOH HOH A . 
D 4 HOH 74  374 116 HOH HOH A . 
D 4 HOH 75  375 7   HOH HOH A . 
D 4 HOH 76  376 8   HOH HOH A . 
D 4 HOH 77  377 9   HOH HOH A . 
D 4 HOH 78  378 10  HOH HOH A . 
D 4 HOH 79  379 11  HOH HOH A . 
D 4 HOH 80  380 12  HOH HOH A . 
D 4 HOH 81  381 18  HOH HOH A . 
D 4 HOH 82  382 20  HOH HOH A . 
D 4 HOH 83  383 21  HOH HOH A . 
D 4 HOH 84  384 22  HOH HOH A . 
D 4 HOH 85  385 24  HOH HOH A . 
D 4 HOH 86  386 26  HOH HOH A . 
D 4 HOH 87  387 27  HOH HOH A . 
D 4 HOH 88  388 28  HOH HOH A . 
D 4 HOH 89  389 32  HOH HOH A . 
D 4 HOH 90  390 33  HOH HOH A . 
D 4 HOH 91  391 41  HOH HOH A . 
D 4 HOH 92  392 42  HOH HOH A . 
D 4 HOH 93  393 43  HOH HOH A . 
D 4 HOH 94  394 44  HOH HOH A . 
D 4 HOH 95  395 45  HOH HOH A . 
D 4 HOH 96  396 46  HOH HOH A . 
D 4 HOH 97  397 48  HOH HOH A . 
D 4 HOH 98  398 49  HOH HOH A . 
D 4 HOH 99  399 50  HOH HOH A . 
D 4 HOH 100 400 57  HOH HOH A . 
D 4 HOH 101 401 58  HOH HOH A . 
D 4 HOH 102 402 59  HOH HOH A . 
D 4 HOH 103 403 60  HOH HOH A . 
D 4 HOH 104 404 61  HOH HOH A . 
D 4 HOH 105 405 63  HOH HOH A . 
D 4 HOH 106 406 69  HOH HOH A . 
D 4 HOH 107 407 70  HOH HOH A . 
D 4 HOH 108 408 71  HOH HOH A . 
D 4 HOH 109 409 72  HOH HOH A . 
D 4 HOH 110 410 77  HOH HOH A . 
D 4 HOH 111 411 78  HOH HOH A . 
D 4 HOH 112 412 79  HOH HOH A . 
D 4 HOH 113 413 80  HOH HOH A . 
D 4 HOH 114 414 88  HOH HOH A . 
D 4 HOH 115 415 92  HOH HOH A . 
D 4 HOH 116 416 93  HOH HOH A . 
D 4 HOH 117 417 94  HOH HOH A . 
D 4 HOH 118 418 95  HOH HOH A . 
D 4 HOH 119 419 98  HOH HOH A . 
D 4 HOH 120 420 100 HOH HOH A . 
D 4 HOH 121 421 102 HOH HOH A . 
D 4 HOH 122 422 103 HOH HOH A . 
D 4 HOH 123 423 104 HOH HOH A . 
D 4 HOH 124 424 105 HOH HOH A . 
D 4 HOH 125 425 106 HOH HOH A . 
D 4 HOH 126 426 107 HOH HOH A . 
D 4 HOH 127 427 108 HOH HOH A . 
D 4 HOH 128 428 109 HOH HOH A . 
D 4 HOH 129 429 110 HOH HOH A . 
D 4 HOH 130 430 115 HOH HOH A . 
D 4 HOH 131 431 118 HOH HOH A . 
D 4 HOH 132 432 119 HOH HOH A . 
D 4 HOH 133 433 120 HOH HOH A . 
D 4 HOH 134 434 121 HOH HOH A . 
D 4 HOH 135 435 122 HOH HOH A . 
D 4 HOH 136 436 125 HOH HOH A . 
D 4 HOH 137 437 126 HOH HOH A . 
D 4 HOH 138 438 127 HOH HOH A . 
D 4 HOH 139 439 128 HOH HOH A . 
D 4 HOH 140 440 129 HOH HOH A . 
D 4 HOH 141 441 130 HOH HOH A . 
D 4 HOH 142 442 131 HOH HOH A . 
D 4 HOH 143 443 132 HOH HOH A . 
D 4 HOH 144 444 133 HOH HOH A . 
D 4 HOH 145 445 134 HOH HOH A . 
D 4 HOH 146 446 136 HOH HOH A . 
D 4 HOH 147 447 139 HOH HOH A . 
D 4 HOH 148 448 140 HOH HOH A . 
D 4 HOH 149 449 141 HOH HOH A . 
D 4 HOH 150 450 142 HOH HOH A . 
D 4 HOH 151 451 145 HOH HOH A . 
D 4 HOH 152 452 150 HOH HOH A . 
D 4 HOH 153 453 151 HOH HOH A . 
D 4 HOH 154 454 152 HOH HOH A . 
D 4 HOH 155 455 153 HOH HOH A . 
D 4 HOH 156 456 154 HOH HOH A . 
D 4 HOH 157 457 156 HOH HOH A . 
# 
_pdbx_struct_assembly.id                   1 
_pdbx_struct_assembly.details              author_and_software_defined_assembly 
_pdbx_struct_assembly.method_details       PISA 
_pdbx_struct_assembly.oligomeric_details   monomeric 
_pdbx_struct_assembly.oligomeric_count     1 
# 
_pdbx_struct_assembly_gen.assembly_id       1 
_pdbx_struct_assembly_gen.oper_expression   1 
_pdbx_struct_assembly_gen.asym_id_list      A,B,C,D 
# 
loop_
_pdbx_struct_assembly_prop.biol_id 
_pdbx_struct_assembly_prop.type 
_pdbx_struct_assembly_prop.value 
_pdbx_struct_assembly_prop.details 
1 'ABSA (A^2)' 450  ? 
1 MORE         6    ? 
1 'SSA (A^2)'  8390 ? 
# 
_pdbx_struct_oper_list.id                   1 
_pdbx_struct_oper_list.type                 'identity operation' 
_pdbx_struct_oper_list.name                 1_555 
_pdbx_struct_oper_list.symmetry_operation   x,y,z 
_pdbx_struct_oper_list.matrix[1][1]         1.0000000000 
_pdbx_struct_oper_list.matrix[1][2]         0.0000000000 
_pdbx_struct_oper_list.matrix[1][3]         0.0000000000 
_pdbx_struct_oper_list.vector[1]            0.0000000000 
_pdbx_struct_oper_list.matrix[2][1]         0.0000000000 
_pdbx_struct_oper_list.matrix[2][2]         1.0000000000 
_pdbx_struct_oper_list.matrix[2][3]         0.0000000000 
_pdbx_struct_oper_list.vector[2]            0.0000000000 
_pdbx_struct_oper_list.matrix[3][1]         0.0000000000 
_pdbx_struct_oper_list.matrix[3][2]         0.0000000000 
_pdbx_struct_oper_list.matrix[3][3]         1.0000000000 
_pdbx_struct_oper_list.vector[3]            0.0000000000 
# 
loop_
_pdbx_audit_revision_history.ordinal 
_pdbx_audit_revision_history.data_content_type 
_pdbx_audit_revision_history.major_revision 
_pdbx_audit_revision_history.minor_revision 
_pdbx_audit_revision_history.revision_date 
1 'Structure model' 1 0 2015-04-01 
2 'Structure model' 1 1 2015-04-22 
3 'Structure model' 1 2 2015-05-06 
4 'Structure model' 1 3 2017-09-06 
5 'Structure model' 1 4 2017-11-22 
6 'Structure model' 1 5 2019-12-25 
7 'Structure model' 1 6 2023-09-27 
# 
_pdbx_audit_revision_details.ordinal             1 
_pdbx_audit_revision_details.revision_ordinal    1 
_pdbx_audit_revision_details.data_content_type   'Structure model' 
_pdbx_audit_revision_details.provider            repository 
_pdbx_audit_revision_details.type                'Initial release' 
_pdbx_audit_revision_details.description         ? 
_pdbx_audit_revision_details.details             ? 
# 
loop_
_pdbx_audit_revision_group.ordinal 
_pdbx_audit_revision_group.revision_ordinal 
_pdbx_audit_revision_group.data_content_type 
_pdbx_audit_revision_group.group 
1  2 'Structure model' 'Database references'        
2  3 'Structure model' 'Database references'        
3  4 'Structure model' 'Author supporting evidence' 
4  4 'Structure model' 'Database references'        
5  4 'Structure model' 'Derived calculations'       
6  4 'Structure model' Other                        
7  4 'Structure model' 'Source and taxonomy'        
8  5 'Structure model' 'Refinement description'     
9  6 'Structure model' 'Author supporting evidence' 
10 7 'Structure model' 'Data collection'            
11 7 'Structure model' 'Database references'        
12 7 'Structure model' 'Refinement description'     
# 
loop_
_pdbx_audit_revision_category.ordinal 
_pdbx_audit_revision_category.revision_ordinal 
_pdbx_audit_revision_category.data_content_type 
_pdbx_audit_revision_category.category 
1  4 'Structure model' citation                      
2  4 'Structure model' entity_src_gen                
3  4 'Structure model' pdbx_audit_support            
4  4 'Structure model' pdbx_database_status          
5  4 'Structure model' pdbx_struct_assembly          
6  4 'Structure model' pdbx_struct_assembly_prop     
7  4 'Structure model' pdbx_struct_oper_list         
8  5 'Structure model' software                      
9  6 'Structure model' pdbx_audit_support            
10 7 'Structure model' chem_comp_atom                
11 7 'Structure model' chem_comp_bond                
12 7 'Structure model' database_2                    
13 7 'Structure model' pdbx_initial_refinement_model 
14 7 'Structure model' refine_hist                   
# 
loop_
_pdbx_audit_revision_item.ordinal 
_pdbx_audit_revision_item.revision_ordinal 
_pdbx_audit_revision_item.data_content_type 
_pdbx_audit_revision_item.item 
1  4 'Structure model' '_citation.journal_id_CSD'                    
2  4 'Structure model' '_entity_src_gen.pdbx_alt_source_flag'        
3  4 'Structure model' '_pdbx_audit_support.funding_organization'    
4  4 'Structure model' '_pdbx_database_status.pdb_format_compatible' 
5  4 'Structure model' '_pdbx_struct_assembly.oligomeric_details'    
6  4 'Structure model' '_pdbx_struct_assembly_prop.type'             
7  4 'Structure model' '_pdbx_struct_assembly_prop.value'            
8  4 'Structure model' '_pdbx_struct_oper_list.symmetry_operation'   
9  6 'Structure model' '_pdbx_audit_support.funding_organization'    
10 7 'Structure model' '_database_2.pdbx_DOI'                        
11 7 'Structure model' '_database_2.pdbx_database_accession'         
12 7 'Structure model' '_refine_hist.d_res_high'                     
13 7 'Structure model' '_refine_hist.number_atoms_total'             
14 7 'Structure model' '_refine_hist.pdbx_number_atoms_nucleic_acid' 
15 7 'Structure model' '_refine_hist.pdbx_number_atoms_protein'      
# 
loop_
_software.citation_id 
_software.classification 
_software.compiler_name 
_software.compiler_version 
_software.contact_author 
_software.contact_author_email 
_software.date 
_software.description 
_software.dependencies 
_software.hardware 
_software.language 
_software.location 
_software.mods 
_software.name 
_software.os 
_software.os_version 
_software.type 
_software.version 
_software.pdbx_ordinal 
? 'data scaling'    ? ? ? ? ? ? ? ? ? ? ? XSCALE      ? ? ? .                            1 
? 'data extraction' ? ? ? ? ? ? ? ? ? ? ? PDB_EXTRACT ? ? ? 3.15                         2 
? refinement        ? ? ? ? ? ? ? ? ? ? ? PHENIX      ? ? ? '(phenix.refine: 1.7.1_743)' 3 
? 'model building'  ? ? ? ? ? ? ? ? ? ? ? Coot        ? ? ? .                            4 
# 
loop_
_pdbx_unobs_or_zero_occ_atoms.id 
_pdbx_unobs_or_zero_occ_atoms.PDB_model_num 
_pdbx_unobs_or_zero_occ_atoms.polymer_flag 
_pdbx_unobs_or_zero_occ_atoms.occupancy_flag 
_pdbx_unobs_or_zero_occ_atoms.auth_asym_id 
_pdbx_unobs_or_zero_occ_atoms.auth_comp_id 
_pdbx_unobs_or_zero_occ_atoms.auth_seq_id 
_pdbx_unobs_or_zero_occ_atoms.PDB_ins_code 
_pdbx_unobs_or_zero_occ_atoms.auth_atom_id 
_pdbx_unobs_or_zero_occ_atoms.label_alt_id 
_pdbx_unobs_or_zero_occ_atoms.label_asym_id 
_pdbx_unobs_or_zero_occ_atoms.label_comp_id 
_pdbx_unobs_or_zero_occ_atoms.label_seq_id 
_pdbx_unobs_or_zero_occ_atoms.label_atom_id 
1  1 Y 1 A LYS 16  ? CE  ? A LYS 16  CE  
2  1 Y 1 A LYS 16  ? NZ  ? A LYS 16  NZ  
3  1 Y 1 A LYS 60  ? NZ  ? A LYS 60  NZ  
4  1 Y 1 A ARG 80  ? CG  ? A ARG 80  CG  
5  1 Y 1 A ARG 80  ? CD  ? A ARG 80  CD  
6  1 Y 1 A ARG 80  ? NE  ? A ARG 80  NE  
7  1 Y 1 A ARG 80  ? CZ  ? A ARG 80  CZ  
8  1 Y 1 A ARG 80  ? NH1 ? A ARG 80  NH1 
9  1 Y 1 A ARG 80  ? NH2 ? A ARG 80  NH2 
10 1 Y 1 A LYS 83  ? CD  ? A LYS 83  CD  
11 1 Y 1 A LYS 83  ? CE  ? A LYS 83  CE  
12 1 Y 1 A LYS 83  ? NZ  ? A LYS 83  NZ  
13 1 Y 1 A ARG 125 ? CZ  ? A ARG 125 CZ  
14 1 Y 1 A ARG 125 ? NH1 ? A ARG 125 NH1 
15 1 Y 1 A ARG 125 ? NH2 ? A ARG 125 NH2 
16 1 Y 1 A LYS 147 ? NZ  ? A LYS 147 NZ  
17 1 Y 1 A LYS 162 ? CD  ? A LYS 162 CD  
18 1 Y 1 A LYS 162 ? CE  ? A LYS 162 CE  
19 1 Y 1 A LYS 162 ? NZ  ? A LYS 162 NZ  
20 1 Y 1 A ASN 163 ? CB  ? A ASN 163 CB  
21 1 Y 1 A ASN 163 ? CG  ? A ASN 163 CG  
22 1 Y 1 A ASN 163 ? OD1 ? A ASN 163 OD1 
23 1 Y 1 A ASN 163 ? ND2 ? A ASN 163 ND2 
# 
loop_
_pdbx_unobs_or_zero_occ_residues.id 
_pdbx_unobs_or_zero_occ_residues.PDB_model_num 
_pdbx_unobs_or_zero_occ_residues.polymer_flag 
_pdbx_unobs_or_zero_occ_residues.occupancy_flag 
_pdbx_unobs_or_zero_occ_residues.auth_asym_id 
_pdbx_unobs_or_zero_occ_residues.auth_comp_id 
_pdbx_unobs_or_zero_occ_residues.auth_seq_id 
_pdbx_unobs_or_zero_occ_residues.PDB_ins_code 
_pdbx_unobs_or_zero_occ_residues.label_asym_id 
_pdbx_unobs_or_zero_occ_residues.label_comp_id 
_pdbx_unobs_or_zero_occ_residues.label_seq_id 
1 1 Y 1 A LEU 165 ? A LEU 165 
2 1 Y 1 A GLU 166 ? A GLU 166 
3 1 Y 1 A HIS 167 ? A HIS 167 
4 1 Y 1 A HIS 168 ? A HIS 168 
5 1 Y 1 A HIS 169 ? A HIS 169 
6 1 Y 1 A HIS 170 ? A HIS 170 
7 1 Y 1 A HIS 171 ? A HIS 171 
8 1 Y 1 A HIS 172 ? A HIS 172 
# 
loop_
_chem_comp_atom.comp_id 
_chem_comp_atom.atom_id 
_chem_comp_atom.type_symbol 
_chem_comp_atom.pdbx_aromatic_flag 
_chem_comp_atom.pdbx_stereo_config 
_chem_comp_atom.pdbx_ordinal 
3H0 CAA  C N N 1   
3H0 CAG  C N N 2   
3H0 CAH  C N N 3   
3H0 CAI  C Y N 4   
3H0 CAE  C Y N 5   
3H0 CAC  C Y N 6   
3H0 CAB  C Y N 7   
3H0 CAD  C Y N 8   
3H0 CAF  C Y N 9   
3H0 H1   H N N 10  
3H0 H2   H N N 11  
3H0 H3   H N N 12  
3H0 H4   H N N 13  
3H0 H5   H N N 14  
3H0 H6   H N N 15  
3H0 H7   H N N 16  
3H0 H8   H N N 17  
3H0 H9   H N N 18  
3H0 H10  H N N 19  
3H0 H11  H N N 20  
3H0 H12  H N N 21  
ALA N    N N N 22  
ALA CA   C N S 23  
ALA C    C N N 24  
ALA O    O N N 25  
ALA CB   C N N 26  
ALA OXT  O N N 27  
ALA H    H N N 28  
ALA H2   H N N 29  
ALA HA   H N N 30  
ALA HB1  H N N 31  
ALA HB2  H N N 32  
ALA HB3  H N N 33  
ALA HXT  H N N 34  
ARG N    N N N 35  
ARG CA   C N S 36  
ARG C    C N N 37  
ARG O    O N N 38  
ARG CB   C N N 39  
ARG CG   C N N 40  
ARG CD   C N N 41  
ARG NE   N N N 42  
ARG CZ   C N N 43  
ARG NH1  N N N 44  
ARG NH2  N N N 45  
ARG OXT  O N N 46  
ARG H    H N N 47  
ARG H2   H N N 48  
ARG HA   H N N 49  
ARG HB2  H N N 50  
ARG HB3  H N N 51  
ARG HG2  H N N 52  
ARG HG3  H N N 53  
ARG HD2  H N N 54  
ARG HD3  H N N 55  
ARG HE   H N N 56  
ARG HH11 H N N 57  
ARG HH12 H N N 58  
ARG HH21 H N N 59  
ARG HH22 H N N 60  
ARG HXT  H N N 61  
ASN N    N N N 62  
ASN CA   C N S 63  
ASN C    C N N 64  
ASN O    O N N 65  
ASN CB   C N N 66  
ASN CG   C N N 67  
ASN OD1  O N N 68  
ASN ND2  N N N 69  
ASN OXT  O N N 70  
ASN H    H N N 71  
ASN H2   H N N 72  
ASN HA   H N N 73  
ASN HB2  H N N 74  
ASN HB3  H N N 75  
ASN HD21 H N N 76  
ASN HD22 H N N 77  
ASN HXT  H N N 78  
ASP N    N N N 79  
ASP CA   C N S 80  
ASP C    C N N 81  
ASP O    O N N 82  
ASP CB   C N N 83  
ASP CG   C N N 84  
ASP OD1  O N N 85  
ASP OD2  O N N 86  
ASP OXT  O N N 87  
ASP H    H N N 88  
ASP H2   H N N 89  
ASP HA   H N N 90  
ASP HB2  H N N 91  
ASP HB3  H N N 92  
ASP HD2  H N N 93  
ASP HXT  H N N 94  
CYS N    N N N 95  
CYS CA   C N R 96  
CYS C    C N N 97  
CYS O    O N N 98  
CYS CB   C N N 99  
CYS SG   S N N 100 
CYS OXT  O N N 101 
CYS H    H N N 102 
CYS H2   H N N 103 
CYS HA   H N N 104 
CYS HB2  H N N 105 
CYS HB3  H N N 106 
CYS HG   H N N 107 
CYS HXT  H N N 108 
EPE N1   N N N 109 
EPE C2   C N N 110 
EPE C3   C N N 111 
EPE N4   N N N 112 
EPE C5   C N N 113 
EPE C6   C N N 114 
EPE C7   C N N 115 
EPE C8   C N N 116 
EPE O8   O N N 117 
EPE C9   C N N 118 
EPE C10  C N N 119 
EPE S    S N N 120 
EPE O1S  O N N 121 
EPE O2S  O N N 122 
EPE O3S  O N N 123 
EPE H21  H N N 124 
EPE H22  H N N 125 
EPE H31  H N N 126 
EPE H32  H N N 127 
EPE H51  H N N 128 
EPE H52  H N N 129 
EPE H61  H N N 130 
EPE H62  H N N 131 
EPE H71  H N N 132 
EPE H72  H N N 133 
EPE H81  H N N 134 
EPE H82  H N N 135 
EPE HO8  H N N 136 
EPE H91  H N N 137 
EPE H92  H N N 138 
EPE H101 H N N 139 
EPE H102 H N N 140 
EPE HOS3 H N N 141 
GLN N    N N N 142 
GLN CA   C N S 143 
GLN C    C N N 144 
GLN O    O N N 145 
GLN CB   C N N 146 
GLN CG   C N N 147 
GLN CD   C N N 148 
GLN OE1  O N N 149 
GLN NE2  N N N 150 
GLN OXT  O N N 151 
GLN H    H N N 152 
GLN H2   H N N 153 
GLN HA   H N N 154 
GLN HB2  H N N 155 
GLN HB3  H N N 156 
GLN HG2  H N N 157 
GLN HG3  H N N 158 
GLN HE21 H N N 159 
GLN HE22 H N N 160 
GLN HXT  H N N 161 
GLU N    N N N 162 
GLU CA   C N S 163 
GLU C    C N N 164 
GLU O    O N N 165 
GLU CB   C N N 166 
GLU CG   C N N 167 
GLU CD   C N N 168 
GLU OE1  O N N 169 
GLU OE2  O N N 170 
GLU OXT  O N N 171 
GLU H    H N N 172 
GLU H2   H N N 173 
GLU HA   H N N 174 
GLU HB2  H N N 175 
GLU HB3  H N N 176 
GLU HG2  H N N 177 
GLU HG3  H N N 178 
GLU HE2  H N N 179 
GLU HXT  H N N 180 
GLY N    N N N 181 
GLY CA   C N N 182 
GLY C    C N N 183 
GLY O    O N N 184 
GLY OXT  O N N 185 
GLY H    H N N 186 
GLY H2   H N N 187 
GLY HA2  H N N 188 
GLY HA3  H N N 189 
GLY HXT  H N N 190 
HIS N    N N N 191 
HIS CA   C N S 192 
HIS C    C N N 193 
HIS O    O N N 194 
HIS CB   C N N 195 
HIS CG   C Y N 196 
HIS ND1  N Y N 197 
HIS CD2  C Y N 198 
HIS CE1  C Y N 199 
HIS NE2  N Y N 200 
HIS OXT  O N N 201 
HIS H    H N N 202 
HIS H2   H N N 203 
HIS HA   H N N 204 
HIS HB2  H N N 205 
HIS HB3  H N N 206 
HIS HD1  H N N 207 
HIS HD2  H N N 208 
HIS HE1  H N N 209 
HIS HE2  H N N 210 
HIS HXT  H N N 211 
HOH O    O N N 212 
HOH H1   H N N 213 
HOH H2   H N N 214 
ILE N    N N N 215 
ILE CA   C N S 216 
ILE C    C N N 217 
ILE O    O N N 218 
ILE CB   C N S 219 
ILE CG1  C N N 220 
ILE CG2  C N N 221 
ILE CD1  C N N 222 
ILE OXT  O N N 223 
ILE H    H N N 224 
ILE H2   H N N 225 
ILE HA   H N N 226 
ILE HB   H N N 227 
ILE HG12 H N N 228 
ILE HG13 H N N 229 
ILE HG21 H N N 230 
ILE HG22 H N N 231 
ILE HG23 H N N 232 
ILE HD11 H N N 233 
ILE HD12 H N N 234 
ILE HD13 H N N 235 
ILE HXT  H N N 236 
LEU N    N N N 237 
LEU CA   C N S 238 
LEU C    C N N 239 
LEU O    O N N 240 
LEU CB   C N N 241 
LEU CG   C N N 242 
LEU CD1  C N N 243 
LEU CD2  C N N 244 
LEU OXT  O N N 245 
LEU H    H N N 246 
LEU H2   H N N 247 
LEU HA   H N N 248 
LEU HB2  H N N 249 
LEU HB3  H N N 250 
LEU HG   H N N 251 
LEU HD11 H N N 252 
LEU HD12 H N N 253 
LEU HD13 H N N 254 
LEU HD21 H N N 255 
LEU HD22 H N N 256 
LEU HD23 H N N 257 
LEU HXT  H N N 258 
LYS N    N N N 259 
LYS CA   C N S 260 
LYS C    C N N 261 
LYS O    O N N 262 
LYS CB   C N N 263 
LYS CG   C N N 264 
LYS CD   C N N 265 
LYS CE   C N N 266 
LYS NZ   N N N 267 
LYS OXT  O N N 268 
LYS H    H N N 269 
LYS H2   H N N 270 
LYS HA   H N N 271 
LYS HB2  H N N 272 
LYS HB3  H N N 273 
LYS HG2  H N N 274 
LYS HG3  H N N 275 
LYS HD2  H N N 276 
LYS HD3  H N N 277 
LYS HE2  H N N 278 
LYS HE3  H N N 279 
LYS HZ1  H N N 280 
LYS HZ2  H N N 281 
LYS HZ3  H N N 282 
LYS HXT  H N N 283 
MET N    N N N 284 
MET CA   C N S 285 
MET C    C N N 286 
MET O    O N N 287 
MET CB   C N N 288 
MET CG   C N N 289 
MET SD   S N N 290 
MET CE   C N N 291 
MET OXT  O N N 292 
MET H    H N N 293 
MET H2   H N N 294 
MET HA   H N N 295 
MET HB2  H N N 296 
MET HB3  H N N 297 
MET HG2  H N N 298 
MET HG3  H N N 299 
MET HE1  H N N 300 
MET HE2  H N N 301 
MET HE3  H N N 302 
MET HXT  H N N 303 
PHE N    N N N 304 
PHE CA   C N S 305 
PHE C    C N N 306 
PHE O    O N N 307 
PHE CB   C N N 308 
PHE CG   C Y N 309 
PHE CD1  C Y N 310 
PHE CD2  C Y N 311 
PHE CE1  C Y N 312 
PHE CE2  C Y N 313 
PHE CZ   C Y N 314 
PHE OXT  O N N 315 
PHE H    H N N 316 
PHE H2   H N N 317 
PHE HA   H N N 318 
PHE HB2  H N N 319 
PHE HB3  H N N 320 
PHE HD1  H N N 321 
PHE HD2  H N N 322 
PHE HE1  H N N 323 
PHE HE2  H N N 324 
PHE HZ   H N N 325 
PHE HXT  H N N 326 
PRO N    N N N 327 
PRO CA   C N S 328 
PRO C    C N N 329 
PRO O    O N N 330 
PRO CB   C N N 331 
PRO CG   C N N 332 
PRO CD   C N N 333 
PRO OXT  O N N 334 
PRO H    H N N 335 
PRO HA   H N N 336 
PRO HB2  H N N 337 
PRO HB3  H N N 338 
PRO HG2  H N N 339 
PRO HG3  H N N 340 
PRO HD2  H N N 341 
PRO HD3  H N N 342 
PRO HXT  H N N 343 
SER N    N N N 344 
SER CA   C N S 345 
SER C    C N N 346 
SER O    O N N 347 
SER CB   C N N 348 
SER OG   O N N 349 
SER OXT  O N N 350 
SER H    H N N 351 
SER H2   H N N 352 
SER HA   H N N 353 
SER HB2  H N N 354 
SER HB3  H N N 355 
SER HG   H N N 356 
SER HXT  H N N 357 
THR N    N N N 358 
THR CA   C N S 359 
THR C    C N N 360 
THR O    O N N 361 
THR CB   C N R 362 
THR OG1  O N N 363 
THR CG2  C N N 364 
THR OXT  O N N 365 
THR H    H N N 366 
THR H2   H N N 367 
THR HA   H N N 368 
THR HB   H N N 369 
THR HG1  H N N 370 
THR HG21 H N N 371 
THR HG22 H N N 372 
THR HG23 H N N 373 
THR HXT  H N N 374 
TRP N    N N N 375 
TRP CA   C N S 376 
TRP C    C N N 377 
TRP O    O N N 378 
TRP CB   C N N 379 
TRP CG   C Y N 380 
TRP CD1  C Y N 381 
TRP CD2  C Y N 382 
TRP NE1  N Y N 383 
TRP CE2  C Y N 384 
TRP CE3  C Y N 385 
TRP CZ2  C Y N 386 
TRP CZ3  C Y N 387 
TRP CH2  C Y N 388 
TRP OXT  O N N 389 
TRP H    H N N 390 
TRP H2   H N N 391 
TRP HA   H N N 392 
TRP HB2  H N N 393 
TRP HB3  H N N 394 
TRP HD1  H N N 395 
TRP HE1  H N N 396 
TRP HE3  H N N 397 
TRP HZ2  H N N 398 
TRP HZ3  H N N 399 
TRP HH2  H N N 400 
TRP HXT  H N N 401 
TYR N    N N N 402 
TYR CA   C N S 403 
TYR C    C N N 404 
TYR O    O N N 405 
TYR CB   C N N 406 
TYR CG   C Y N 407 
TYR CD1  C Y N 408 
TYR CD2  C Y N 409 
TYR CE1  C Y N 410 
TYR CE2  C Y N 411 
TYR CZ   C Y N 412 
TYR OH   O N N 413 
TYR OXT  O N N 414 
TYR H    H N N 415 
TYR H2   H N N 416 
TYR HA   H N N 417 
TYR HB2  H N N 418 
TYR HB3  H N N 419 
TYR HD1  H N N 420 
TYR HD2  H N N 421 
TYR HE1  H N N 422 
TYR HE2  H N N 423 
TYR HH   H N N 424 
TYR HXT  H N N 425 
VAL N    N N N 426 
VAL CA   C N S 427 
VAL C    C N N 428 
VAL O    O N N 429 
VAL CB   C N N 430 
VAL CG1  C N N 431 
VAL CG2  C N N 432 
VAL OXT  O N N 433 
VAL H    H N N 434 
VAL H2   H N N 435 
VAL HA   H N N 436 
VAL HB   H N N 437 
VAL HG11 H N N 438 
VAL HG12 H N N 439 
VAL HG13 H N N 440 
VAL HG21 H N N 441 
VAL HG22 H N N 442 
VAL HG23 H N N 443 
VAL HXT  H N N 444 
# 
loop_
_chem_comp_bond.comp_id 
_chem_comp_bond.atom_id_1 
_chem_comp_bond.atom_id_2 
_chem_comp_bond.value_order 
_chem_comp_bond.pdbx_aromatic_flag 
_chem_comp_bond.pdbx_stereo_config 
_chem_comp_bond.pdbx_ordinal 
3H0 CAC CAB  doub Y N 1   
3H0 CAC CAE  sing Y N 2   
3H0 CAB CAD  sing Y N 3   
3H0 CAE CAI  doub Y N 4   
3H0 CAD CAF  doub Y N 5   
3H0 CAI CAF  sing Y N 6   
3H0 CAI CAH  sing N N 7   
3H0 CAH CAG  sing N N 8   
3H0 CAG CAA  sing N N 9   
3H0 CAA H1   sing N N 10  
3H0 CAA H2   sing N N 11  
3H0 CAA H3   sing N N 12  
3H0 CAG H4   sing N N 13  
3H0 CAG H5   sing N N 14  
3H0 CAH H6   sing N N 15  
3H0 CAH H7   sing N N 16  
3H0 CAE H8   sing N N 17  
3H0 CAC H9   sing N N 18  
3H0 CAB H10  sing N N 19  
3H0 CAD H11  sing N N 20  
3H0 CAF H12  sing N N 21  
ALA N   CA   sing N N 22  
ALA N   H    sing N N 23  
ALA N   H2   sing N N 24  
ALA CA  C    sing N N 25  
ALA CA  CB   sing N N 26  
ALA CA  HA   sing N N 27  
ALA C   O    doub N N 28  
ALA C   OXT  sing N N 29  
ALA CB  HB1  sing N N 30  
ALA CB  HB2  sing N N 31  
ALA CB  HB3  sing N N 32  
ALA OXT HXT  sing N N 33  
ARG N   CA   sing N N 34  
ARG N   H    sing N N 35  
ARG N   H2   sing N N 36  
ARG CA  C    sing N N 37  
ARG CA  CB   sing N N 38  
ARG CA  HA   sing N N 39  
ARG C   O    doub N N 40  
ARG C   OXT  sing N N 41  
ARG CB  CG   sing N N 42  
ARG CB  HB2  sing N N 43  
ARG CB  HB3  sing N N 44  
ARG CG  CD   sing N N 45  
ARG CG  HG2  sing N N 46  
ARG CG  HG3  sing N N 47  
ARG CD  NE   sing N N 48  
ARG CD  HD2  sing N N 49  
ARG CD  HD3  sing N N 50  
ARG NE  CZ   sing N N 51  
ARG NE  HE   sing N N 52  
ARG CZ  NH1  sing N N 53  
ARG CZ  NH2  doub N N 54  
ARG NH1 HH11 sing N N 55  
ARG NH1 HH12 sing N N 56  
ARG NH2 HH21 sing N N 57  
ARG NH2 HH22 sing N N 58  
ARG OXT HXT  sing N N 59  
ASN N   CA   sing N N 60  
ASN N   H    sing N N 61  
ASN N   H2   sing N N 62  
ASN CA  C    sing N N 63  
ASN CA  CB   sing N N 64  
ASN CA  HA   sing N N 65  
ASN C   O    doub N N 66  
ASN C   OXT  sing N N 67  
ASN CB  CG   sing N N 68  
ASN CB  HB2  sing N N 69  
ASN CB  HB3  sing N N 70  
ASN CG  OD1  doub N N 71  
ASN CG  ND2  sing N N 72  
ASN ND2 HD21 sing N N 73  
ASN ND2 HD22 sing N N 74  
ASN OXT HXT  sing N N 75  
ASP N   CA   sing N N 76  
ASP N   H    sing N N 77  
ASP N   H2   sing N N 78  
ASP CA  C    sing N N 79  
ASP CA  CB   sing N N 80  
ASP CA  HA   sing N N 81  
ASP C   O    doub N N 82  
ASP C   OXT  sing N N 83  
ASP CB  CG   sing N N 84  
ASP CB  HB2  sing N N 85  
ASP CB  HB3  sing N N 86  
ASP CG  OD1  doub N N 87  
ASP CG  OD2  sing N N 88  
ASP OD2 HD2  sing N N 89  
ASP OXT HXT  sing N N 90  
CYS N   CA   sing N N 91  
CYS N   H    sing N N 92  
CYS N   H2   sing N N 93  
CYS CA  C    sing N N 94  
CYS CA  CB   sing N N 95  
CYS CA  HA   sing N N 96  
CYS C   O    doub N N 97  
CYS C   OXT  sing N N 98  
CYS CB  SG   sing N N 99  
CYS CB  HB2  sing N N 100 
CYS CB  HB3  sing N N 101 
CYS SG  HG   sing N N 102 
CYS OXT HXT  sing N N 103 
EPE N1  C2   sing N N 104 
EPE N1  C6   sing N N 105 
EPE N1  C9   sing N N 106 
EPE C2  C3   sing N N 107 
EPE C2  H21  sing N N 108 
EPE C2  H22  sing N N 109 
EPE C3  N4   sing N N 110 
EPE C3  H31  sing N N 111 
EPE C3  H32  sing N N 112 
EPE N4  C5   sing N N 113 
EPE N4  C7   sing N N 114 
EPE C5  C6   sing N N 115 
EPE C5  H51  sing N N 116 
EPE C5  H52  sing N N 117 
EPE C6  H61  sing N N 118 
EPE C6  H62  sing N N 119 
EPE C7  C8   sing N N 120 
EPE C7  H71  sing N N 121 
EPE C7  H72  sing N N 122 
EPE C8  O8   sing N N 123 
EPE C8  H81  sing N N 124 
EPE C8  H82  sing N N 125 
EPE O8  HO8  sing N N 126 
EPE C9  C10  sing N N 127 
EPE C9  H91  sing N N 128 
EPE C9  H92  sing N N 129 
EPE C10 S    sing N N 130 
EPE C10 H101 sing N N 131 
EPE C10 H102 sing N N 132 
EPE S   O1S  doub N N 133 
EPE S   O2S  doub N N 134 
EPE S   O3S  sing N N 135 
EPE O3S HOS3 sing N N 136 
GLN N   CA   sing N N 137 
GLN N   H    sing N N 138 
GLN N   H2   sing N N 139 
GLN CA  C    sing N N 140 
GLN CA  CB   sing N N 141 
GLN CA  HA   sing N N 142 
GLN C   O    doub N N 143 
GLN C   OXT  sing N N 144 
GLN CB  CG   sing N N 145 
GLN CB  HB2  sing N N 146 
GLN CB  HB3  sing N N 147 
GLN CG  CD   sing N N 148 
GLN CG  HG2  sing N N 149 
GLN CG  HG3  sing N N 150 
GLN CD  OE1  doub N N 151 
GLN CD  NE2  sing N N 152 
GLN NE2 HE21 sing N N 153 
GLN NE2 HE22 sing N N 154 
GLN OXT HXT  sing N N 155 
GLU N   CA   sing N N 156 
GLU N   H    sing N N 157 
GLU N   H2   sing N N 158 
GLU CA  C    sing N N 159 
GLU CA  CB   sing N N 160 
GLU CA  HA   sing N N 161 
GLU C   O    doub N N 162 
GLU C   OXT  sing N N 163 
GLU CB  CG   sing N N 164 
GLU CB  HB2  sing N N 165 
GLU CB  HB3  sing N N 166 
GLU CG  CD   sing N N 167 
GLU CG  HG2  sing N N 168 
GLU CG  HG3  sing N N 169 
GLU CD  OE1  doub N N 170 
GLU CD  OE2  sing N N 171 
GLU OE2 HE2  sing N N 172 
GLU OXT HXT  sing N N 173 
GLY N   CA   sing N N 174 
GLY N   H    sing N N 175 
GLY N   H2   sing N N 176 
GLY CA  C    sing N N 177 
GLY CA  HA2  sing N N 178 
GLY CA  HA3  sing N N 179 
GLY C   O    doub N N 180 
GLY C   OXT  sing N N 181 
GLY OXT HXT  sing N N 182 
HIS N   CA   sing N N 183 
HIS N   H    sing N N 184 
HIS N   H2   sing N N 185 
HIS CA  C    sing N N 186 
HIS CA  CB   sing N N 187 
HIS CA  HA   sing N N 188 
HIS C   O    doub N N 189 
HIS C   OXT  sing N N 190 
HIS CB  CG   sing N N 191 
HIS CB  HB2  sing N N 192 
HIS CB  HB3  sing N N 193 
HIS CG  ND1  sing Y N 194 
HIS CG  CD2  doub Y N 195 
HIS ND1 CE1  doub Y N 196 
HIS ND1 HD1  sing N N 197 
HIS CD2 NE2  sing Y N 198 
HIS CD2 HD2  sing N N 199 
HIS CE1 NE2  sing Y N 200 
HIS CE1 HE1  sing N N 201 
HIS NE2 HE2  sing N N 202 
HIS OXT HXT  sing N N 203 
HOH O   H1   sing N N 204 
HOH O   H2   sing N N 205 
ILE N   CA   sing N N 206 
ILE N   H    sing N N 207 
ILE N   H2   sing N N 208 
ILE CA  C    sing N N 209 
ILE CA  CB   sing N N 210 
ILE CA  HA   sing N N 211 
ILE C   O    doub N N 212 
ILE C   OXT  sing N N 213 
ILE CB  CG1  sing N N 214 
ILE CB  CG2  sing N N 215 
ILE CB  HB   sing N N 216 
ILE CG1 CD1  sing N N 217 
ILE CG1 HG12 sing N N 218 
ILE CG1 HG13 sing N N 219 
ILE CG2 HG21 sing N N 220 
ILE CG2 HG22 sing N N 221 
ILE CG2 HG23 sing N N 222 
ILE CD1 HD11 sing N N 223 
ILE CD1 HD12 sing N N 224 
ILE CD1 HD13 sing N N 225 
ILE OXT HXT  sing N N 226 
LEU N   CA   sing N N 227 
LEU N   H    sing N N 228 
LEU N   H2   sing N N 229 
LEU CA  C    sing N N 230 
LEU CA  CB   sing N N 231 
LEU CA  HA   sing N N 232 
LEU C   O    doub N N 233 
LEU C   OXT  sing N N 234 
LEU CB  CG   sing N N 235 
LEU CB  HB2  sing N N 236 
LEU CB  HB3  sing N N 237 
LEU CG  CD1  sing N N 238 
LEU CG  CD2  sing N N 239 
LEU CG  HG   sing N N 240 
LEU CD1 HD11 sing N N 241 
LEU CD1 HD12 sing N N 242 
LEU CD1 HD13 sing N N 243 
LEU CD2 HD21 sing N N 244 
LEU CD2 HD22 sing N N 245 
LEU CD2 HD23 sing N N 246 
LEU OXT HXT  sing N N 247 
LYS N   CA   sing N N 248 
LYS N   H    sing N N 249 
LYS N   H2   sing N N 250 
LYS CA  C    sing N N 251 
LYS CA  CB   sing N N 252 
LYS CA  HA   sing N N 253 
LYS C   O    doub N N 254 
LYS C   OXT  sing N N 255 
LYS CB  CG   sing N N 256 
LYS CB  HB2  sing N N 257 
LYS CB  HB3  sing N N 258 
LYS CG  CD   sing N N 259 
LYS CG  HG2  sing N N 260 
LYS CG  HG3  sing N N 261 
LYS CD  CE   sing N N 262 
LYS CD  HD2  sing N N 263 
LYS CD  HD3  sing N N 264 
LYS CE  NZ   sing N N 265 
LYS CE  HE2  sing N N 266 
LYS CE  HE3  sing N N 267 
LYS NZ  HZ1  sing N N 268 
LYS NZ  HZ2  sing N N 269 
LYS NZ  HZ3  sing N N 270 
LYS OXT HXT  sing N N 271 
MET N   CA   sing N N 272 
MET N   H    sing N N 273 
MET N   H2   sing N N 274 
MET CA  C    sing N N 275 
MET CA  CB   sing N N 276 
MET CA  HA   sing N N 277 
MET C   O    doub N N 278 
MET C   OXT  sing N N 279 
MET CB  CG   sing N N 280 
MET CB  HB2  sing N N 281 
MET CB  HB3  sing N N 282 
MET CG  SD   sing N N 283 
MET CG  HG2  sing N N 284 
MET CG  HG3  sing N N 285 
MET SD  CE   sing N N 286 
MET CE  HE1  sing N N 287 
MET CE  HE2  sing N N 288 
MET CE  HE3  sing N N 289 
MET OXT HXT  sing N N 290 
PHE N   CA   sing N N 291 
PHE N   H    sing N N 292 
PHE N   H2   sing N N 293 
PHE CA  C    sing N N 294 
PHE CA  CB   sing N N 295 
PHE CA  HA   sing N N 296 
PHE C   O    doub N N 297 
PHE C   OXT  sing N N 298 
PHE CB  CG   sing N N 299 
PHE CB  HB2  sing N N 300 
PHE CB  HB3  sing N N 301 
PHE CG  CD1  doub Y N 302 
PHE CG  CD2  sing Y N 303 
PHE CD1 CE1  sing Y N 304 
PHE CD1 HD1  sing N N 305 
PHE CD2 CE2  doub Y N 306 
PHE CD2 HD2  sing N N 307 
PHE CE1 CZ   doub Y N 308 
PHE CE1 HE1  sing N N 309 
PHE CE2 CZ   sing Y N 310 
PHE CE2 HE2  sing N N 311 
PHE CZ  HZ   sing N N 312 
PHE OXT HXT  sing N N 313 
PRO N   CA   sing N N 314 
PRO N   CD   sing N N 315 
PRO N   H    sing N N 316 
PRO CA  C    sing N N 317 
PRO CA  CB   sing N N 318 
PRO CA  HA   sing N N 319 
PRO C   O    doub N N 320 
PRO C   OXT  sing N N 321 
PRO CB  CG   sing N N 322 
PRO CB  HB2  sing N N 323 
PRO CB  HB3  sing N N 324 
PRO CG  CD   sing N N 325 
PRO CG  HG2  sing N N 326 
PRO CG  HG3  sing N N 327 
PRO CD  HD2  sing N N 328 
PRO CD  HD3  sing N N 329 
PRO OXT HXT  sing N N 330 
SER N   CA   sing N N 331 
SER N   H    sing N N 332 
SER N   H2   sing N N 333 
SER CA  C    sing N N 334 
SER CA  CB   sing N N 335 
SER CA  HA   sing N N 336 
SER C   O    doub N N 337 
SER C   OXT  sing N N 338 
SER CB  OG   sing N N 339 
SER CB  HB2  sing N N 340 
SER CB  HB3  sing N N 341 
SER OG  HG   sing N N 342 
SER OXT HXT  sing N N 343 
THR N   CA   sing N N 344 
THR N   H    sing N N 345 
THR N   H2   sing N N 346 
THR CA  C    sing N N 347 
THR CA  CB   sing N N 348 
THR CA  HA   sing N N 349 
THR C   O    doub N N 350 
THR C   OXT  sing N N 351 
THR CB  OG1  sing N N 352 
THR CB  CG2  sing N N 353 
THR CB  HB   sing N N 354 
THR OG1 HG1  sing N N 355 
THR CG2 HG21 sing N N 356 
THR CG2 HG22 sing N N 357 
THR CG2 HG23 sing N N 358 
THR OXT HXT  sing N N 359 
TRP N   CA   sing N N 360 
TRP N   H    sing N N 361 
TRP N   H2   sing N N 362 
TRP CA  C    sing N N 363 
TRP CA  CB   sing N N 364 
TRP CA  HA   sing N N 365 
TRP C   O    doub N N 366 
TRP C   OXT  sing N N 367 
TRP CB  CG   sing N N 368 
TRP CB  HB2  sing N N 369 
TRP CB  HB3  sing N N 370 
TRP CG  CD1  doub Y N 371 
TRP CG  CD2  sing Y N 372 
TRP CD1 NE1  sing Y N 373 
TRP CD1 HD1  sing N N 374 
TRP CD2 CE2  doub Y N 375 
TRP CD2 CE3  sing Y N 376 
TRP NE1 CE2  sing Y N 377 
TRP NE1 HE1  sing N N 378 
TRP CE2 CZ2  sing Y N 379 
TRP CE3 CZ3  doub Y N 380 
TRP CE3 HE3  sing N N 381 
TRP CZ2 CH2  doub Y N 382 
TRP CZ2 HZ2  sing N N 383 
TRP CZ3 CH2  sing Y N 384 
TRP CZ3 HZ3  sing N N 385 
TRP CH2 HH2  sing N N 386 
TRP OXT HXT  sing N N 387 
TYR N   CA   sing N N 388 
TYR N   H    sing N N 389 
TYR N   H2   sing N N 390 
TYR CA  C    sing N N 391 
TYR CA  CB   sing N N 392 
TYR CA  HA   sing N N 393 
TYR C   O    doub N N 394 
TYR C   OXT  sing N N 395 
TYR CB  CG   sing N N 396 
TYR CB  HB2  sing N N 397 
TYR CB  HB3  sing N N 398 
TYR CG  CD1  doub Y N 399 
TYR CG  CD2  sing Y N 400 
TYR CD1 CE1  sing Y N 401 
TYR CD1 HD1  sing N N 402 
TYR CD2 CE2  doub Y N 403 
TYR CD2 HD2  sing N N 404 
TYR CE1 CZ   doub Y N 405 
TYR CE1 HE1  sing N N 406 
TYR CE2 CZ   sing Y N 407 
TYR CE2 HE2  sing N N 408 
TYR CZ  OH   sing N N 409 
TYR OH  HH   sing N N 410 
TYR OXT HXT  sing N N 411 
VAL N   CA   sing N N 412 
VAL N   H    sing N N 413 
VAL N   H2   sing N N 414 
VAL CA  C    sing N N 415 
VAL CA  CB   sing N N 416 
VAL CA  HA   sing N N 417 
VAL C   O    doub N N 418 
VAL C   OXT  sing N N 419 
VAL CB  CG1  sing N N 420 
VAL CB  CG2  sing N N 421 
VAL CB  HB   sing N N 422 
VAL CG1 HG11 sing N N 423 
VAL CG1 HG12 sing N N 424 
VAL CG1 HG13 sing N N 425 
VAL CG2 HG21 sing N N 426 
VAL CG2 HG22 sing N N 427 
VAL CG2 HG23 sing N N 428 
VAL OXT HXT  sing N N 429 
# 
_pdbx_audit_support.funding_organization   
'National Institutes of Health/National Institute of General Medical Sciences (NIH/NIGMS)' 
_pdbx_audit_support.country                'United States' 
_pdbx_audit_support.grant_number           GM59957 
_pdbx_audit_support.ordinal                1 
# 
loop_
_pdbx_entity_nonpoly.entity_id 
_pdbx_entity_nonpoly.name 
_pdbx_entity_nonpoly.comp_id 
2 propylbenzene                                         3H0 
3 '4-(2-HYDROXYETHYL)-1-PIPERAZINE ETHANESULFONIC ACID' EPE 
4 water                                                 HOH 
# 
_pdbx_initial_refinement_model.id               1 
_pdbx_initial_refinement_model.entity_id_list   ? 
_pdbx_initial_refinement_model.type             'experimental model' 
_pdbx_initial_refinement_model.source_name      PDB 
_pdbx_initial_refinement_model.accession_code   181L 
_pdbx_initial_refinement_model.details          ? 
# 
